data_6M9S
#
_entry.id   6M9S
#
_cell.length_a   61.510
_cell.length_b   109.460
_cell.length_c   365.980
_cell.angle_alpha   90.00
_cell.angle_beta   90.00
_cell.angle_gamma   90.00
#
_symmetry.space_group_name_H-M   'P 21 21 21'
#
loop_
_entity.id
_entity.type
_entity.pdbx_description
1 polymer SznF
2 non-polymer 'FE (III) ION'
3 non-polymer GLYCEROL
4 non-polymer 'SULFATE ION'
5 non-polymer 'ISOPROPYL ALCOHOL'
6 water water
#
_entity_poly.entity_id   1
_entity_poly.type   'polypeptide(L)'
_entity_poly.pdbx_seq_one_letter_code
;(MSE)HHHHHHSSGLVPRGSH(MSE)SHVPPHVPFELSGAELRDAIVQYATNPIYHDNLDWLNHDNPYRRQLRPQVLPHL
DYDKVPGRENILNYASLAVQRLLTSVYEADLVFFPKSGLKGKEEDFRAFYSPANRALGERIRPALERYAFGFLDDEVETS
GTWTAQSLDAYLDSLDTAGGAEQSPVEKAILGSADRERAAR(MSE)WLVQFAPDFLSEASP(MSE)(MSE)RNVLGYYGP
AQSEWFKVVIDEYGYGVHDTKHSTLFERTLESVGLESDLHRYWQYYLNSSLLLNNYFHYLGKNHELFFRYVGALYYTESS
LVDFCRRADHLLREVFGDTVDTTYFTEHIHIDQHHGR(MSE)AREKIIKPLVEAHGDGIIPEIVRGIEEYRVLLEIGDFD
FSEQIAW(MSE)DAQPELKKLHDPVFEGLKQGKVDAPVAHLVEPRGELSNTHCHDGDELCHIVSGT(MSE)RFESGLGSS
LTLQAGEGVVIKRNRLHGANIESDECVYEIHSVGDYRKCL
;
_entity_poly.pdbx_strand_id   A,B,C,D
#
loop_
_chem_comp.id
_chem_comp.type
_chem_comp.name
_chem_comp.formula
FE non-polymer 'FE (III) ION' 'Fe 3'
GOL non-polymer GLYCEROL 'C3 H8 O3'
IPA non-polymer 'ISOPROPYL ALCOHOL' 'C3 H8 O'
SO4 non-polymer 'SULFATE ION' 'O4 S -2'
#
# COMPACT_ATOMS: atom_id res chain seq x y z
N HIS A 20 33.70 -22.12 -4.94
CA HIS A 20 32.36 -21.48 -4.83
C HIS A 20 31.75 -21.73 -3.43
N VAL A 21 30.60 -21.10 -3.23
CA VAL A 21 29.87 -21.09 -1.98
C VAL A 21 29.27 -22.47 -1.76
N PRO A 22 29.54 -23.11 -0.59
CA PRO A 22 28.91 -24.40 -0.37
C PRO A 22 27.39 -24.26 -0.28
N PRO A 23 26.66 -25.35 -0.53
CA PRO A 23 25.21 -25.26 -0.37
C PRO A 23 24.80 -24.93 1.07
N HIS A 24 23.70 -24.20 1.21
CA HIS A 24 23.13 -23.87 2.51
C HIS A 24 22.24 -25.01 2.99
N VAL A 25 22.62 -25.63 4.11
CA VAL A 25 21.78 -26.60 4.78
C VAL A 25 20.79 -25.84 5.66
N PRO A 26 19.47 -25.93 5.39
CA PRO A 26 18.54 -25.16 6.21
C PRO A 26 18.59 -25.58 7.68
N PHE A 27 18.44 -24.62 8.58
CA PHE A 27 18.35 -24.89 10.02
C PHE A 27 17.20 -25.87 10.26
N GLU A 28 17.49 -26.96 10.95
CA GLU A 28 16.49 -28.00 11.21
C GLU A 28 16.78 -28.64 12.57
N LEU A 29 15.76 -28.68 13.42
CA LEU A 29 15.84 -29.32 14.73
C LEU A 29 14.45 -29.82 15.13
N SER A 30 14.29 -31.15 15.21
CA SER A 30 12.99 -31.77 15.44
C SER A 30 13.16 -33.16 16.04
N GLY A 31 12.04 -33.79 16.37
CA GLY A 31 12.03 -35.19 16.82
C GLY A 31 12.87 -35.41 18.05
N ALA A 32 13.59 -36.51 18.09
CA ALA A 32 14.44 -36.86 19.22
C ALA A 32 15.60 -35.88 19.42
N GLU A 33 16.15 -35.35 18.33
CA GLU A 33 17.24 -34.39 18.43
C GLU A 33 16.80 -33.11 19.15
N LEU A 34 15.60 -32.62 18.83
CA LEU A 34 15.02 -31.48 19.52
C LEU A 34 14.77 -31.79 21.01
N ARG A 35 14.18 -32.94 21.31
CA ARG A 35 13.96 -33.36 22.69
C ARG A 35 15.26 -33.35 23.47
N ASP A 36 16.30 -33.95 22.90
CA ASP A 36 17.63 -33.99 23.53
C ASP A 36 18.21 -32.59 23.75
N ALA A 37 18.01 -31.70 22.78
CA ALA A 37 18.49 -30.32 22.88
C ALA A 37 17.77 -29.53 23.97
N ILE A 38 16.47 -29.77 24.11
CA ILE A 38 15.68 -29.13 25.17
C ILE A 38 16.13 -29.62 26.54
N VAL A 39 16.29 -30.94 26.67
CA VAL A 39 16.76 -31.57 27.91
C VAL A 39 18.19 -31.07 28.25
N GLN A 40 19.03 -30.95 27.24
CA GLN A 40 20.38 -30.44 27.42
C GLN A 40 20.38 -29.03 28.04
N TYR A 41 19.57 -28.13 27.50
CA TYR A 41 19.42 -26.79 28.07
C TYR A 41 18.94 -26.85 29.54
N ALA A 42 17.87 -27.61 29.76
CA ALA A 42 17.16 -27.59 31.03
C ALA A 42 17.79 -28.41 32.16
N THR A 43 18.82 -29.19 31.85
CA THR A 43 19.55 -29.97 32.87
C THR A 43 20.74 -29.22 33.49
N ASN A 44 20.93 -27.95 33.13
CA ASN A 44 21.75 -27.02 33.90
C ASN A 44 21.23 -27.05 35.37
N PRO A 45 22.12 -27.31 36.36
CA PRO A 45 21.64 -27.53 37.74
C PRO A 45 20.79 -26.41 38.34
N ILE A 46 20.97 -25.17 37.87
CA ILE A 46 20.14 -24.04 38.33
C ILE A 46 18.63 -24.18 38.02
N TYR A 47 18.27 -25.14 37.16
CA TYR A 47 16.86 -25.39 36.82
C TYR A 47 16.23 -26.61 37.53
N HIS A 48 16.97 -27.23 38.45
CA HIS A 48 16.46 -28.40 39.19
C HIS A 48 15.34 -27.99 40.14
N ASP A 49 14.53 -28.97 40.51
CA ASP A 49 13.45 -28.76 41.49
C ASP A 49 13.98 -28.08 42.75
N ASN A 50 13.19 -27.12 43.24
CA ASN A 50 13.46 -26.45 44.49
C ASN A 50 12.98 -27.34 45.65
N LEU A 51 13.74 -27.34 46.75
CA LEU A 51 13.36 -28.05 47.97
C LEU A 51 12.31 -27.29 48.77
N ASP A 52 12.14 -26.00 48.48
CA ASP A 52 11.11 -25.15 49.09
C ASP A 52 10.13 -24.63 48.01
N TRP A 53 9.04 -24.02 48.48
CA TRP A 53 8.04 -23.42 47.62
C TRP A 53 8.49 -22.11 46.96
N LEU A 54 9.50 -21.46 47.55
CA LEU A 54 9.92 -20.13 47.16
C LEU A 54 11.41 -20.11 46.85
N ASN A 55 11.80 -19.27 45.90
CA ASN A 55 13.21 -18.96 45.66
C ASN A 55 13.63 -17.86 46.62
N HIS A 56 14.76 -18.04 47.29
CA HIS A 56 15.17 -17.14 48.35
C HIS A 56 16.22 -16.16 47.87
N ASP A 57 15.74 -15.07 47.27
CA ASP A 57 16.58 -14.03 46.71
C ASP A 57 17.71 -14.58 45.84
N ASN A 58 17.33 -15.41 44.88
CA ASN A 58 18.26 -15.95 43.90
C ASN A 58 17.59 -15.86 42.52
N PRO A 59 17.92 -14.82 41.74
CA PRO A 59 17.29 -14.62 40.45
C PRO A 59 17.83 -15.51 39.34
N TYR A 60 18.76 -16.41 39.66
CA TYR A 60 19.36 -17.32 38.68
C TYR A 60 18.72 -18.70 38.68
N ARG A 61 17.84 -18.97 39.63
CA ARG A 61 17.25 -20.28 39.77
C ARG A 61 15.79 -20.22 39.34
N ARG A 62 15.45 -21.05 38.37
N ARG A 62 15.44 -21.04 38.37
CA ARG A 62 14.09 -21.12 37.83
CA ARG A 62 14.09 -21.12 37.83
C ARG A 62 13.77 -22.59 37.66
C ARG A 62 13.77 -22.59 37.66
N GLN A 63 12.62 -23.01 38.16
CA GLN A 63 12.29 -24.43 38.19
C GLN A 63 11.64 -24.85 36.87
N LEU A 64 12.35 -25.67 36.10
CA LEU A 64 11.90 -26.14 34.80
C LEU A 64 11.47 -27.61 34.78
N ARG A 65 11.51 -28.27 35.93
CA ARG A 65 11.15 -29.69 36.07
C ARG A 65 11.71 -30.54 34.92
N PRO A 66 13.06 -30.57 34.78
CA PRO A 66 13.68 -31.20 33.63
C PRO A 66 13.42 -32.71 33.51
N GLN A 67 13.17 -33.37 34.64
CA GLN A 67 12.84 -34.80 34.65
C GLN A 67 11.65 -35.18 33.75
N VAL A 68 10.72 -34.25 33.51
CA VAL A 68 9.55 -34.52 32.67
C VAL A 68 9.82 -34.24 31.19
N LEU A 69 10.79 -33.38 30.90
CA LEU A 69 11.01 -32.89 29.53
C LEU A 69 11.33 -33.95 28.46
N PRO A 70 11.97 -35.08 28.83
CA PRO A 70 12.17 -36.14 27.83
C PRO A 70 10.89 -36.80 27.32
N HIS A 71 9.78 -36.64 28.02
CA HIS A 71 8.54 -37.36 27.73
C HIS A 71 7.46 -36.52 27.05
N LEU A 72 7.81 -35.32 26.60
CA LEU A 72 6.86 -34.43 25.93
C LEU A 72 7.11 -34.43 24.44
N ASP A 73 6.05 -34.20 23.68
CA ASP A 73 6.13 -34.18 22.22
C ASP A 73 6.13 -32.73 21.73
N TYR A 74 7.32 -32.21 21.45
CA TYR A 74 7.48 -30.83 21.03
C TYR A 74 7.13 -30.56 19.57
N ASP A 75 6.95 -31.61 18.77
CA ASP A 75 6.61 -31.47 17.35
C ASP A 75 5.11 -31.27 17.10
N LYS A 76 4.28 -31.83 17.97
CA LYS A 76 2.83 -31.64 17.88
C LYS A 76 2.40 -30.32 18.51
N VAL A 77 2.30 -29.28 17.70
CA VAL A 77 1.96 -27.94 18.18
C VAL A 77 0.48 -27.89 18.62
N PRO A 78 0.20 -27.47 19.86
CA PRO A 78 -1.18 -27.48 20.34
C PRO A 78 -2.01 -26.31 19.82
N GLY A 79 -3.31 -26.56 19.65
CA GLY A 79 -4.28 -25.51 19.35
C GLY A 79 -4.72 -24.87 20.65
N ARG A 80 -5.55 -23.83 20.54
CA ARG A 80 -5.98 -23.06 21.71
C ARG A 80 -6.64 -23.88 22.81
N GLU A 81 -7.38 -24.92 22.42
CA GLU A 81 -8.09 -25.77 23.37
C GLU A 81 -7.14 -26.51 24.32
N ASN A 82 -5.91 -26.77 23.90
CA ASN A 82 -4.92 -27.50 24.71
C ASN A 82 -3.76 -26.65 25.22
N ILE A 83 -3.95 -25.34 25.21
CA ILE A 83 -2.86 -24.40 25.50
C ILE A 83 -2.57 -24.23 27.01
N LEU A 84 -3.43 -24.79 27.86
CA LEU A 84 -3.18 -24.83 29.31
C LEU A 84 -2.78 -26.23 29.79
N ASN A 85 -2.51 -27.14 28.86
CA ASN A 85 -1.94 -28.45 29.19
C ASN A 85 -0.51 -28.32 29.70
N TYR A 86 -0.02 -29.37 30.36
CA TYR A 86 1.26 -29.29 31.05
C TYR A 86 2.43 -28.96 30.12
N ALA A 87 2.49 -29.59 28.95
CA ALA A 87 3.56 -29.34 27.99
C ALA A 87 3.67 -27.85 27.64
N SER A 88 2.52 -27.18 27.53
CA SER A 88 2.51 -25.73 27.30
C SER A 88 3.09 -24.93 28.50
N LEU A 89 2.70 -25.30 29.73
CA LEU A 89 3.30 -24.69 30.93
C LEU A 89 4.82 -24.89 30.96
N ALA A 90 5.25 -26.09 30.66
CA ALA A 90 6.67 -26.44 30.66
C ALA A 90 7.45 -25.60 29.64
N VAL A 91 6.87 -25.45 28.46
CA VAL A 91 7.47 -24.63 27.40
C VAL A 91 7.49 -23.15 27.78
N GLN A 92 6.42 -22.66 28.40
CA GLN A 92 6.42 -21.26 28.87
C GLN A 92 7.50 -20.97 29.90
N ARG A 93 7.70 -21.93 30.82
CA ARG A 93 8.77 -21.81 31.82
C ARG A 93 10.16 -21.80 31.18
N LEU A 94 10.39 -22.72 30.24
CA LEU A 94 11.61 -22.71 29.43
C LEU A 94 11.84 -21.36 28.74
N LEU A 95 10.82 -20.86 28.04
CA LEU A 95 10.98 -19.61 27.27
C LEU A 95 11.28 -18.41 28.14
N THR A 96 10.63 -18.32 29.30
CA THR A 96 10.93 -17.22 30.23
C THR A 96 12.41 -17.21 30.61
N SER A 97 12.96 -18.39 30.89
N SER A 97 12.96 -18.39 30.90
CA SER A 97 14.37 -18.52 31.26
CA SER A 97 14.37 -18.51 31.25
C SER A 97 15.30 -18.18 30.10
C SER A 97 15.29 -18.17 30.09
N VAL A 98 14.94 -18.64 28.90
CA VAL A 98 15.71 -18.33 27.68
C VAL A 98 15.74 -16.83 27.41
N TYR A 99 14.57 -16.19 27.41
CA TYR A 99 14.50 -14.75 27.20
C TYR A 99 15.27 -13.94 28.25
N GLU A 100 15.16 -14.36 29.50
CA GLU A 100 15.73 -13.59 30.61
C GLU A 100 17.25 -13.69 30.75
N ALA A 101 17.89 -14.61 30.03
CA ALA A 101 19.35 -14.59 29.92
C ALA A 101 19.90 -13.27 29.34
N ASP A 102 19.07 -12.54 28.59
CA ASP A 102 19.42 -11.21 28.06
C ASP A 102 19.22 -10.08 29.09
N LEU A 103 18.58 -10.36 30.22
CA LEU A 103 18.30 -9.34 31.22
C LEU A 103 19.32 -9.44 32.34
N VAL A 104 19.69 -8.28 32.91
CA VAL A 104 20.63 -8.23 34.04
C VAL A 104 19.86 -8.33 35.36
N PHE A 105 20.20 -9.34 36.17
CA PHE A 105 19.69 -9.47 37.54
C PHE A 105 20.84 -9.63 38.52
N PHE A 106 20.71 -9.00 39.69
CA PHE A 106 21.55 -9.28 40.85
C PHE A 106 20.62 -9.53 42.04
N PRO A 107 21.04 -10.39 43.00
CA PRO A 107 20.20 -10.55 44.19
C PRO A 107 20.04 -9.25 44.96
N LYS A 108 18.91 -9.08 45.63
CA LYS A 108 18.72 -7.94 46.52
C LYS A 108 19.78 -7.85 47.60
N SER A 109 20.21 -8.99 48.11
CA SER A 109 21.22 -9.05 49.16
C SER A 109 22.65 -9.02 48.62
N GLY A 110 22.81 -8.77 47.32
CA GLY A 110 24.14 -8.72 46.71
C GLY A 110 24.57 -10.05 46.13
N LEU A 111 25.62 -10.00 45.33
CA LEU A 111 26.02 -11.12 44.51
C LEU A 111 26.85 -12.11 45.30
N LYS A 112 27.52 -11.63 46.35
CA LYS A 112 28.39 -12.50 47.15
C LYS A 112 27.64 -13.70 47.71
N GLY A 113 28.17 -14.89 47.44
CA GLY A 113 27.52 -16.15 47.81
C GLY A 113 26.71 -16.77 46.68
N LYS A 114 26.45 -16.01 45.62
CA LYS A 114 25.66 -16.49 44.48
C LYS A 114 26.39 -16.37 43.14
N GLU A 115 27.73 -16.36 43.19
CA GLU A 115 28.57 -16.20 42.00
C GLU A 115 28.52 -17.38 41.06
N GLU A 116 28.47 -18.60 41.62
CA GLU A 116 28.41 -19.81 40.79
C GLU A 116 27.10 -19.89 39.98
N ASP A 117 25.98 -19.53 40.60
CA ASP A 117 24.69 -19.53 39.92
C ASP A 117 24.62 -18.43 38.86
N PHE A 118 25.15 -17.26 39.21
CA PHE A 118 25.32 -16.14 38.30
C PHE A 118 26.05 -16.58 37.04
N ARG A 119 27.17 -17.28 37.21
CA ARG A 119 27.97 -17.75 36.08
C ARG A 119 27.31 -18.92 35.34
N ALA A 120 26.48 -19.69 36.02
CA ALA A 120 25.75 -20.79 35.38
C ALA A 120 24.61 -20.30 34.47
N PHE A 121 23.98 -19.18 34.86
CA PHE A 121 22.90 -18.58 34.07
C PHE A 121 23.48 -17.75 32.92
N TYR A 122 24.41 -16.86 33.23
CA TYR A 122 25.09 -16.07 32.22
C TYR A 122 26.37 -16.79 31.79
N SER A 123 26.22 -17.82 30.98
CA SER A 123 27.36 -18.52 30.41
C SER A 123 27.16 -18.62 28.91
N PRO A 124 28.26 -18.75 28.16
CA PRO A 124 28.14 -19.01 26.73
C PRO A 124 27.27 -20.22 26.42
N ALA A 125 27.44 -21.30 27.20
CA ALA A 125 26.70 -22.53 27.00
C ALA A 125 25.20 -22.39 27.25
N ASN A 126 24.83 -21.76 28.38
CA ASN A 126 23.40 -21.59 28.71
C ASN A 126 22.64 -20.76 27.68
N ARG A 127 23.28 -19.69 27.19
CA ARG A 127 22.70 -18.87 26.13
C ARG A 127 22.56 -19.65 24.82
N ALA A 128 23.64 -20.30 24.39
CA ALA A 128 23.64 -21.02 23.11
C ALA A 128 22.65 -22.19 23.09
N LEU A 129 22.60 -22.95 24.18
CA LEU A 129 21.65 -24.06 24.29
C LEU A 129 20.20 -23.60 24.24
N GLY A 130 19.91 -22.50 24.92
CA GLY A 130 18.56 -21.91 24.92
C GLY A 130 18.19 -21.31 23.58
N GLU A 131 19.13 -20.60 22.96
CA GLU A 131 18.87 -19.97 21.66
C GLU A 131 18.65 -20.98 20.52
N ARG A 132 19.31 -22.13 20.61
CA ARG A 132 19.15 -23.17 19.60
C ARG A 132 17.73 -23.78 19.56
N ILE A 133 17.12 -23.92 20.73
CA ILE A 133 15.78 -24.48 20.86
C ILE A 133 14.70 -23.42 20.79
N ARG A 134 15.07 -22.14 20.81
CA ARG A 134 14.10 -21.07 20.88
C ARG A 134 13.08 -21.03 19.71
N PRO A 135 13.54 -21.24 18.45
CA PRO A 135 12.55 -21.31 17.35
C PRO A 135 11.46 -22.37 17.55
N ALA A 136 11.84 -23.58 17.92
CA ALA A 136 10.86 -24.66 18.16
C ALA A 136 9.97 -24.40 19.38
N LEU A 137 10.55 -23.84 20.43
CA LEU A 137 9.76 -23.46 21.61
C LEU A 137 8.71 -22.40 21.26
N GLU A 138 9.11 -21.42 20.44
CA GLU A 138 8.21 -20.35 20.03
C GLU A 138 7.07 -20.87 19.15
N ARG A 139 7.36 -21.83 18.27
CA ARG A 139 6.28 -22.46 17.49
C ARG A 139 5.31 -23.19 18.45
N TYR A 140 5.84 -23.89 19.45
CA TYR A 140 5.00 -24.60 20.41
C TYR A 140 4.14 -23.63 21.22
N ALA A 141 4.76 -22.54 21.67
CA ALA A 141 4.10 -21.55 22.52
C ALA A 141 3.08 -20.71 21.76
N PHE A 142 3.43 -20.29 20.55
CA PHE A 142 2.66 -19.25 19.84
C PHE A 142 2.00 -19.71 18.54
N GLY A 143 2.27 -20.93 18.10
CA GLY A 143 1.74 -21.45 16.83
C GLY A 143 0.22 -21.41 16.72
N PHE A 144 -0.48 -21.68 17.83
CA PHE A 144 -1.95 -21.65 17.88
C PHE A 144 -2.55 -20.31 17.43
N LEU A 145 -1.81 -19.22 17.62
CA LEU A 145 -2.29 -17.90 17.22
C LEU A 145 -2.53 -17.74 15.70
N ASP A 146 -1.88 -18.57 14.88
CA ASP A 146 -2.11 -18.58 13.43
C ASP A 146 -3.58 -18.86 13.09
N ASP A 147 -4.23 -19.75 13.84
CA ASP A 147 -5.65 -20.08 13.64
C ASP A 147 -6.63 -19.19 14.42
N GLU A 148 -6.13 -18.43 15.38
CA GLU A 148 -6.99 -17.55 16.17
C GLU A 148 -7.14 -16.16 15.59
N VAL A 149 -6.26 -15.77 14.67
CA VAL A 149 -6.35 -14.44 14.06
C VAL A 149 -6.45 -14.62 12.55
N GLU A 150 -7.17 -13.72 11.91
CA GLU A 150 -7.37 -13.76 10.47
C GLU A 150 -6.47 -12.70 9.88
N THR A 151 -6.03 -12.91 8.65
CA THR A 151 -5.18 -11.97 7.95
C THR A 151 -5.83 -11.49 6.64
N SER A 152 -6.36 -10.27 6.66
CA SER A 152 -6.94 -9.65 5.46
C SER A 152 -5.87 -9.04 4.56
N GLY A 153 -6.16 -8.96 3.27
CA GLY A 153 -5.20 -8.46 2.29
C GLY A 153 -5.56 -7.13 1.67
N THR A 154 -6.52 -6.40 2.27
CA THR A 154 -7.01 -5.16 1.69
C THR A 154 -6.86 -3.99 2.65
N TRP A 155 -5.80 -4.00 3.47
CA TRP A 155 -5.68 -2.95 4.47
C TRP A 155 -5.14 -1.70 3.83
N THR A 156 -5.66 -0.56 4.27
CA THR A 156 -5.15 0.75 3.90
C THR A 156 -5.12 1.60 5.16
N ALA A 157 -4.57 2.80 5.05
CA ALA A 157 -4.52 3.73 6.20
C ALA A 157 -5.90 4.08 6.75
N GLN A 158 -6.88 4.24 5.85
CA GLN A 158 -8.25 4.55 6.24
C GLN A 158 -8.91 3.39 6.95
N SER A 159 -8.78 2.18 6.38
CA SER A 159 -9.39 1.01 7.01
C SER A 159 -8.66 0.64 8.33
N LEU A 160 -7.37 0.95 8.45
CA LEU A 160 -6.66 0.83 9.74
C LEU A 160 -7.21 1.80 10.78
N ASP A 161 -7.43 3.06 10.38
CA ASP A 161 -8.01 4.06 11.28
C ASP A 161 -9.40 3.66 11.74
N ALA A 162 -10.19 3.07 10.85
CA ALA A 162 -11.53 2.55 11.19
C ALA A 162 -11.45 1.44 12.24
N TYR A 163 -10.52 0.51 12.04
CA TYR A 163 -10.30 -0.60 12.97
C TYR A 163 -9.85 -0.08 14.35
N LEU A 164 -8.87 0.82 14.34
CA LEU A 164 -8.36 1.37 15.59
C LEU A 164 -9.38 2.22 16.35
N ASP A 165 -10.26 2.91 15.61
CA ASP A 165 -11.35 3.64 16.23
C ASP A 165 -12.37 2.70 16.90
N SER A 166 -12.59 1.54 16.28
CA SER A 166 -13.51 0.55 16.82
C SER A 166 -13.00 -0.20 18.07
N LEU A 167 -11.77 0.06 18.51
CA LEU A 167 -11.27 -0.50 19.77
C LEU A 167 -11.69 0.33 20.99
N ASP A 168 -11.76 1.66 20.79
CA ASP A 168 -12.06 2.60 21.86
C ASP A 168 -13.57 2.84 21.94
C ALA A 173 -18.23 -0.70 33.23
N GLU A 174 -18.30 -1.86 32.58
CA GLU A 174 -18.72 -3.11 33.26
C GLU A 174 -17.58 -3.74 34.10
N GLN A 175 -17.89 -4.82 34.82
CA GLN A 175 -16.90 -5.51 35.65
C GLN A 175 -16.05 -6.45 34.80
N SER A 176 -14.73 -6.38 34.97
CA SER A 176 -13.81 -7.24 34.23
C SER A 176 -13.78 -8.64 34.87
N PRO A 177 -13.38 -9.66 34.09
CA PRO A 177 -13.28 -11.00 34.69
C PRO A 177 -12.35 -11.10 35.91
N VAL A 178 -11.25 -10.32 35.92
CA VAL A 178 -10.34 -10.30 37.07
C VAL A 178 -11.01 -9.69 38.31
N GLU A 179 -11.74 -8.60 38.12
CA GLU A 179 -12.48 -7.95 39.21
C GLU A 179 -13.51 -8.92 39.81
N LYS A 180 -14.26 -9.59 38.95
CA LYS A 180 -15.26 -10.57 39.39
C LYS A 180 -14.64 -11.73 40.17
N ALA A 181 -13.51 -12.25 39.68
CA ALA A 181 -12.82 -13.38 40.32
C ALA A 181 -12.28 -13.00 41.70
N ILE A 182 -11.70 -11.81 41.82
CA ILE A 182 -11.15 -11.35 43.09
C ILE A 182 -12.24 -10.92 44.09
N LEU A 183 -13.20 -10.10 43.63
CA LEU A 183 -14.27 -9.61 44.50
C LEU A 183 -15.25 -10.71 44.90
N GLY A 184 -15.45 -11.70 44.03
CA GLY A 184 -16.29 -12.86 44.33
C GLY A 184 -15.61 -14.00 45.07
N SER A 185 -14.33 -13.81 45.45
CA SER A 185 -13.56 -14.86 46.09
C SER A 185 -13.93 -15.10 47.57
N ALA A 186 -13.77 -16.34 48.02
CA ALA A 186 -13.87 -16.69 49.43
C ALA A 186 -12.78 -16.02 50.29
N ASP A 187 -11.64 -15.69 49.66
CA ASP A 187 -10.57 -14.94 50.31
C ASP A 187 -10.07 -13.90 49.30
N ARG A 188 -10.60 -12.69 49.42
N ARG A 188 -10.60 -12.69 49.42
CA ARG A 188 -10.29 -11.60 48.49
CA ARG A 188 -10.29 -11.60 48.50
C ARG A 188 -8.83 -11.18 48.55
C ARG A 188 -8.83 -11.17 48.55
N GLU A 189 -8.29 -11.06 49.75
CA GLU A 189 -6.92 -10.65 49.93
C GLU A 189 -5.95 -11.66 49.32
N ARG A 190 -6.24 -12.94 49.52
CA ARG A 190 -5.43 -14.01 48.93
C ARG A 190 -5.49 -13.97 47.40
N ALA A 191 -6.69 -13.79 46.85
CA ALA A 191 -6.89 -13.74 45.41
C ALA A 191 -6.15 -12.56 44.78
N ALA A 192 -6.20 -11.41 45.43
CA ALA A 192 -5.50 -10.22 44.97
C ALA A 192 -3.97 -10.37 45.06
N ARG A 193 -3.48 -11.04 46.08
CA ARG A 193 -2.04 -11.33 46.20
C ARG A 193 -1.58 -12.28 45.11
N MSE A 194 -2.39 -13.29 44.81
CA MSE A 194 -2.09 -14.23 43.74
C MSE A 194 -2.05 -13.51 42.41
O MSE A 194 -1.20 -13.81 41.58
CB MSE A 194 -3.15 -15.33 43.74
CG MSE A 194 -2.95 -16.40 42.66
SE MSE A 194 -1.28 -17.43 42.94
CE MSE A 194 -1.63 -18.86 41.62
N TRP A 195 -2.94 -12.53 42.24
CA TRP A 195 -2.98 -11.69 41.04
C TRP A 195 -1.71 -10.83 40.92
N LEU A 196 -1.35 -10.15 41.99
CA LEU A 196 -0.20 -9.25 41.98
C LEU A 196 1.11 -9.97 41.64
N VAL A 197 1.31 -11.18 42.14
CA VAL A 197 2.56 -11.87 41.87
C VAL A 197 2.69 -12.26 40.41
N GLN A 198 1.58 -12.41 39.70
CA GLN A 198 1.62 -12.71 38.27
C GLN A 198 2.37 -11.65 37.46
N PHE A 199 2.37 -10.41 37.95
CA PHE A 199 3.02 -9.29 37.28
C PHE A 199 4.48 -9.06 37.68
N ALA A 200 5.01 -9.86 38.61
CA ALA A 200 6.38 -9.62 39.10
C ALA A 200 7.45 -9.62 37.99
N PRO A 201 7.46 -10.64 37.10
CA PRO A 201 8.47 -10.60 36.00
C PRO A 201 8.35 -9.40 35.07
N ASP A 202 7.12 -9.00 34.79
CA ASP A 202 6.82 -7.90 33.89
C ASP A 202 7.15 -6.55 34.55
N PHE A 203 6.50 -6.26 35.68
CA PHE A 203 6.58 -4.93 36.28
C PHE A 203 7.93 -4.64 36.96
N LEU A 204 8.59 -5.64 37.49
CA LEU A 204 9.86 -5.41 38.17
C LEU A 204 11.00 -5.22 37.18
N SER A 205 10.84 -5.77 35.97
CA SER A 205 11.77 -5.48 34.87
C SER A 205 11.10 -4.56 33.86
N GLU A 206 10.33 -3.59 34.33
CA GLU A 206 9.37 -2.89 33.46
C GLU A 206 10.03 -2.10 32.30
N ALA A 207 9.51 -2.39 31.09
CA ALA A 207 9.99 -1.83 29.82
C ALA A 207 11.17 -2.58 29.20
N SER A 208 11.63 -3.66 29.84
CA SER A 208 12.73 -4.45 29.29
C SER A 208 12.42 -5.01 27.90
N PRO A 209 11.25 -5.68 27.71
CA PRO A 209 10.95 -6.15 26.34
C PRO A 209 10.83 -5.01 25.34
N MSE A 210 10.29 -3.86 25.77
CA MSE A 210 10.18 -2.70 24.88
C MSE A 210 11.52 -2.12 24.48
O MSE A 210 11.68 -1.68 23.35
CB MSE A 210 9.45 -1.57 25.58
CG MSE A 210 8.22 -1.16 24.80
SE MSE A 210 7.54 0.32 25.88
CE MSE A 210 6.35 -0.61 27.12
N MSE A 211 12.49 -2.13 25.40
CA MSE A 211 13.85 -1.68 25.10
CA MSE A 211 13.85 -1.68 25.10
C MSE A 211 14.51 -2.47 23.99
O MSE A 211 15.39 -1.94 23.27
CB MSE A 211 14.75 -1.78 26.33
CB MSE A 211 14.70 -1.78 26.36
CG MSE A 211 14.72 -0.48 27.13
CG MSE A 211 14.42 -0.66 27.35
SE MSE A 211 16.05 0.79 26.38
SE MSE A 211 15.37 -1.06 29.04
CE MSE A 211 14.93 1.62 25.03
CE MSE A 211 16.04 0.79 29.13
N ARG A 212 14.14 -3.74 23.82
CA ARG A 212 14.69 -4.57 22.73
C ARG A 212 14.44 -3.97 21.35
N ASN A 213 13.33 -3.22 21.19
CA ASN A 213 12.96 -2.57 19.92
C ASN A 213 13.62 -1.22 19.67
N VAL A 214 14.39 -0.73 20.63
CA VAL A 214 15.03 0.57 20.53
C VAL A 214 16.52 0.45 20.13
N LEU A 215 17.07 -0.76 20.18
CA LEU A 215 18.42 -1.00 19.70
C LEU A 215 18.45 -0.92 18.18
N GLY A 216 19.44 -0.20 17.65
CA GLY A 216 19.70 -0.18 16.22
C GLY A 216 19.68 1.22 15.64
N TYR A 217 19.16 1.32 14.41
CA TYR A 217 19.26 2.53 13.61
C TYR A 217 18.14 2.53 12.59
N TYR A 218 17.07 3.26 12.90
N TYR A 218 17.08 3.28 12.89
CA TYR A 218 15.93 3.33 12.02
CA TYR A 218 15.89 3.33 12.00
C TYR A 218 15.39 4.79 12.08
C TYR A 218 15.02 4.59 11.82
N GLY A 219 14.17 5.06 11.64
N GLY A 219 15.46 5.78 12.21
CA GLY A 219 13.76 6.46 11.47
CA GLY A 219 14.68 6.95 11.83
C GLY A 219 13.53 7.27 12.75
C GLY A 219 13.75 7.48 12.92
N PRO A 220 12.80 8.40 12.62
CA PRO A 220 12.28 9.10 13.79
C PRO A 220 11.38 8.29 14.71
N ALA A 221 10.80 7.21 14.21
CA ALA A 221 9.99 6.32 15.06
C ALA A 221 10.81 5.71 16.22
N GLN A 222 12.10 5.48 16.00
CA GLN A 222 13.01 4.98 17.03
C GLN A 222 13.07 5.92 18.24
N SER A 223 13.21 7.22 17.97
CA SER A 223 13.22 8.24 19.03
C SER A 223 11.90 8.33 19.77
N GLU A 224 10.79 8.20 19.05
CA GLU A 224 9.45 8.23 19.63
C GLU A 224 9.20 6.99 20.49
N TRP A 225 9.64 5.83 20.01
CA TRP A 225 9.58 4.60 20.80
C TRP A 225 10.39 4.75 22.09
N PHE A 226 11.59 5.32 21.97
CA PHE A 226 12.46 5.57 23.12
C PHE A 226 11.84 6.58 24.11
N LYS A 227 11.12 7.57 23.61
CA LYS A 227 10.39 8.53 24.47
C LYS A 227 9.31 7.87 25.35
N VAL A 228 8.70 6.80 24.84
CA VAL A 228 7.78 6.00 25.66
C VAL A 228 8.55 5.21 26.74
N VAL A 229 9.65 4.59 26.35
CA VAL A 229 10.49 3.84 27.27
C VAL A 229 11.03 4.72 28.41
N ILE A 230 11.32 5.98 28.10
CA ILE A 230 11.85 6.90 29.09
C ILE A 230 10.81 7.14 30.17
N ASP A 231 9.53 7.17 29.81
CA ASP A 231 8.48 7.34 30.81
C ASP A 231 8.45 6.11 31.71
N GLU A 232 8.43 4.93 31.12
CA GLU A 232 8.45 3.68 31.89
C GLU A 232 9.70 3.43 32.74
N TYR A 233 10.83 4.03 32.39
CA TYR A 233 12.05 3.87 33.17
C TYR A 233 12.29 5.06 34.12
N GLY A 234 11.25 5.85 34.35
CA GLY A 234 11.30 6.99 35.26
C GLY A 234 12.42 7.99 35.01
N TYR A 235 12.78 8.19 33.74
CA TYR A 235 13.85 9.14 33.34
C TYR A 235 15.21 8.95 34.04
N GLY A 236 15.55 7.73 34.45
CA GLY A 236 16.79 7.48 35.19
C GLY A 236 16.80 7.90 36.66
N VAL A 237 15.64 8.32 37.19
CA VAL A 237 15.47 8.57 38.63
C VAL A 237 14.94 7.26 39.20
N HIS A 238 15.63 6.70 40.20
CA HIS A 238 15.27 5.37 40.75
C HIS A 238 13.93 5.37 41.53
N ASP A 239 13.76 6.27 42.49
CA ASP A 239 12.55 6.26 43.29
C ASP A 239 11.29 6.48 42.44
N THR A 240 11.42 7.27 41.39
CA THR A 240 10.33 7.50 40.44
C THR A 240 10.22 6.35 39.43
N LYS A 241 11.26 5.52 39.30
CA LYS A 241 11.24 4.39 38.36
C LYS A 241 10.12 3.42 38.73
N HIS A 242 9.40 2.95 37.72
CA HIS A 242 8.20 2.18 37.95
C HIS A 242 8.50 0.91 38.72
N SER A 243 9.58 0.23 38.35
CA SER A 243 9.90 -1.02 39.02
C SER A 243 9.87 -0.81 40.53
N THR A 244 10.47 0.27 40.99
CA THR A 244 10.55 0.57 42.42
C THR A 244 9.18 0.84 43.02
N LEU A 245 8.27 1.38 42.23
CA LEU A 245 6.92 1.63 42.73
C LEU A 245 6.16 0.33 42.92
N PHE A 246 6.36 -0.64 42.03
CA PHE A 246 5.71 -1.94 42.18
C PHE A 246 6.31 -2.77 43.32
N GLU A 247 7.59 -2.55 43.64
CA GLU A 247 8.19 -3.11 44.86
C GLU A 247 7.35 -2.72 46.06
N ARG A 248 7.00 -1.44 46.16
CA ARG A 248 6.22 -0.91 47.29
C ARG A 248 4.80 -1.47 47.33
N THR A 249 4.19 -1.65 46.16
CA THR A 249 2.88 -2.31 46.05
C THR A 249 2.90 -3.71 46.64
N LEU A 250 3.86 -4.51 46.19
CA LEU A 250 4.05 -5.87 46.71
C LEU A 250 4.32 -5.88 48.22
N GLU A 251 5.30 -5.09 48.65
CA GLU A 251 5.69 -5.03 50.07
C GLU A 251 4.58 -4.50 50.99
N SER A 252 3.70 -3.64 50.48
CA SER A 252 2.58 -3.11 51.26
C SER A 252 1.48 -4.14 51.57
N VAL A 253 1.43 -5.23 50.82
CA VAL A 253 0.49 -6.33 51.11
C VAL A 253 1.20 -7.61 51.59
N GLY A 254 2.43 -7.48 52.06
CA GLY A 254 3.17 -8.61 52.64
C GLY A 254 3.86 -9.54 51.66
N LEU A 255 4.06 -9.10 50.42
CA LEU A 255 4.79 -9.88 49.41
C LEU A 255 6.18 -9.30 49.21
N GLU A 256 7.13 -10.15 48.79
CA GLU A 256 8.50 -9.70 48.53
C GLU A 256 8.69 -9.37 47.04
N SER A 257 9.73 -8.59 46.74
CA SER A 257 9.98 -8.10 45.40
C SER A 257 11.29 -8.60 44.77
N ASP A 258 11.83 -9.69 45.29
CA ASP A 258 12.98 -10.35 44.66
C ASP A 258 12.51 -11.33 43.58
N LEU A 259 13.13 -11.28 42.40
CA LEU A 259 12.81 -12.22 41.32
C LEU A 259 13.62 -13.51 41.49
N HIS A 260 13.04 -14.70 41.23
CA HIS A 260 11.60 -14.96 41.08
C HIS A 260 11.13 -15.76 42.30
N ARG A 261 10.90 -15.06 43.41
CA ARG A 261 10.47 -15.71 44.66
C ARG A 261 9.28 -16.62 44.39
N TYR A 262 8.30 -16.09 43.68
CA TYR A 262 7.03 -16.79 43.45
C TYR A 262 6.95 -17.57 42.12
N TRP A 263 8.10 -17.98 41.58
CA TRP A 263 8.16 -18.75 40.33
C TRP A 263 7.10 -19.86 40.22
N GLN A 264 6.98 -20.66 41.27
CA GLN A 264 6.07 -21.82 41.26
C GLN A 264 4.58 -21.44 41.28
N TYR A 265 4.30 -20.16 41.54
CA TYR A 265 2.94 -19.64 41.54
C TYR A 265 2.58 -18.81 40.30
N TYR A 266 3.53 -18.70 39.35
CA TYR A 266 3.25 -18.05 38.06
C TYR A 266 2.38 -18.98 37.21
N LEU A 267 1.21 -18.49 36.84
CA LEU A 267 0.33 -19.24 35.94
C LEU A 267 0.92 -19.34 34.53
N ASN A 268 0.57 -20.42 33.85
CA ASN A 268 0.87 -20.63 32.46
C ASN A 268 0.59 -19.36 31.64
N SER A 269 -0.62 -18.83 31.79
CA SER A 269 -1.09 -17.70 30.99
C SER A 269 -0.36 -16.40 31.28
N SER A 270 0.11 -16.23 32.52
CA SER A 270 0.91 -15.07 32.92
C SER A 270 2.29 -15.09 32.27
N LEU A 271 2.91 -16.27 32.23
CA LEU A 271 4.18 -16.46 31.51
C LEU A 271 3.98 -16.26 30.00
N LEU A 272 2.90 -16.81 29.46
CA LEU A 272 2.52 -16.62 28.06
C LEU A 272 2.43 -15.14 27.67
N LEU A 273 1.72 -14.34 28.48
CA LEU A 273 1.58 -12.90 28.25
C LEU A 273 2.90 -12.14 28.32
N ASN A 274 3.71 -12.44 29.33
N ASN A 274 3.71 -12.43 29.34
CA ASN A 274 5.05 -11.85 29.45
CA ASN A 274 5.04 -11.83 29.45
C ASN A 274 5.97 -12.26 28.30
C ASN A 274 5.97 -12.26 28.31
N ASN A 275 5.99 -13.57 28.00
CA ASN A 275 6.83 -14.09 26.92
C ASN A 275 6.48 -13.55 25.53
N TYR A 276 5.21 -13.25 25.29
CA TYR A 276 4.76 -12.69 24.03
C TYR A 276 5.54 -11.41 23.66
N PHE A 277 5.75 -10.54 24.65
CA PHE A 277 6.47 -9.31 24.40
C PHE A 277 7.98 -9.47 24.21
N HIS A 278 8.58 -10.47 24.86
CA HIS A 278 9.97 -10.85 24.57
C HIS A 278 10.10 -11.43 23.17
N TYR A 279 9.13 -12.25 22.79
CA TYR A 279 9.01 -12.82 21.45
C TYR A 279 8.99 -11.73 20.38
N LEU A 280 8.07 -10.76 20.53
CA LEU A 280 7.97 -9.65 19.57
C LEU A 280 9.21 -8.77 19.59
N GLY A 281 9.77 -8.56 20.79
CA GLY A 281 10.93 -7.69 20.95
C GLY A 281 12.25 -8.25 20.44
N LYS A 282 12.46 -9.56 20.62
CA LYS A 282 13.68 -10.24 20.16
C LYS A 282 13.69 -10.49 18.65
N ASN A 283 12.51 -10.69 18.08
CA ASN A 283 12.36 -11.13 16.69
C ASN A 283 11.88 -9.96 15.86
N HIS A 284 12.82 -9.27 15.23
CA HIS A 284 12.50 -7.99 14.61
C HIS A 284 11.68 -8.10 13.30
N GLU A 285 11.51 -9.29 12.76
CA GLU A 285 10.50 -9.55 11.73
C GLU A 285 9.08 -9.30 12.28
N LEU A 286 8.94 -9.33 13.61
CA LEU A 286 7.67 -9.07 14.29
C LEU A 286 7.57 -7.64 14.84
N PHE A 287 8.50 -6.77 14.45
CA PHE A 287 8.55 -5.39 14.93
C PHE A 287 7.21 -4.66 14.79
N PHE A 288 6.52 -4.89 13.66
CA PHE A 288 5.27 -4.18 13.39
C PHE A 288 4.10 -4.73 14.22
N ARG A 289 4.18 -6.00 14.61
CA ARG A 289 3.24 -6.54 15.61
C ARG A 289 3.40 -5.84 16.94
N TYR A 290 4.64 -5.59 17.35
CA TYR A 290 4.90 -4.87 18.58
C TYR A 290 4.35 -3.45 18.50
N VAL A 291 4.50 -2.79 17.34
CA VAL A 291 3.90 -1.46 17.13
C VAL A 291 2.40 -1.51 17.45
N GLY A 292 1.71 -2.51 16.92
CA GLY A 292 0.29 -2.71 17.21
C GLY A 292 -0.02 -2.98 18.67
N ALA A 293 0.70 -3.93 19.27
CA ALA A 293 0.50 -4.24 20.68
C ALA A 293 0.78 -3.03 21.57
N LEU A 294 1.79 -2.25 21.22
CA LEU A 294 2.09 -1.02 21.97
C LEU A 294 0.93 -0.04 21.91
N TYR A 295 0.33 0.13 20.72
CA TYR A 295 -0.83 1.00 20.58
C TYR A 295 -1.98 0.52 21.49
N TYR A 296 -2.27 -0.78 21.47
CA TYR A 296 -3.33 -1.33 22.30
C TYR A 296 -3.06 -1.14 23.79
N THR A 297 -1.82 -1.39 24.23
CA THR A 297 -1.44 -1.23 25.65
C THR A 297 -1.52 0.24 26.09
N GLU A 298 -1.06 1.16 25.24
CA GLU A 298 -1.12 2.60 25.56
C GLU A 298 -2.57 3.08 25.64
N SER A 299 -3.40 2.58 24.74
CA SER A 299 -4.81 2.99 24.69
C SER A 299 -5.65 2.35 25.82
N SER A 300 -5.17 1.26 26.43
CA SER A 300 -5.84 0.56 27.56
C SER A 300 -5.27 0.93 28.93
N LEU A 301 -4.14 1.62 28.94
CA LEU A 301 -3.34 1.80 30.15
C LEU A 301 -4.09 2.55 31.26
N VAL A 302 -4.79 3.62 30.91
CA VAL A 302 -5.44 4.47 31.91
C VAL A 302 -6.57 3.70 32.57
N ASP A 303 -7.38 3.02 31.76
CA ASP A 303 -8.49 2.21 32.27
C ASP A 303 -7.98 1.05 33.16
N PHE A 304 -6.92 0.36 32.73
CA PHE A 304 -6.30 -0.70 33.55
C PHE A 304 -5.83 -0.20 34.91
N CYS A 305 -5.13 0.93 34.90
CA CYS A 305 -4.56 1.49 36.14
C CYS A 305 -5.62 2.03 37.10
N ARG A 306 -6.66 2.65 36.58
CA ARG A 306 -7.80 3.10 37.38
C ARG A 306 -8.47 1.92 38.05
N ARG A 307 -8.81 0.90 37.26
CA ARG A 307 -9.45 -0.32 37.77
C ARG A 307 -8.58 -1.05 38.79
N ALA A 308 -7.27 -1.11 38.55
CA ALA A 308 -6.33 -1.78 39.45
C ALA A 308 -6.23 -1.06 40.80
N ASP A 309 -6.10 0.26 40.75
CA ASP A 309 -6.13 1.10 41.94
C ASP A 309 -7.42 0.92 42.74
N HIS A 310 -8.57 0.98 42.07
CA HIS A 310 -9.88 0.84 42.71
C HIS A 310 -10.07 -0.54 43.31
N LEU A 311 -9.73 -1.58 42.56
CA LEU A 311 -9.84 -2.96 43.02
C LEU A 311 -8.98 -3.24 44.25
N LEU A 312 -7.72 -2.82 44.21
CA LEU A 312 -6.79 -3.04 45.32
C LEU A 312 -7.18 -2.27 46.59
N ARG A 313 -7.72 -1.06 46.43
CA ARG A 313 -8.21 -0.29 47.57
C ARG A 313 -9.42 -0.94 48.23
N GLU A 314 -10.34 -1.44 47.41
CA GLU A 314 -11.53 -2.15 47.91
C GLU A 314 -11.17 -3.41 48.70
N VAL A 315 -10.10 -4.11 48.29
CA VAL A 315 -9.68 -5.35 48.93
C VAL A 315 -8.83 -5.09 50.19
N PHE A 316 -7.85 -4.19 50.09
CA PHE A 316 -6.88 -3.97 51.15
C PHE A 316 -7.07 -2.70 51.99
N GLY A 317 -7.93 -1.79 51.54
CA GLY A 317 -8.10 -0.51 52.22
C GLY A 317 -6.91 0.42 51.99
N ASP A 318 -6.48 1.09 53.06
CA ASP A 318 -5.43 2.11 53.04
C ASP A 318 -4.03 1.51 53.16
N THR A 319 -3.95 0.23 53.52
CA THR A 319 -2.65 -0.45 53.67
C THR A 319 -1.86 -0.54 52.36
N VAL A 320 -2.57 -0.76 51.26
CA VAL A 320 -1.94 -0.99 49.96
C VAL A 320 -1.39 0.29 49.32
N ASP A 321 -0.18 0.18 48.78
CA ASP A 321 0.45 1.28 48.04
C ASP A 321 0.15 1.08 46.56
N THR A 322 -0.66 1.98 46.00
CA THR A 322 -1.03 1.89 44.58
C THR A 322 -0.36 2.96 43.70
N THR A 323 0.68 3.60 44.22
CA THR A 323 1.36 4.65 43.46
C THR A 323 1.77 4.18 42.08
N TYR A 324 2.22 2.94 41.99
CA TYR A 324 2.62 2.37 40.71
C TYR A 324 1.55 2.57 39.64
N PHE A 325 0.30 2.38 40.01
CA PHE A 325 -0.80 2.44 39.06
C PHE A 325 -1.27 3.87 38.84
N THR A 326 -1.32 4.67 39.90
CA THR A 326 -1.80 6.03 39.78
C THR A 326 -0.81 6.93 39.02
N GLU A 327 0.49 6.63 39.11
CA GLU A 327 1.53 7.37 38.37
C GLU A 327 1.37 7.25 36.83
N HIS A 328 0.92 6.09 36.36
CA HIS A 328 0.66 5.87 34.93
C HIS A 328 -0.53 6.66 34.38
N ILE A 329 -1.39 7.17 35.24
CA ILE A 329 -2.50 8.01 34.83
C ILE A 329 -1.99 9.43 34.55
N MSE A 338 -1.39 9.38 20.28
CA MSE A 338 0.05 9.68 20.34
C MSE A 338 0.92 8.58 19.75
O MSE A 338 1.84 8.87 19.00
CB MSE A 338 0.50 9.98 21.74
CG MSE A 338 1.55 11.12 21.74
SE MSE A 338 0.90 12.86 21.00
CE MSE A 338 2.12 14.14 21.89
N ALA A 339 0.66 7.33 20.10
CA ALA A 339 1.32 6.20 19.42
C ALA A 339 0.85 6.09 17.97
N ARG A 340 -0.40 6.49 17.72
CA ARG A 340 -0.97 6.48 16.37
C ARG A 340 -0.27 7.50 15.48
N GLU A 341 -0.14 8.73 15.99
CA GLU A 341 0.43 9.84 15.21
C GLU A 341 1.97 9.84 15.16
N LYS A 342 2.64 9.43 16.23
CA LYS A 342 4.11 9.52 16.29
C LYS A 342 4.85 8.24 15.89
N ILE A 343 4.14 7.10 15.89
CA ILE A 343 4.79 5.81 15.58
C ILE A 343 4.12 5.09 14.41
N ILE A 344 2.82 4.82 14.50
CA ILE A 344 2.13 4.08 13.43
C ILE A 344 2.14 4.83 12.10
N LYS A 345 1.77 6.12 12.15
CA LYS A 345 1.63 6.92 10.93
C LYS A 345 2.94 7.05 10.14
N PRO A 346 4.04 7.51 10.79
CA PRO A 346 5.32 7.57 10.05
C PRO A 346 5.81 6.22 9.50
N LEU A 347 5.58 5.12 10.21
CA LEU A 347 6.00 3.80 9.75
C LEU A 347 5.20 3.35 8.52
N VAL A 348 3.91 3.61 8.52
CA VAL A 348 3.05 3.30 7.36
C VAL A 348 3.45 4.14 6.14
N GLU A 349 3.71 5.42 6.37
CA GLU A 349 4.19 6.31 5.32
C GLU A 349 5.56 5.92 4.77
N ALA A 350 6.48 5.52 5.65
CA ALA A 350 7.84 5.15 5.22
C ALA A 350 7.89 3.78 4.56
N HIS A 351 7.20 2.80 5.15
CA HIS A 351 7.35 1.39 4.75
C HIS A 351 6.16 0.81 3.96
N GLY A 352 5.06 1.55 3.89
CA GLY A 352 3.92 1.17 3.05
C GLY A 352 2.84 0.37 3.74
N ASP A 353 1.74 0.14 3.01
CA ASP A 353 0.54 -0.53 3.50
C ASP A 353 0.75 -1.98 3.90
N GLY A 354 1.80 -2.59 3.36
CA GLY A 354 2.14 -3.97 3.68
C GLY A 354 2.41 -4.27 5.15
N ILE A 355 2.76 -3.25 5.94
CA ILE A 355 2.99 -3.44 7.38
C ILE A 355 1.70 -3.47 8.19
N ILE A 356 0.58 -3.03 7.62
CA ILE A 356 -0.66 -2.88 8.38
C ILE A 356 -1.23 -4.21 8.92
N PRO A 357 -1.27 -5.28 8.10
CA PRO A 357 -1.73 -6.56 8.66
C PRO A 357 -0.91 -7.03 9.86
N GLU A 358 0.39 -6.72 9.88
CA GLU A 358 1.24 -7.07 11.00
C GLU A 358 0.86 -6.27 12.25
N ILE A 359 0.59 -4.98 12.07
CA ILE A 359 0.16 -4.11 13.18
C ILE A 359 -1.15 -4.64 13.78
N VAL A 360 -2.09 -4.99 12.92
CA VAL A 360 -3.38 -5.53 13.36
C VAL A 360 -3.21 -6.90 14.03
N ARG A 361 -2.33 -7.74 13.48
CA ARG A 361 -2.09 -9.06 14.02
C ARG A 361 -1.55 -9.00 15.45
N GLY A 362 -0.67 -8.03 15.71
CA GLY A 362 -0.14 -7.79 17.05
C GLY A 362 -1.21 -7.44 18.07
N ILE A 363 -2.16 -6.61 17.67
CA ILE A 363 -3.28 -6.23 18.54
C ILE A 363 -4.18 -7.44 18.82
N GLU A 364 -4.52 -8.18 17.77
CA GLU A 364 -5.43 -9.29 17.90
C GLU A 364 -4.83 -10.47 18.64
N GLU A 365 -3.56 -10.76 18.38
CA GLU A 365 -2.85 -11.81 19.12
C GLU A 365 -2.82 -11.50 20.60
N TYR A 366 -2.49 -10.25 20.93
CA TYR A 366 -2.44 -9.82 22.31
C TYR A 366 -3.80 -9.91 23.03
N ARG A 367 -4.87 -9.55 22.32
CA ARG A 367 -6.22 -9.66 22.87
C ARG A 367 -6.62 -11.11 23.15
N VAL A 368 -6.22 -12.03 22.27
CA VAL A 368 -6.42 -13.46 22.49
C VAL A 368 -5.71 -13.90 23.79
N LEU A 369 -4.47 -13.45 23.99
CA LEU A 369 -3.69 -13.79 25.17
C LEU A 369 -4.29 -13.22 26.46
N LEU A 370 -4.85 -12.01 26.41
CA LEU A 370 -5.56 -11.43 27.55
C LEU A 370 -6.81 -12.24 27.94
N GLU A 371 -7.54 -12.74 26.94
CA GLU A 371 -8.68 -13.62 27.17
C GLU A 371 -8.26 -14.93 27.86
N ILE A 372 -7.17 -15.53 27.39
CA ILE A 372 -6.64 -16.75 27.98
C ILE A 372 -6.23 -16.48 29.43
N GLY A 373 -5.58 -15.34 29.66
CA GLY A 373 -5.22 -14.89 31.01
C GLY A 373 -6.42 -14.76 31.94
N ASP A 374 -7.47 -14.09 31.47
CA ASP A 374 -8.71 -13.93 32.23
C ASP A 374 -9.29 -15.28 32.63
N PHE A 375 -9.36 -16.21 31.68
CA PHE A 375 -9.87 -17.55 31.93
C PHE A 375 -9.01 -18.32 32.94
N ASP A 376 -7.70 -18.38 32.65
CA ASP A 376 -6.76 -19.15 33.46
C ASP A 376 -6.74 -18.66 34.91
N PHE A 377 -6.67 -17.34 35.09
CA PHE A 377 -6.67 -16.74 36.41
C PHE A 377 -7.97 -16.99 37.17
N SER A 378 -9.11 -16.79 36.49
CA SER A 378 -10.42 -17.06 37.08
C SER A 378 -10.56 -18.49 37.53
N GLU A 379 -10.15 -19.41 36.68
CA GLU A 379 -10.17 -20.83 37.00
C GLU A 379 -9.29 -21.18 38.21
N GLN A 380 -8.10 -20.59 38.28
CA GLN A 380 -7.19 -20.85 39.40
C GLN A 380 -7.76 -20.36 40.73
N ILE A 381 -8.35 -19.16 40.75
CA ILE A 381 -8.93 -18.62 41.98
C ILE A 381 -10.11 -19.48 42.46
N ALA A 382 -10.97 -19.90 41.52
CA ALA A 382 -12.10 -20.78 41.86
C ALA A 382 -11.60 -22.12 42.41
N TRP A 383 -10.53 -22.64 41.82
CA TRP A 383 -9.89 -23.87 42.24
C TRP A 383 -9.29 -23.75 43.65
N MSE A 384 -8.63 -22.62 43.93
CA MSE A 384 -8.08 -22.35 45.26
C MSE A 384 -9.17 -22.25 46.30
O MSE A 384 -9.07 -22.82 47.39
CB MSE A 384 -7.24 -21.06 45.26
CG MSE A 384 -5.90 -21.28 44.57
SE MSE A 384 -5.12 -19.56 43.98
CE MSE A 384 -4.87 -18.72 45.74
N ASP A 385 -10.23 -21.50 45.99
CA ASP A 385 -11.31 -21.26 46.93
C ASP A 385 -12.13 -22.53 47.24
N ALA A 386 -12.27 -23.41 46.25
CA ALA A 386 -13.04 -24.63 46.39
C ALA A 386 -12.29 -25.81 47.01
N GLN A 387 -11.06 -25.61 47.50
CA GLN A 387 -10.27 -26.72 48.07
C GLN A 387 -10.99 -27.53 49.18
N PRO A 388 -11.67 -26.86 50.13
CA PRO A 388 -12.41 -27.63 51.14
C PRO A 388 -13.46 -28.56 50.53
N GLU A 389 -14.16 -28.08 49.52
CA GLU A 389 -15.19 -28.87 48.83
C GLU A 389 -14.59 -29.98 47.98
N LEU A 390 -13.43 -29.71 47.37
CA LEU A 390 -12.75 -30.72 46.55
C LEU A 390 -12.09 -31.79 47.41
N LYS A 391 -11.70 -31.44 48.63
CA LYS A 391 -11.29 -32.43 49.61
C LYS A 391 -12.45 -33.38 49.96
N LYS A 392 -13.64 -32.82 50.19
CA LYS A 392 -14.84 -33.62 50.46
C LYS A 392 -15.32 -34.43 49.25
N LEU A 393 -15.16 -33.88 48.03
CA LEU A 393 -15.53 -34.61 46.80
C LEU A 393 -14.71 -35.87 46.55
N HIS A 394 -13.54 -35.96 47.20
CA HIS A 394 -12.75 -37.19 47.18
C HIS A 394 -13.60 -38.43 47.50
N ASP A 395 -14.45 -38.32 48.52
CA ASP A 395 -15.20 -39.48 49.01
C ASP A 395 -16.14 -40.09 47.95
N PRO A 396 -17.06 -39.30 47.39
CA PRO A 396 -17.93 -39.88 46.34
C PRO A 396 -17.17 -40.28 45.08
N VAL A 397 -16.14 -39.53 44.70
CA VAL A 397 -15.33 -39.90 43.54
C VAL A 397 -14.58 -41.22 43.76
N PHE A 398 -13.99 -41.37 44.94
CA PHE A 398 -13.29 -42.61 45.31
C PHE A 398 -14.27 -43.79 45.34
N GLU A 399 -15.47 -43.58 45.87
CA GLU A 399 -16.52 -44.58 45.89
C GLU A 399 -16.98 -44.97 44.49
N GLY A 400 -17.08 -44.00 43.60
CA GLY A 400 -17.41 -44.25 42.20
C GLY A 400 -16.37 -45.10 41.47
N LEU A 401 -15.10 -44.91 41.80
CA LEU A 401 -14.03 -45.76 41.25
C LEU A 401 -14.12 -47.20 41.75
N LYS A 402 -14.47 -47.38 43.01
CA LYS A 402 -14.71 -48.72 43.58
C LYS A 402 -15.85 -49.45 42.88
N GLN A 403 -16.92 -48.71 42.55
CA GLN A 403 -18.06 -49.27 41.81
C GLN A 403 -17.82 -49.42 40.30
N GLY A 404 -16.65 -49.01 39.83
CA GLY A 404 -16.25 -49.23 38.44
C GLY A 404 -16.86 -48.28 37.42
N LYS A 405 -17.27 -47.09 37.85
CA LYS A 405 -17.89 -46.11 36.96
C LYS A 405 -16.89 -45.55 35.94
N VAL A 406 -15.63 -45.43 36.38
CA VAL A 406 -14.53 -45.14 35.47
C VAL A 406 -13.42 -46.16 35.72
N ASP A 407 -12.82 -46.63 34.62
CA ASP A 407 -11.66 -47.52 34.67
C ASP A 407 -10.42 -46.63 34.60
N ALA A 408 -9.88 -46.29 35.77
CA ALA A 408 -8.84 -45.28 35.90
C ALA A 408 -7.47 -45.90 36.17
N PRO A 409 -6.45 -45.54 35.37
CA PRO A 409 -5.09 -45.94 35.71
C PRO A 409 -4.70 -45.40 37.08
N VAL A 410 -3.92 -46.15 37.83
CA VAL A 410 -3.53 -45.70 39.15
C VAL A 410 -2.02 -45.83 39.33
N ALA A 411 -1.45 -44.86 40.02
CA ALA A 411 -0.03 -44.86 40.33
C ALA A 411 0.08 -44.96 41.84
N HIS A 412 0.84 -45.94 42.31
CA HIS A 412 1.08 -46.12 43.74
C HIS A 412 2.43 -45.49 44.11
N LEU A 413 2.40 -44.49 44.99
CA LEU A 413 3.59 -43.72 45.34
C LEU A 413 3.91 -43.86 46.83
N VAL A 414 5.20 -43.91 47.14
CA VAL A 414 5.70 -43.90 48.51
C VAL A 414 6.84 -42.88 48.54
N GLU A 415 6.69 -41.82 49.34
CA GLU A 415 7.67 -40.73 49.35
C GLU A 415 8.03 -40.29 50.77
N PRO A 416 9.30 -39.92 51.00
CA PRO A 416 9.75 -39.54 52.35
C PRO A 416 9.46 -38.07 52.65
N ARG A 417 9.72 -37.67 53.90
CA ARG A 417 9.56 -36.28 54.35
C ARG A 417 10.35 -35.31 53.47
N GLY A 418 9.74 -34.18 53.15
CA GLY A 418 10.40 -33.11 52.40
C GLY A 418 10.53 -33.31 50.90
N GLU A 419 9.96 -34.41 50.39
CA GLU A 419 9.90 -34.65 48.95
C GLU A 419 8.87 -33.69 48.37
N LEU A 420 9.36 -32.54 47.90
CA LEU A 420 8.50 -31.47 47.42
C LEU A 420 8.34 -31.58 45.90
N SER A 421 7.13 -31.96 45.50
CA SER A 421 6.77 -32.00 44.10
C SER A 421 6.49 -30.55 43.64
N ASN A 422 7.40 -30.00 42.82
CA ASN A 422 7.26 -28.62 42.33
C ASN A 422 5.99 -28.47 41.48
N THR A 423 5.44 -27.26 41.46
CA THR A 423 4.12 -27.04 40.88
C THR A 423 4.08 -27.39 39.40
N HIS A 424 2.92 -27.89 39.00
CA HIS A 424 2.68 -28.44 37.68
C HIS A 424 1.17 -28.57 37.50
N CYS A 425 0.74 -29.20 36.41
CA CYS A 425 -0.67 -29.53 36.22
C CYS A 425 -0.75 -30.81 35.40
N HIS A 426 -1.97 -31.32 35.26
CA HIS A 426 -2.22 -32.51 34.45
C HIS A 426 -3.30 -32.20 33.45
N ASP A 427 -3.36 -33.00 32.40
CA ASP A 427 -4.24 -32.72 31.26
C ASP A 427 -5.64 -33.33 31.42
N GLY A 428 -5.78 -34.25 32.38
CA GLY A 428 -7.09 -34.72 32.84
C GLY A 428 -7.22 -34.58 34.34
N ASP A 429 -8.43 -34.75 34.86
CA ASP A 429 -8.69 -34.72 36.30
C ASP A 429 -8.03 -35.92 36.96
N GLU A 430 -7.59 -35.72 38.19
CA GLU A 430 -7.03 -36.78 39.00
C GLU A 430 -7.69 -36.84 40.38
N LEU A 431 -7.69 -38.03 40.97
CA LEU A 431 -8.02 -38.21 42.38
C LEU A 431 -6.75 -38.60 43.12
N CYS A 432 -6.37 -37.78 44.09
CA CYS A 432 -5.27 -38.11 45.00
C CYS A 432 -5.89 -38.72 46.26
N HIS A 433 -5.43 -39.91 46.62
CA HIS A 433 -5.92 -40.62 47.82
C HIS A 433 -4.73 -40.99 48.72
N ILE A 434 -4.76 -40.52 49.95
CA ILE A 434 -3.70 -40.81 50.93
C ILE A 434 -4.02 -42.11 51.68
N VAL A 435 -3.12 -43.10 51.59
CA VAL A 435 -3.27 -44.36 52.30
C VAL A 435 -2.75 -44.17 53.72
N SER A 436 -1.53 -43.64 53.84
CA SER A 436 -0.95 -43.34 55.15
C SER A 436 -0.02 -42.13 55.08
N GLY A 437 0.19 -41.50 56.24
CA GLY A 437 1.04 -40.32 56.35
C GLY A 437 0.27 -39.03 56.14
N THR A 438 1.01 -37.95 55.88
CA THR A 438 0.47 -36.60 55.82
C THR A 438 1.08 -35.86 54.63
N MSE A 439 0.22 -35.25 53.81
CA MSE A 439 0.62 -34.48 52.63
C MSE A 439 0.12 -33.07 52.79
O MSE A 439 -1.03 -32.85 53.19
CB MSE A 439 0.01 -35.10 51.37
CG MSE A 439 0.39 -34.33 50.10
SE MSE A 439 -0.58 -34.99 48.52
CE MSE A 439 0.59 -36.51 48.12
N ARG A 440 0.99 -32.10 52.50
CA ARG A 440 0.57 -30.73 52.25
C ARG A 440 0.28 -30.61 50.76
N PHE A 441 -0.99 -30.42 50.42
CA PHE A 441 -1.40 -30.25 49.03
C PHE A 441 -1.54 -28.77 48.69
N GLU A 442 -0.70 -28.29 47.77
CA GLU A 442 -0.59 -26.86 47.45
C GLU A 442 -1.36 -26.55 46.18
N SER A 443 -2.33 -25.65 46.27
CA SER A 443 -3.20 -25.30 45.14
C SER A 443 -2.99 -23.86 44.64
N GLY A 444 -2.19 -23.08 45.36
CA GLY A 444 -1.95 -21.67 45.02
C GLY A 444 -1.25 -20.97 46.17
N LEU A 445 -0.97 -19.69 46.00
CA LEU A 445 -0.27 -18.91 47.03
C LEU A 445 -1.22 -18.67 48.20
N GLY A 446 -0.83 -19.18 49.37
CA GLY A 446 -1.66 -19.11 50.56
C GLY A 446 -2.84 -20.07 50.53
N SER A 447 -2.78 -21.08 49.66
CA SER A 447 -3.87 -22.04 49.49
C SER A 447 -3.34 -23.45 49.58
N SER A 448 -3.58 -24.08 50.74
CA SER A 448 -3.02 -25.38 51.10
C SER A 448 -4.06 -26.24 51.82
N LEU A 449 -3.95 -27.54 51.63
CA LEU A 449 -4.72 -28.53 52.38
C LEU A 449 -3.75 -29.48 53.03
N THR A 450 -4.08 -29.91 54.24
CA THR A 450 -3.39 -31.01 54.89
C THR A 450 -4.25 -32.26 54.68
N LEU A 451 -3.67 -33.29 54.06
CA LEU A 451 -4.37 -34.54 53.79
C LEU A 451 -3.77 -35.69 54.60
N GLN A 452 -4.61 -36.35 55.39
N GLN A 452 -4.60 -36.36 55.38
CA GLN A 452 -4.20 -37.46 56.26
CA GLN A 452 -4.15 -37.47 56.21
C GLN A 452 -4.71 -38.79 55.71
C GLN A 452 -4.72 -38.80 55.71
N ALA A 453 -4.38 -39.88 56.41
CA ALA A 453 -4.80 -41.22 56.00
C ALA A 453 -6.32 -41.29 55.75
N GLY A 454 -6.71 -41.92 54.65
CA GLY A 454 -8.12 -42.00 54.27
C GLY A 454 -8.69 -40.77 53.57
N GLU A 455 -7.96 -39.65 53.59
CA GLU A 455 -8.43 -38.43 52.95
C GLU A 455 -7.78 -38.26 51.58
N GLY A 456 -8.21 -37.23 50.87
CA GLY A 456 -7.68 -36.97 49.54
C GLY A 456 -8.31 -35.75 48.92
N VAL A 457 -8.08 -35.56 47.62
CA VAL A 457 -8.55 -34.37 46.91
C VAL A 457 -8.75 -34.65 45.44
N VAL A 458 -9.76 -34.01 44.87
CA VAL A 458 -9.99 -34.03 43.43
C VAL A 458 -9.13 -32.93 42.82
N ILE A 459 -8.24 -33.31 41.91
CA ILE A 459 -7.32 -32.37 41.25
C ILE A 459 -7.85 -32.08 39.84
N LYS A 460 -8.26 -30.83 39.62
CA LYS A 460 -8.90 -30.43 38.36
C LYS A 460 -7.84 -30.21 37.28
N ARG A 461 -8.15 -30.66 36.07
CA ARG A 461 -7.24 -30.54 34.94
C ARG A 461 -6.79 -29.10 34.69
N ASN A 462 -5.52 -28.96 34.32
CA ASN A 462 -4.90 -27.67 34.01
C ASN A 462 -4.70 -26.72 35.19
N ARG A 463 -5.15 -27.10 36.39
CA ARG A 463 -4.97 -26.21 37.54
C ARG A 463 -3.61 -26.43 38.15
N LEU A 464 -2.92 -25.32 38.43
CA LEU A 464 -1.57 -25.36 38.98
C LEU A 464 -1.60 -25.85 40.43
N HIS A 465 -0.73 -26.81 40.73
CA HIS A 465 -0.66 -27.40 42.07
C HIS A 465 0.64 -28.13 42.28
N GLY A 466 0.97 -28.34 43.56
CA GLY A 466 2.12 -29.18 43.95
C GLY A 466 1.84 -29.85 45.28
N ALA A 467 2.86 -30.50 45.84
CA ALA A 467 2.72 -31.17 47.13
C ALA A 467 4.04 -31.32 47.84
N ASN A 468 3.96 -31.41 49.17
CA ASN A 468 5.11 -31.77 50.00
C ASN A 468 4.67 -32.82 51.03
N ILE A 469 5.58 -33.72 51.37
CA ILE A 469 5.32 -34.75 52.36
C ILE A 469 5.72 -34.23 53.75
N GLU A 470 4.77 -34.19 54.66
CA GLU A 470 4.95 -33.61 56.00
C GLU A 470 5.21 -34.66 57.10
N SER A 471 4.91 -35.92 56.81
CA SER A 471 5.20 -37.03 57.72
C SER A 471 6.50 -37.70 57.30
N ASP A 472 6.97 -38.65 58.10
CA ASP A 472 8.22 -39.37 57.80
C ASP A 472 8.15 -40.08 56.45
N GLU A 473 7.00 -40.70 56.19
CA GLU A 473 6.72 -41.34 54.93
C GLU A 473 5.23 -41.13 54.61
N CYS A 474 4.91 -41.02 53.32
CA CYS A 474 3.52 -40.91 52.89
C CYS A 474 3.28 -41.92 51.77
N VAL A 475 2.29 -42.78 51.96
CA VAL A 475 1.87 -43.72 50.93
C VAL A 475 0.59 -43.16 50.34
N TYR A 476 0.56 -42.95 49.03
CA TYR A 476 -0.61 -42.41 48.38
C TYR A 476 -0.81 -42.91 46.96
N GLU A 477 -1.99 -42.65 46.42
CA GLU A 477 -2.40 -43.11 45.10
C GLU A 477 -2.89 -41.95 44.26
N ILE A 478 -2.51 -41.95 42.99
CA ILE A 478 -3.04 -41.00 42.03
C ILE A 478 -3.85 -41.77 40.99
N HIS A 479 -5.15 -41.53 40.94
CA HIS A 479 -6.04 -42.14 39.95
C HIS A 479 -6.32 -41.15 38.82
N SER A 480 -5.97 -41.54 37.59
CA SER A 480 -6.20 -40.67 36.44
C SER A 480 -7.60 -40.88 35.92
N VAL A 481 -8.54 -40.11 36.44
CA VAL A 481 -9.98 -40.31 36.17
C VAL A 481 -10.50 -39.62 34.90
N GLY A 482 -9.71 -38.70 34.33
CA GLY A 482 -10.11 -38.00 33.10
C GLY A 482 -11.08 -36.87 33.40
N ASP A 483 -12.32 -37.25 33.71
CA ASP A 483 -13.34 -36.31 34.14
C ASP A 483 -13.92 -36.85 35.46
N TYR A 484 -13.65 -36.16 36.57
CA TYR A 484 -14.08 -36.63 37.89
C TYR A 484 -15.60 -36.74 38.02
N ARG A 485 -16.33 -35.94 37.25
CA ARG A 485 -17.79 -35.94 37.28
C ARG A 485 -18.39 -37.28 36.85
N LYS A 486 -17.67 -38.01 36.00
CA LYS A 486 -18.09 -39.36 35.58
C LYS A 486 -18.05 -40.40 36.72
N CYS A 487 -17.35 -40.07 37.81
CA CYS A 487 -17.27 -40.95 38.97
C CYS A 487 -18.40 -40.69 39.98
N LEU A 488 -19.20 -39.67 39.75
CA LEU A 488 -20.24 -39.27 40.70
C LEU A 488 -21.55 -39.98 40.36
N HIS B 20 13.64 -39.39 37.21
CA HIS B 20 14.87 -38.65 37.62
C HIS B 20 15.39 -37.73 36.51
N VAL B 21 16.23 -36.78 36.90
CA VAL B 21 16.77 -35.79 35.96
C VAL B 21 17.81 -36.48 35.09
N PRO B 22 17.65 -36.41 33.76
CA PRO B 22 18.70 -36.97 32.93
C PRO B 22 20.04 -36.25 33.15
N PRO B 23 21.16 -36.94 32.89
CA PRO B 23 22.45 -36.24 32.98
C PRO B 23 22.56 -35.07 32.00
N HIS B 24 23.29 -34.04 32.41
CA HIS B 24 23.56 -32.88 31.57
C HIS B 24 24.73 -33.16 30.66
N VAL B 25 24.48 -33.13 29.36
CA VAL B 25 25.54 -33.19 28.36
C VAL B 25 26.07 -31.76 28.19
N PRO B 26 27.36 -31.51 28.51
CA PRO B 26 27.86 -30.13 28.34
C PRO B 26 27.81 -29.67 26.88
N PHE B 27 27.49 -28.39 26.68
CA PHE B 27 27.51 -27.79 25.35
C PHE B 27 28.90 -27.96 24.76
N GLU B 28 28.96 -28.51 23.55
CA GLU B 28 30.23 -28.76 22.88
C GLU B 28 30.05 -28.60 21.37
N LEU B 29 30.90 -27.79 20.76
CA LEU B 29 30.90 -27.60 19.31
C LEU B 29 32.32 -27.24 18.86
N SER B 30 32.94 -28.13 18.10
CA SER B 30 34.35 -28.00 17.71
C SER B 30 34.64 -28.78 16.44
N GLY B 31 35.86 -28.65 15.94
CA GLY B 31 36.33 -29.44 14.80
C GLY B 31 35.48 -29.23 13.55
N ALA B 32 35.22 -30.31 12.83
CA ALA B 32 34.43 -30.27 11.60
C ALA B 32 32.99 -29.84 11.85
N GLU B 33 32.41 -30.25 12.98
CA GLU B 33 31.04 -29.88 13.31
C GLU B 33 30.89 -28.35 13.46
N LEU B 34 31.85 -27.72 14.13
CA LEU B 34 31.89 -26.27 14.24
C LEU B 34 32.06 -25.61 12.88
N ARG B 35 33.00 -26.09 12.05
CA ARG B 35 33.18 -25.56 10.69
C ARG B 35 31.87 -25.60 9.91
N ASP B 36 31.22 -26.76 9.93
CA ASP B 36 29.93 -26.94 9.25
C ASP B 36 28.85 -25.99 9.77
N ALA B 37 28.83 -25.76 11.09
CA ALA B 37 27.86 -24.85 11.70
C ALA B 37 28.11 -23.39 11.31
N ILE B 38 29.38 -23.01 11.21
CA ILE B 38 29.76 -21.67 10.78
C ILE B 38 29.36 -21.46 9.32
N VAL B 39 29.69 -22.43 8.47
CA VAL B 39 29.33 -22.41 7.05
C VAL B 39 27.81 -22.36 6.87
N GLN B 40 27.10 -23.14 7.69
CA GLN B 40 25.64 -23.15 7.66
C GLN B 40 25.04 -21.77 7.92
N TYR B 41 25.52 -21.08 8.96
CA TYR B 41 25.12 -19.71 9.22
C TYR B 41 25.40 -18.77 8.03
N ALA B 42 26.64 -18.83 7.55
CA ALA B 42 27.14 -17.85 6.61
C ALA B 42 26.72 -18.07 5.14
N THR B 43 26.09 -19.21 4.84
CA THR B 43 25.60 -19.49 3.49
C THR B 43 24.16 -19.03 3.24
N ASN B 44 23.57 -18.34 4.22
CA ASN B 44 22.38 -17.53 3.99
C ASN B 44 22.69 -16.57 2.83
N PRO B 45 21.84 -16.55 1.77
CA PRO B 45 22.17 -15.76 0.57
C PRO B 45 22.47 -14.27 0.77
N ILE B 46 21.92 -13.67 1.83
CA ILE B 46 22.23 -12.26 2.16
C ILE B 46 23.71 -11.99 2.50
N TYR B 47 24.50 -13.04 2.75
CA TYR B 47 25.92 -12.91 3.05
C TYR B 47 26.87 -13.18 1.87
N HIS B 48 26.31 -13.43 0.69
CA HIS B 48 27.11 -13.70 -0.51
C HIS B 48 27.87 -12.48 -0.99
N ASP B 49 28.94 -12.72 -1.74
CA ASP B 49 29.76 -11.64 -2.28
C ASP B 49 28.88 -10.62 -3.02
N ASN B 50 29.17 -9.35 -2.79
CA ASN B 50 28.54 -8.24 -3.47
C ASN B 50 29.17 -8.10 -4.88
N LEU B 51 28.34 -7.77 -5.86
CA LEU B 51 28.81 -7.49 -7.23
C LEU B 51 29.40 -6.09 -7.35
N ASP B 52 29.11 -5.22 -6.39
CA ASP B 52 29.69 -3.88 -6.29
C ASP B 52 30.55 -3.73 -5.02
N TRP B 53 31.28 -2.62 -4.94
CA TRP B 53 32.07 -2.26 -3.78
C TRP B 53 31.26 -1.79 -2.56
N LEU B 54 30.03 -1.35 -2.79
CA LEU B 54 29.20 -0.73 -1.79
C LEU B 54 27.85 -1.44 -1.70
N ASN B 55 27.29 -1.47 -0.49
CA ASN B 55 25.91 -1.88 -0.30
C ASN B 55 25.03 -0.67 -0.53
N HIS B 56 23.97 -0.87 -1.32
CA HIS B 56 23.11 0.23 -1.73
C HIS B 56 21.84 0.32 -0.91
N ASP B 57 21.95 0.98 0.24
CA ASP B 57 20.86 1.16 1.20
C ASP B 57 20.12 -0.15 1.48
N ASN B 58 20.89 -1.17 1.85
CA ASN B 58 20.35 -2.46 2.26
C ASN B 58 21.10 -2.90 3.52
N PRO B 59 20.50 -2.67 4.70
CA PRO B 59 21.17 -3.01 5.95
C PRO B 59 21.12 -4.49 6.31
N TYR B 60 20.54 -5.32 5.44
CA TYR B 60 20.41 -6.76 5.67
C TYR B 60 21.50 -7.57 4.95
N ARG B 61 22.30 -6.92 4.11
CA ARG B 61 23.34 -7.61 3.36
C ARG B 61 24.72 -7.25 3.90
N ARG B 62 25.46 -8.28 4.30
CA ARG B 62 26.79 -8.13 4.88
C ARG B 62 27.66 -9.20 4.25
N GLN B 63 28.82 -8.82 3.74
CA GLN B 63 29.64 -9.75 2.98
C GLN B 63 30.56 -10.55 3.89
N LEU B 64 30.30 -11.86 3.98
CA LEU B 64 31.03 -12.76 4.87
C LEU B 64 31.95 -13.72 4.14
N ARG B 65 32.02 -13.61 2.81
CA ARG B 65 32.84 -14.46 1.97
C ARG B 65 32.78 -15.93 2.38
N PRO B 66 31.58 -16.52 2.31
CA PRO B 66 31.37 -17.85 2.86
C PRO B 66 32.16 -18.96 2.16
N GLN B 67 32.51 -18.75 0.89
CA GLN B 67 33.35 -19.68 0.14
C GLN B 67 34.69 -20.02 0.81
N VAL B 68 35.24 -19.10 1.61
CA VAL B 68 36.52 -19.34 2.30
C VAL B 68 36.33 -20.04 3.65
N LEU B 69 35.15 -19.92 4.26
CA LEU B 69 34.92 -20.39 5.62
C LEU B 69 35.15 -21.89 5.90
N PRO B 70 34.93 -22.77 4.90
CA PRO B 70 35.26 -24.19 5.13
C PRO B 70 36.76 -24.49 5.34
N HIS B 71 37.64 -23.55 4.96
CA HIS B 71 39.08 -23.78 4.96
C HIS B 71 39.84 -23.11 6.10
N LEU B 72 39.13 -22.60 7.09
CA LEU B 72 39.74 -21.97 8.25
C LEU B 72 39.67 -22.87 9.48
N ASP B 73 40.68 -22.74 10.34
CA ASP B 73 40.76 -23.54 11.55
C ASP B 73 40.28 -22.74 12.76
N TYR B 74 39.03 -22.96 13.16
CA TYR B 74 38.41 -22.19 14.24
C TYR B 74 38.80 -22.68 15.63
N ASP B 75 39.45 -23.83 15.73
CA ASP B 75 39.89 -24.37 17.00
C ASP B 75 41.22 -23.79 17.49
N LYS B 76 42.10 -23.43 16.56
CA LYS B 76 43.39 -22.80 16.91
C LYS B 76 43.21 -21.32 17.16
N VAL B 77 43.02 -20.95 18.42
CA VAL B 77 42.79 -19.55 18.81
C VAL B 77 44.08 -18.73 18.64
N PRO B 78 44.04 -17.62 17.88
CA PRO B 78 45.27 -16.86 17.65
C PRO B 78 45.66 -15.97 18.82
N GLY B 79 46.97 -15.77 18.97
CA GLY B 79 47.51 -14.78 19.88
C GLY B 79 47.54 -13.42 19.22
N ARG B 80 47.93 -12.40 19.98
CA ARG B 80 47.90 -11.03 19.49
C ARG B 80 48.68 -10.79 18.19
N GLU B 81 49.79 -11.50 18.04
CA GLU B 81 50.65 -11.35 16.86
C GLU B 81 49.94 -11.74 15.55
N ASN B 82 48.93 -12.62 15.62
CA ASN B 82 48.21 -13.10 14.43
C ASN B 82 46.78 -12.61 14.33
N ILE B 83 46.47 -11.56 15.08
CA ILE B 83 45.09 -11.09 15.25
C ILE B 83 44.58 -10.24 14.07
N LEU B 84 45.47 -9.89 13.14
CA LEU B 84 45.09 -9.22 11.89
C LEU B 84 45.18 -10.15 10.67
N ASN B 85 45.39 -11.44 10.91
CA ASN B 85 45.30 -12.46 9.85
C ASN B 85 43.87 -12.60 9.34
N TYR B 86 43.73 -13.20 8.17
CA TYR B 86 42.43 -13.24 7.50
C TYR B 86 41.34 -13.93 8.33
N ALA B 87 41.67 -15.07 8.94
CA ALA B 87 40.69 -15.81 9.74
C ALA B 87 40.07 -14.92 10.82
N SER B 88 40.88 -14.06 11.43
CA SER B 88 40.39 -13.08 12.41
C SER B 88 39.45 -12.05 11.81
N LEU B 89 39.79 -11.52 10.63
CA LEU B 89 38.88 -10.62 9.89
C LEU B 89 37.56 -11.29 9.56
N ALA B 90 37.64 -12.53 9.09
CA ALA B 90 36.45 -13.31 8.75
C ALA B 90 35.54 -13.52 9.97
N VAL B 91 36.15 -13.84 11.12
CA VAL B 91 35.42 -14.04 12.36
C VAL B 91 34.80 -12.73 12.87
N GLN B 92 35.54 -11.61 12.77
CA GLN B 92 34.98 -10.31 13.13
C GLN B 92 33.75 -9.94 12.31
N ARG B 93 33.81 -10.23 11.00
CA ARG B 93 32.67 -9.99 10.12
C ARG B 93 31.46 -10.83 10.50
N LEU B 94 31.70 -12.12 10.74
CA LEU B 94 30.66 -13.02 11.27
C LEU B 94 30.03 -12.48 12.54
N LEU B 95 30.86 -12.11 13.52
CA LEU B 95 30.35 -11.65 14.82
C LEU B 95 29.51 -10.39 14.71
N THR B 96 29.94 -9.44 13.88
CA THR B 96 29.18 -8.22 13.70
C THR B 96 27.76 -8.54 13.21
N SER B 97 27.64 -9.48 12.27
CA SER B 97 26.35 -9.90 11.74
C SER B 97 25.51 -10.62 12.80
N VAL B 98 26.15 -11.50 13.56
CA VAL B 98 25.46 -12.22 14.65
C VAL B 98 24.91 -11.24 15.68
N TYR B 99 25.75 -10.33 16.17
CA TYR B 99 25.32 -9.34 17.17
C TYR B 99 24.20 -8.44 16.66
N GLU B 100 24.31 -8.03 15.39
CA GLU B 100 23.37 -7.06 14.84
C GLU B 100 21.98 -7.62 14.50
N ALA B 101 21.80 -8.93 14.52
CA ALA B 101 20.47 -9.52 14.46
C ALA B 101 19.55 -9.05 15.60
N ASP B 102 20.14 -8.62 16.72
CA ASP B 102 19.39 -8.02 17.85
C ASP B 102 19.05 -6.53 17.65
N LEU B 103 19.61 -5.89 16.63
CA LEU B 103 19.37 -4.48 16.39
C LEU B 103 18.33 -4.31 15.29
N VAL B 104 17.52 -3.27 15.40
CA VAL B 104 16.49 -2.96 14.39
C VAL B 104 17.10 -2.04 13.33
N PHE B 105 17.04 -2.48 12.08
CA PHE B 105 17.41 -1.63 10.94
C PHE B 105 16.29 -1.65 9.91
N PHE B 106 16.04 -0.48 9.32
CA PHE B 106 15.24 -0.36 8.11
C PHE B 106 16.04 0.45 7.10
N PRO B 107 15.86 0.18 5.80
CA PRO B 107 16.56 1.03 4.82
C PRO B 107 16.14 2.49 4.94
N LYS B 108 17.06 3.40 4.63
CA LYS B 108 16.73 4.83 4.58
C LYS B 108 15.58 5.12 3.62
N SER B 109 15.55 4.39 2.50
CA SER B 109 14.51 4.57 1.48
C SER B 109 13.25 3.75 1.76
N GLY B 110 13.15 3.16 2.96
CA GLY B 110 11.99 2.39 3.35
C GLY B 110 12.15 0.90 3.06
N LEU B 111 11.25 0.11 3.63
CA LEU B 111 11.34 -1.33 3.63
C LEU B 111 10.81 -1.94 2.34
N LYS B 112 9.88 -1.24 1.67
CA LYS B 112 9.28 -1.74 0.44
C LYS B 112 10.34 -2.07 -0.61
N GLY B 113 10.31 -3.31 -1.10
CA GLY B 113 11.31 -3.81 -2.03
C GLY B 113 12.42 -4.63 -1.39
N LYS B 114 12.54 -4.55 -0.06
CA LYS B 114 13.61 -5.26 0.66
C LYS B 114 13.06 -6.18 1.75
N GLU B 115 11.82 -6.63 1.57
CA GLU B 115 11.12 -7.48 2.56
C GLU B 115 11.73 -8.86 2.67
N GLU B 116 12.14 -9.45 1.55
CA GLU B 116 12.75 -10.77 1.56
C GLU B 116 14.08 -10.81 2.31
N ASP B 117 14.91 -9.79 2.11
CA ASP B 117 16.18 -9.69 2.83
C ASP B 117 15.97 -9.43 4.33
N PHE B 118 15.02 -8.55 4.64
CA PHE B 118 14.55 -8.28 6.00
C PHE B 118 14.19 -9.57 6.72
N ARG B 119 13.38 -10.40 6.07
CA ARG B 119 12.96 -11.68 6.64
C ARG B 119 14.10 -12.71 6.71
N ALA B 120 15.07 -12.63 5.79
CA ALA B 120 16.21 -13.53 5.79
C ALA B 120 17.17 -13.24 6.95
N PHE B 121 17.32 -11.97 7.30
CA PHE B 121 18.19 -11.54 8.39
C PHE B 121 17.48 -11.77 9.74
N TYR B 122 16.25 -11.27 9.86
CA TYR B 122 15.44 -11.48 11.05
C TYR B 122 14.57 -12.71 10.85
N SER B 123 15.18 -13.88 10.98
CA SER B 123 14.45 -15.15 10.97
C SER B 123 14.86 -15.98 12.17
N PRO B 124 13.98 -16.89 12.60
CA PRO B 124 14.35 -17.84 13.66
C PRO B 124 15.63 -18.60 13.33
N ALA B 125 15.77 -19.05 12.08
CA ALA B 125 16.95 -19.78 11.64
C ALA B 125 18.24 -18.96 11.70
N ASN B 126 18.24 -17.74 11.16
CA ASN B 126 19.44 -16.92 11.13
C ASN B 126 19.97 -16.58 12.54
N ARG B 127 19.04 -16.30 13.45
CA ARG B 127 19.38 -16.05 14.84
C ARG B 127 19.94 -17.28 15.52
N ALA B 128 19.24 -18.41 15.40
CA ALA B 128 19.67 -19.65 16.05
C ALA B 128 21.02 -20.15 15.54
N LEU B 129 21.22 -20.10 14.22
CA LEU B 129 22.49 -20.53 13.63
C LEU B 129 23.67 -19.68 14.08
N GLY B 130 23.46 -18.36 14.16
CA GLY B 130 24.49 -17.44 14.63
C GLY B 130 24.76 -17.57 16.12
N GLU B 131 23.70 -17.73 16.92
CA GLU B 131 23.84 -17.89 18.36
C GLU B 131 24.53 -19.19 18.77
N ARG B 132 24.35 -20.25 17.99
CA ARG B 132 25.00 -21.52 18.27
C ARG B 132 26.54 -21.47 18.13
N ILE B 133 27.02 -20.71 17.15
CA ILE B 133 28.45 -20.57 16.89
C ILE B 133 29.08 -19.40 17.65
N ARG B 134 28.25 -18.57 18.28
CA ARG B 134 28.75 -17.38 18.95
C ARG B 134 29.81 -17.64 20.06
N PRO B 135 29.62 -18.65 20.92
CA PRO B 135 30.68 -18.94 21.90
C PRO B 135 32.04 -19.21 21.29
N ALA B 136 32.10 -20.07 20.27
CA ALA B 136 33.37 -20.38 19.59
C ALA B 136 33.96 -19.19 18.83
N LEU B 137 33.09 -18.39 18.22
CA LEU B 137 33.54 -17.18 17.55
C LEU B 137 34.16 -16.18 18.54
N GLU B 138 33.53 -16.04 19.71
CA GLU B 138 34.03 -15.15 20.76
C GLU B 138 35.36 -15.61 21.37
N ARG B 139 35.56 -16.91 21.54
CA ARG B 139 36.88 -17.42 21.90
C ARG B 139 37.94 -17.09 20.82
N TYR B 140 37.59 -17.26 19.55
CA TYR B 140 38.50 -16.95 18.45
C TYR B 140 38.84 -15.46 18.42
N ALA B 141 37.83 -14.63 18.55
CA ALA B 141 37.97 -13.17 18.48
C ALA B 141 38.68 -12.56 19.69
N PHE B 142 38.34 -13.04 20.90
CA PHE B 142 38.75 -12.38 22.14
C PHE B 142 39.69 -13.18 23.03
N GLY B 143 39.95 -14.44 22.70
CA GLY B 143 40.76 -15.33 23.52
C GLY B 143 42.16 -14.80 23.82
N PHE B 144 42.77 -14.14 22.83
CA PHE B 144 44.11 -13.55 22.98
C PHE B 144 44.22 -12.57 24.14
N LEU B 145 43.12 -11.91 24.50
CA LEU B 145 43.12 -10.96 25.62
C LEU B 145 43.45 -11.58 26.98
N ASP B 146 43.26 -12.89 27.12
CA ASP B 146 43.61 -13.59 28.36
C ASP B 146 45.10 -13.43 28.68
N ASP B 147 45.95 -13.47 27.66
CA ASP B 147 47.40 -13.32 27.83
C ASP B 147 47.89 -11.88 27.79
N GLU B 148 47.06 -10.97 27.28
CA GLU B 148 47.48 -9.58 27.18
C GLU B 148 47.22 -8.82 28.45
N VAL B 149 46.37 -9.36 29.31
CA VAL B 149 45.97 -8.62 30.48
C VAL B 149 46.07 -9.52 31.71
N GLU B 150 46.54 -8.97 32.82
CA GLU B 150 46.53 -9.69 34.09
C GLU B 150 46.03 -8.82 35.22
N THR B 151 45.07 -9.33 35.97
CA THR B 151 44.41 -8.56 37.02
C THR B 151 44.45 -9.35 38.32
C GLY B 153 44.92 -9.91 43.67
N THR B 154 45.03 -9.00 44.63
CA THR B 154 43.93 -8.70 45.53
C THR B 154 43.65 -7.21 45.53
N TRP B 155 42.41 -6.88 45.21
CA TRP B 155 42.00 -5.49 45.05
C TRP B 155 41.11 -5.02 46.19
N THR B 156 41.12 -3.72 46.45
CA THR B 156 40.19 -3.10 47.38
C THR B 156 39.73 -1.79 46.78
N ALA B 157 38.78 -1.14 47.42
CA ALA B 157 38.25 0.14 46.93
C ALA B 157 39.33 1.20 46.82
N GLN B 158 40.25 1.23 47.80
CA GLN B 158 41.32 2.21 47.80
C GLN B 158 42.30 1.93 46.66
N SER B 159 42.70 0.68 46.52
CA SER B 159 43.66 0.34 45.49
C SER B 159 43.03 0.52 44.11
N LEU B 160 41.71 0.33 43.99
CA LEU B 160 41.00 0.65 42.74
C LEU B 160 41.05 2.14 42.44
N ASP B 161 40.80 2.96 43.47
CA ASP B 161 40.88 4.41 43.31
C ASP B 161 42.27 4.86 42.89
N ALA B 162 43.29 4.21 43.42
CA ALA B 162 44.67 4.50 43.03
C ALA B 162 44.90 4.17 41.54
N TYR B 163 44.41 3.02 41.09
CA TYR B 163 44.57 2.58 39.70
C TYR B 163 43.83 3.50 38.76
N LEU B 164 42.62 3.83 39.13
CA LEU B 164 41.90 4.74 38.29
C LEU B 164 42.60 6.09 38.20
N ASP B 165 43.04 6.61 39.35
CA ASP B 165 43.59 7.96 39.36
C ASP B 165 44.77 8.00 38.43
N SER B 166 45.50 6.89 38.35
CA SER B 166 46.67 6.82 37.52
C SER B 166 46.40 6.82 36.02
N LEU B 167 45.14 6.66 35.61
CA LEU B 167 44.84 6.62 34.17
C LEU B 167 44.97 8.01 33.52
N ASP B 168 45.08 9.06 34.34
CA ASP B 168 45.17 10.44 33.87
C ASP B 168 46.59 11.01 34.05
N GLU B 174 50.10 15.53 23.46
CA GLU B 174 50.88 15.16 22.28
C GLU B 174 49.97 14.66 21.15
N GLN B 175 50.57 14.31 20.01
CA GLN B 175 49.84 13.84 18.84
C GLN B 175 49.50 12.36 18.96
N SER B 176 48.26 12.00 18.65
CA SER B 176 47.82 10.60 18.68
C SER B 176 48.21 9.87 17.39
N PRO B 177 48.31 8.52 17.42
CA PRO B 177 48.67 7.82 16.19
C PRO B 177 47.71 8.07 15.02
N VAL B 178 46.42 8.26 15.32
CA VAL B 178 45.43 8.56 14.27
C VAL B 178 45.66 9.95 13.67
N GLU B 179 45.95 10.93 14.52
CA GLU B 179 46.28 12.28 14.05
C GLU B 179 47.52 12.29 13.14
N LYS B 180 48.57 11.61 13.57
CA LYS B 180 49.80 11.47 12.77
C LYS B 180 49.55 10.80 11.41
N ALA B 181 48.79 9.71 11.41
CA ALA B 181 48.49 8.98 10.18
C ALA B 181 47.69 9.82 9.18
N ILE B 182 46.70 10.57 9.68
CA ILE B 182 45.86 11.39 8.80
C ILE B 182 46.58 12.67 8.35
N LEU B 183 47.21 13.39 9.27
CA LEU B 183 47.92 14.63 8.94
C LEU B 183 49.17 14.40 8.10
N GLY B 184 49.83 13.26 8.33
CA GLY B 184 51.00 12.88 7.53
C GLY B 184 50.71 12.18 6.21
N SER B 185 49.43 12.03 5.86
CA SER B 185 49.02 11.29 4.66
C SER B 185 49.27 12.07 3.35
N ALA B 186 49.52 11.33 2.28
CA ALA B 186 49.56 11.88 0.92
C ALA B 186 48.21 12.44 0.47
N ASP B 187 47.12 11.91 1.01
CA ASP B 187 45.78 12.44 0.78
C ASP B 187 45.05 12.50 2.12
N ARG B 188 45.10 13.68 2.76
CA ARG B 188 44.52 13.86 4.10
C ARG B 188 43.02 13.68 4.13
N GLU B 189 42.35 14.23 3.13
CA GLU B 189 40.90 14.11 3.05
C GLU B 189 40.44 12.65 2.89
N ARG B 190 41.15 11.90 2.03
CA ARG B 190 40.87 10.48 1.85
C ARG B 190 41.09 9.68 3.14
N ALA B 191 42.20 9.96 3.83
CA ALA B 191 42.52 9.29 5.08
C ALA B 191 41.47 9.56 6.15
N ALA B 192 41.03 10.81 6.25
CA ALA B 192 40.00 11.20 7.22
C ALA B 192 38.65 10.57 6.90
N ARG B 193 38.32 10.44 5.61
CA ARG B 193 37.08 9.77 5.21
C ARG B 193 37.12 8.27 5.54
N MSE B 194 38.29 7.65 5.32
CA MSE B 194 38.51 6.24 5.65
C MSE B 194 38.35 6.04 7.14
O MSE B 194 37.78 5.04 7.58
CB MSE B 194 39.88 5.80 5.17
CG MSE B 194 40.21 4.33 5.45
SE MSE B 194 39.04 3.08 4.47
CE MSE B 194 40.04 1.43 4.80
N TRP B 195 38.85 6.99 7.93
CA TRP B 195 38.70 6.99 9.38
C TRP B 195 37.23 7.09 9.82
N LEU B 196 36.51 8.07 9.28
CA LEU B 196 35.12 8.31 9.64
C LEU B 196 34.21 7.10 9.39
N VAL B 197 34.42 6.40 8.27
CA VAL B 197 33.54 5.27 7.96
C VAL B 197 33.75 4.13 8.95
N GLN B 198 34.92 4.04 9.58
CA GLN B 198 35.16 3.01 10.59
C GLN B 198 34.16 3.10 11.76
N PHE B 199 33.66 4.30 12.03
CA PHE B 199 32.73 4.52 13.14
C PHE B 199 31.25 4.38 12.78
N ALA B 200 30.94 4.09 11.52
CA ALA B 200 29.55 4.03 11.08
C ALA B 200 28.69 3.03 11.89
N PRO B 201 29.14 1.78 12.06
CA PRO B 201 28.34 0.83 12.86
C PRO B 201 28.11 1.26 14.31
N ASP B 202 29.13 1.89 14.89
CA ASP B 202 29.10 2.33 16.28
C ASP B 202 28.24 3.58 16.47
N PHE B 203 28.60 4.66 15.77
CA PHE B 203 27.95 5.95 15.99
C PHE B 203 26.55 6.06 15.42
N LEU B 204 26.24 5.35 14.35
CA LEU B 204 24.88 5.41 13.77
C LEU B 204 23.87 4.60 14.58
N SER B 205 24.33 3.57 15.28
CA SER B 205 23.51 2.82 16.23
C SER B 205 23.88 3.21 17.66
N GLU B 206 24.17 4.48 17.91
CA GLU B 206 24.88 4.84 19.14
C GLU B 206 24.14 4.45 20.43
N ALA B 207 24.91 3.90 21.35
CA ALA B 207 24.42 3.45 22.65
C ALA B 207 23.70 2.09 22.61
N SER B 208 23.61 1.47 21.43
CA SER B 208 22.93 0.18 21.32
C SER B 208 23.57 -0.89 22.20
N PRO B 209 24.91 -1.04 22.14
CA PRO B 209 25.51 -2.04 23.02
C PRO B 209 25.31 -1.69 24.50
N MSE B 210 25.32 -0.41 24.84
N MSE B 210 25.33 -0.41 24.85
CA MSE B 210 25.11 0.01 26.23
CA MSE B 210 25.12 0.01 26.26
C MSE B 210 23.74 -0.29 26.72
C MSE B 210 23.72 -0.28 26.73
O MSE B 210 23.55 -0.63 27.88
O MSE B 210 23.54 -0.62 27.89
CB MSE B 210 25.29 1.51 26.35
CB MSE B 210 25.40 1.49 26.52
CG MSE B 210 26.35 1.85 27.37
CG MSE B 210 26.87 1.73 26.29
SE MSE B 210 26.25 3.82 27.36
SE MSE B 210 27.58 2.24 28.04
CE MSE B 210 27.59 4.22 25.98
CE MSE B 210 26.71 4.01 28.25
N MSE B 211 22.75 -0.14 25.84
CA MSE B 211 21.36 -0.46 26.17
CA MSE B 211 21.35 -0.46 26.17
C MSE B 211 21.17 -1.91 26.58
O MSE B 211 20.25 -2.23 27.36
CB MSE B 211 20.45 -0.15 24.97
CB MSE B 211 20.42 -0.17 24.99
CG MSE B 211 20.17 1.34 24.82
CG MSE B 211 19.97 1.30 25.06
SE MSE B 211 19.30 1.69 23.10
SE MSE B 211 18.48 1.39 26.35
CE MSE B 211 19.87 3.52 22.68
CE MSE B 211 17.17 0.26 25.40
N ARG B 212 22.02 -2.81 26.09
CA ARG B 212 21.93 -4.23 26.46
C ARG B 212 22.06 -4.43 27.98
N ASN B 213 22.82 -3.54 28.64
CA ASN B 213 23.06 -3.61 30.07
C ASN B 213 22.00 -3.00 30.94
N VAL B 214 21.02 -2.38 30.32
CA VAL B 214 19.95 -1.70 31.06
C VAL B 214 18.67 -2.58 31.15
N LEU B 215 18.61 -3.67 30.39
CA LEU B 215 17.48 -4.61 30.50
C LEU B 215 17.61 -5.39 31.81
N GLY B 216 16.49 -5.51 32.52
CA GLY B 216 16.41 -6.38 33.69
C GLY B 216 15.97 -5.65 34.94
N TYR B 217 16.54 -6.07 36.06
CA TYR B 217 16.12 -5.62 37.38
C TYR B 217 17.29 -5.76 38.34
N TYR B 218 17.96 -4.65 38.59
CA TYR B 218 19.08 -4.65 39.51
C TYR B 218 19.03 -3.34 40.32
N GLY B 219 20.10 -2.93 40.97
CA GLY B 219 19.96 -1.81 41.91
C GLY B 219 19.74 -0.41 41.34
N PRO B 220 20.04 0.62 42.15
CA PRO B 220 20.06 1.99 41.63
C PRO B 220 21.10 2.22 40.51
N ALA B 221 22.11 1.35 40.39
CA ALA B 221 23.07 1.44 39.31
C ALA B 221 22.42 1.32 37.92
N GLN B 222 21.32 0.56 37.84
CA GLN B 222 20.56 0.42 36.60
C GLN B 222 20.02 1.76 36.11
N SER B 223 19.43 2.54 37.03
CA SER B 223 18.92 3.86 36.71
C SER B 223 20.03 4.84 36.29
N GLU B 224 21.18 4.73 36.96
CA GLU B 224 22.34 5.58 36.64
C GLU B 224 22.95 5.21 35.29
N TRP B 225 23.03 3.91 34.98
CA TRP B 225 23.43 3.45 33.66
C TRP B 225 22.48 3.98 32.59
N PHE B 226 21.18 3.90 32.86
CA PHE B 226 20.15 4.41 31.95
C PHE B 226 20.24 5.95 31.73
N LYS B 227 20.58 6.69 32.79
CA LYS B 227 20.80 8.13 32.63
C LYS B 227 21.89 8.43 31.60
N VAL B 228 22.95 7.64 31.60
CA VAL B 228 24.01 7.84 30.63
C VAL B 228 23.48 7.56 29.22
N VAL B 229 22.75 6.47 29.07
CA VAL B 229 22.16 6.10 27.78
C VAL B 229 21.24 7.21 27.27
N ILE B 230 20.58 7.91 28.19
CA ILE B 230 19.64 8.94 27.80
C ILE B 230 20.37 10.10 27.13
N ASP B 231 21.56 10.43 27.60
CA ASP B 231 22.34 11.49 26.96
C ASP B 231 22.78 11.05 25.58
N GLU B 232 21.86 11.23 24.63
CA GLU B 232 21.86 10.73 23.24
C GLU B 232 20.50 10.08 22.95
N THR B 240 18.81 16.04 17.27
CA THR B 240 19.45 16.06 18.60
C THR B 240 20.07 14.72 19.03
N LYS B 241 19.42 13.62 18.64
CA LYS B 241 19.98 12.29 18.82
C LYS B 241 21.34 12.22 18.13
N HIS B 242 22.31 11.65 18.82
CA HIS B 242 23.70 11.65 18.37
C HIS B 242 23.88 10.95 17.02
N SER B 243 23.16 9.86 16.81
CA SER B 243 23.21 9.17 15.53
C SER B 243 22.95 10.15 14.40
N THR B 244 21.97 11.04 14.59
CA THR B 244 21.61 11.99 13.54
C THR B 244 22.67 13.05 13.29
N LEU B 245 23.41 13.40 14.33
CA LEU B 245 24.49 14.33 14.20
C LEU B 245 25.64 13.72 13.41
N PHE B 246 25.92 12.43 13.61
CA PHE B 246 26.97 11.78 12.84
C PHE B 246 26.59 11.55 11.38
N GLU B 247 25.29 11.42 11.09
CA GLU B 247 24.80 11.44 9.69
C GLU B 247 25.28 12.70 8.98
N ARG B 248 25.13 13.84 9.65
CA ARG B 248 25.53 15.13 9.09
C ARG B 248 27.04 15.25 8.90
N THR B 249 27.82 14.73 9.85
CA THR B 249 29.28 14.67 9.72
C THR B 249 29.67 13.93 8.46
N LEU B 250 29.13 12.72 8.28
CA LEU B 250 29.40 11.90 7.10
C LEU B 250 28.99 12.62 5.81
N GLU B 251 27.75 13.11 5.79
CA GLU B 251 27.20 13.79 4.61
C GLU B 251 27.93 15.09 4.26
N SER B 252 28.49 15.77 5.26
CA SER B 252 29.23 17.02 5.02
C SER B 252 30.59 16.82 4.33
N VAL B 253 31.12 15.59 4.33
CA VAL B 253 32.35 15.28 3.60
C VAL B 253 32.11 14.32 2.42
N GLY B 254 30.86 14.22 1.97
CA GLY B 254 30.53 13.42 0.80
C GLY B 254 30.35 11.92 1.02
N LEU B 255 30.14 11.51 2.28
CA LEU B 255 29.89 10.10 2.60
C LEU B 255 28.42 9.89 2.93
N GLU B 256 27.90 8.68 2.69
CA GLU B 256 26.50 8.36 3.00
C GLU B 256 26.38 7.73 4.39
N SER B 257 25.18 7.75 4.95
CA SER B 257 24.93 7.30 6.32
C SER B 257 23.97 6.10 6.40
N ASP B 258 23.83 5.35 5.32
CA ASP B 258 23.08 4.08 5.35
C ASP B 258 24.01 2.94 5.74
N LEU B 259 23.56 2.09 6.67
CA LEU B 259 24.32 0.92 7.08
C LEU B 259 24.03 -0.23 6.11
N HIS B 260 25.02 -1.05 5.73
CA HIS B 260 26.46 -0.80 5.89
C HIS B 260 27.04 -0.55 4.49
N ARG B 261 26.87 0.66 3.97
CA ARG B 261 27.37 1.00 2.64
C ARG B 261 28.83 0.61 2.50
N TYR B 262 29.62 0.97 3.50
CA TYR B 262 31.06 0.79 3.44
C TYR B 262 31.58 -0.48 4.12
N TRP B 263 30.73 -1.52 4.22
CA TRP B 263 31.11 -2.80 4.84
C TRP B 263 32.49 -3.31 4.43
N GLN B 264 32.77 -3.30 3.12
CA GLN B 264 34.04 -3.82 2.60
C GLN B 264 35.27 -2.99 2.96
N TYR B 265 35.03 -1.78 3.49
CA TYR B 265 36.10 -0.90 3.93
C TYR B 265 36.27 -0.82 5.45
N TYR B 266 35.48 -1.59 6.20
CA TYR B 266 35.63 -1.71 7.64
C TYR B 266 36.87 -2.55 7.95
N LEU B 267 37.82 -1.97 8.67
CA LEU B 267 39.02 -2.68 9.08
C LEU B 267 38.68 -3.74 10.12
N ASN B 268 39.48 -4.80 10.13
CA ASN B 268 39.44 -5.85 11.13
C ASN B 268 39.34 -5.23 12.54
N SER B 269 40.26 -4.32 12.85
CA SER B 269 40.35 -3.74 14.18
C SER B 269 39.15 -2.88 14.57
N SER B 270 38.51 -2.25 13.57
CA SER B 270 37.31 -1.45 13.81
C SER B 270 36.11 -2.32 14.18
N LEU B 271 35.97 -3.46 13.50
CA LEU B 271 34.96 -4.45 13.84
C LEU B 271 35.25 -5.03 15.23
N LEU B 272 36.52 -5.33 15.51
CA LEU B 272 36.95 -5.85 16.81
C LEU B 272 36.54 -4.92 17.95
N LEU B 273 36.82 -3.63 17.80
CA LEU B 273 36.45 -2.62 18.79
C LEU B 273 34.94 -2.51 19.00
N ASN B 274 34.18 -2.48 17.91
CA ASN B 274 32.72 -2.45 17.99
C ASN B 274 32.15 -3.75 18.61
N ASN B 275 32.66 -4.90 18.16
CA ASN B 275 32.20 -6.19 18.64
C ASN B 275 32.49 -6.44 20.13
N TYR B 276 33.59 -5.87 20.63
CA TYR B 276 33.92 -5.94 22.05
C TYR B 276 32.78 -5.47 22.94
N PHE B 277 32.14 -4.37 22.58
CA PHE B 277 31.05 -3.84 23.39
C PHE B 277 29.74 -4.62 23.29
N HIS B 278 29.48 -5.23 22.13
CA HIS B 278 28.36 -6.18 22.02
C HIS B 278 28.61 -7.44 22.84
N TYR B 279 29.86 -7.91 22.81
CA TYR B 279 30.35 -9.03 23.62
C TYR B 279 30.11 -8.79 25.11
N LEU B 280 30.58 -7.65 25.62
CA LEU B 280 30.35 -7.29 27.02
C LEU B 280 28.88 -7.10 27.35
N GLY B 281 28.14 -6.51 26.42
CA GLY B 281 26.73 -6.17 26.64
C GLY B 281 25.78 -7.36 26.60
N LYS B 282 26.06 -8.32 25.71
CA LYS B 282 25.24 -9.53 25.59
C LYS B 282 25.50 -10.55 26.68
N ASN B 283 26.73 -10.59 27.18
CA ASN B 283 27.19 -11.60 28.11
C ASN B 283 27.29 -11.00 29.49
N HIS B 284 26.24 -11.18 30.29
CA HIS B 284 26.15 -10.45 31.54
C HIS B 284 27.11 -10.94 32.64
N GLU B 285 27.77 -12.08 32.44
CA GLU B 285 28.91 -12.46 33.27
C GLU B 285 30.06 -11.45 33.12
N LEU B 286 30.04 -10.69 32.03
CA LEU B 286 31.02 -9.66 31.76
C LEU B 286 30.53 -8.26 32.11
N PHE B 287 29.40 -8.17 32.81
CA PHE B 287 28.80 -6.89 33.15
C PHE B 287 29.78 -5.90 33.83
N PHE B 288 30.61 -6.43 34.72
CA PHE B 288 31.54 -5.60 35.47
C PHE B 288 32.71 -5.12 34.63
N ARG B 289 33.08 -5.89 33.60
CA ARG B 289 34.03 -5.40 32.59
C ARG B 289 33.46 -4.21 31.85
N TYR B 290 32.18 -4.26 31.52
CA TYR B 290 31.52 -3.14 30.85
C TYR B 290 31.52 -1.91 31.77
N VAL B 291 31.27 -2.11 33.07
CA VAL B 291 31.35 -1.01 34.05
C VAL B 291 32.71 -0.31 33.91
N GLY B 292 33.78 -1.10 33.86
CA GLY B 292 35.13 -0.57 33.69
C GLY B 292 35.33 0.16 32.39
N ALA B 293 34.97 -0.48 31.28
CA ALA B 293 35.10 0.13 29.96
C ALA B 293 34.29 1.43 29.86
N LEU B 294 33.10 1.44 30.46
CA LEU B 294 32.28 2.65 30.48
C LEU B 294 33.00 3.79 31.22
N TYR B 295 33.62 3.49 32.35
CA TYR B 295 34.38 4.50 33.08
C TYR B 295 35.48 5.07 32.19
N TYR B 296 36.23 4.20 31.52
CA TYR B 296 37.33 4.63 30.66
C TYR B 296 36.84 5.50 29.50
N THR B 297 35.76 5.07 28.84
CA THR B 297 35.18 5.83 27.72
C THR B 297 34.66 7.19 28.17
N GLU B 298 33.99 7.25 29.33
CA GLU B 298 33.50 8.53 29.88
C GLU B 298 34.65 9.47 30.25
N SER B 299 35.71 8.88 30.79
CA SER B 299 36.90 9.59 31.20
C SER B 299 37.76 10.09 30.02
N SER B 300 37.64 9.44 28.87
CA SER B 300 38.37 9.80 27.63
C SER B 300 37.53 10.64 26.64
N LEU B 301 36.24 10.76 26.89
CA LEU B 301 35.29 11.28 25.90
C LEU B 301 35.56 12.72 25.46
N VAL B 302 35.85 13.59 26.43
CA VAL B 302 36.06 15.02 26.14
C VAL B 302 37.32 15.23 25.30
N ASP B 303 38.41 14.57 25.68
CA ASP B 303 39.65 14.63 24.92
C ASP B 303 39.49 14.08 23.50
N PHE B 304 38.83 12.94 23.36
CA PHE B 304 38.55 12.35 22.04
C PHE B 304 37.76 13.31 21.13
N CYS B 305 36.70 13.89 21.67
CA CYS B 305 35.84 14.78 20.90
C CYS B 305 36.52 16.10 20.50
N ARG B 306 37.33 16.63 21.40
CA ARG B 306 38.13 17.83 21.11
C ARG B 306 39.09 17.55 19.95
N ARG B 307 39.88 16.49 20.10
CA ARG B 307 40.85 16.09 19.09
C ARG B 307 40.20 15.80 17.76
N ALA B 308 39.03 15.15 17.79
CA ALA B 308 38.33 14.79 16.55
C ALA B 308 37.84 16.05 15.83
N ASP B 309 37.25 16.96 16.59
CA ASP B 309 36.82 18.26 16.07
C ASP B 309 37.98 19.02 15.43
N HIS B 310 39.10 19.12 16.16
CA HIS B 310 40.28 19.86 15.70
C HIS B 310 40.88 19.22 14.44
N LEU B 311 41.02 17.89 14.47
CA LEU B 311 41.58 17.14 13.33
C LEU B 311 40.74 17.32 12.07
N LEU B 312 39.43 17.14 12.20
CA LEU B 312 38.53 17.25 11.05
C LEU B 312 38.47 18.67 10.48
N ARG B 313 38.56 19.68 11.35
CA ARG B 313 38.56 21.07 10.88
C ARG B 313 39.85 21.38 10.10
N GLU B 314 40.99 20.89 10.61
CA GLU B 314 42.29 21.07 9.93
C GLU B 314 42.34 20.41 8.55
N VAL B 315 41.64 19.29 8.39
CA VAL B 315 41.61 18.55 7.11
C VAL B 315 40.60 19.13 6.12
N PHE B 316 39.39 19.42 6.59
CA PHE B 316 38.27 19.81 5.72
C PHE B 316 37.89 21.30 5.78
N GLY B 317 38.41 22.03 6.75
CA GLY B 317 38.04 23.43 6.92
C GLY B 317 36.64 23.57 7.50
N ASP B 318 35.88 24.52 6.97
CA ASP B 318 34.53 24.86 7.44
C ASP B 318 33.45 24.00 6.82
N THR B 319 33.78 23.22 5.80
CA THR B 319 32.82 22.34 5.14
C THR B 319 32.28 21.22 6.05
N VAL B 320 33.13 20.69 6.93
CA VAL B 320 32.79 19.56 7.78
C VAL B 320 31.88 19.96 8.96
N ASP B 321 30.86 19.14 9.23
CA ASP B 321 29.95 19.34 10.35
C ASP B 321 30.46 18.49 11.50
N THR B 322 30.94 19.14 12.56
CA THR B 322 31.48 18.44 13.71
C THR B 322 30.59 18.53 14.94
N THR B 323 29.34 18.92 14.75
CA THR B 323 28.41 19.03 15.86
C THR B 323 28.37 17.77 16.71
N TYR B 324 28.41 16.61 16.05
CA TYR B 324 28.39 15.34 16.75
C TYR B 324 29.42 15.30 17.87
N PHE B 325 30.61 15.81 17.59
CA PHE B 325 31.70 15.73 18.55
C PHE B 325 31.63 16.84 19.57
N THR B 326 31.25 18.04 19.13
CA THR B 326 31.24 19.19 20.03
C THR B 326 30.07 19.10 21.04
N GLU B 327 28.97 18.46 20.65
CA GLU B 327 27.84 18.26 21.57
C GLU B 327 28.21 17.38 22.77
N HIS B 328 29.09 16.40 22.58
CA HIS B 328 29.56 15.53 23.69
C HIS B 328 30.41 16.25 24.72
N ILE B 329 30.95 17.42 24.36
CA ILE B 329 31.72 18.22 25.31
C ILE B 329 30.74 18.90 26.25
N GLY B 336 32.70 10.51 33.98
CA GLY B 336 34.03 10.06 34.42
C GLY B 336 33.96 9.94 35.92
N ARG B 337 33.97 11.08 36.61
CA ARG B 337 33.79 11.12 38.05
C ARG B 337 32.38 10.66 38.38
N MSE B 338 31.44 10.93 37.49
N MSE B 338 31.44 10.91 37.49
CA MSE B 338 30.04 10.54 37.72
CA MSE B 338 30.05 10.53 37.69
C MSE B 338 29.87 9.06 37.61
C MSE B 338 29.85 9.06 37.59
O MSE B 338 29.05 8.51 38.31
O MSE B 338 28.93 8.52 38.21
CB MSE B 338 29.11 11.31 36.78
CB MSE B 338 29.18 11.18 36.61
CG MSE B 338 29.00 12.78 37.23
CG MSE B 338 27.80 10.50 36.43
SE MSE B 338 28.18 12.97 39.01
SE MSE B 338 27.83 8.78 35.45
CE MSE B 338 26.39 12.66 38.26
CE MSE B 338 28.82 9.28 33.80
N ALA B 339 30.63 8.40 36.75
CA ALA B 339 30.58 6.94 36.63
C ALA B 339 31.23 6.24 37.83
N ARG B 340 32.27 6.88 38.39
CA ARG B 340 32.94 6.34 39.57
C ARG B 340 32.01 6.39 40.78
N GLU B 341 31.39 7.53 41.01
CA GLU B 341 30.56 7.72 42.18
C GLU B 341 29.17 7.08 42.07
N LYS B 342 28.58 7.09 40.88
CA LYS B 342 27.17 6.67 40.71
C LYS B 342 27.00 5.23 40.24
N ILE B 343 28.06 4.63 39.70
CA ILE B 343 27.97 3.26 39.19
C ILE B 343 28.99 2.33 39.86
N ILE B 344 30.27 2.64 39.78
CA ILE B 344 31.30 1.76 40.34
C ILE B 344 31.15 1.60 41.85
N LYS B 345 31.00 2.72 42.55
CA LYS B 345 30.97 2.70 44.01
C LYS B 345 29.81 1.88 44.59
N PRO B 346 28.55 2.16 44.19
CA PRO B 346 27.43 1.31 44.67
C PRO B 346 27.55 -0.17 44.34
N LEU B 347 28.08 -0.49 43.16
CA LEU B 347 28.26 -1.90 42.77
C LEU B 347 29.30 -2.62 43.64
N VAL B 348 30.40 -1.91 43.95
CA VAL B 348 31.43 -2.46 44.83
C VAL B 348 30.87 -2.65 46.25
N GLU B 349 30.12 -1.67 46.74
CA GLU B 349 29.46 -1.77 48.03
C GLU B 349 28.44 -2.89 48.11
N ALA B 350 27.64 -3.05 47.06
CA ALA B 350 26.59 -4.08 47.04
C ALA B 350 27.14 -5.50 46.83
N HIS B 351 28.06 -5.65 45.88
CA HIS B 351 28.51 -6.97 45.42
C HIS B 351 29.92 -7.38 45.89
N GLY B 352 30.65 -6.44 46.51
CA GLY B 352 31.93 -6.75 47.15
C GLY B 352 33.16 -6.52 46.28
N ASP B 353 34.31 -6.67 46.91
CA ASP B 353 35.62 -6.46 46.27
C ASP B 353 35.94 -7.43 45.15
N GLY B 354 35.28 -8.58 45.13
CA GLY B 354 35.44 -9.57 44.07
C GLY B 354 35.13 -9.11 42.65
N ILE B 355 34.34 -8.04 42.49
CA ILE B 355 34.05 -7.49 41.16
C ILE B 355 35.14 -6.58 40.60
N ILE B 356 36.07 -6.14 41.46
CA ILE B 356 37.06 -5.14 41.06
C ILE B 356 38.03 -5.63 39.96
N PRO B 357 38.55 -6.87 40.06
CA PRO B 357 39.39 -7.37 38.96
C PRO B 357 38.69 -7.40 37.60
N GLU B 358 37.37 -7.64 37.59
CA GLU B 358 36.58 -7.56 36.36
C GLU B 358 36.51 -6.15 35.80
N ILE B 359 36.29 -5.17 36.69
CA ILE B 359 36.24 -3.75 36.31
C ILE B 359 37.56 -3.33 35.67
N VAL B 360 38.66 -3.72 36.30
CA VAL B 360 40.00 -3.41 35.81
C VAL B 360 40.28 -4.13 34.48
N ARG B 361 39.84 -5.38 34.37
N ARG B 361 39.85 -5.39 34.37
CA ARG B 361 40.06 -6.16 33.15
CA ARG B 361 40.06 -6.16 33.15
C ARG B 361 39.37 -5.53 31.94
C ARG B 361 39.37 -5.54 31.93
N GLY B 362 38.17 -5.00 32.14
CA GLY B 362 37.43 -4.28 31.09
C GLY B 362 38.17 -3.06 30.55
N ILE B 363 38.78 -2.30 31.46
CA ILE B 363 39.58 -1.13 31.08
C ILE B 363 40.82 -1.54 30.30
N GLU B 364 41.54 -2.53 30.83
CA GLU B 364 42.79 -2.98 30.21
C GLU B 364 42.58 -3.67 28.86
N GLU B 365 41.54 -4.50 28.78
CA GLU B 365 41.20 -5.14 27.50
C GLU B 365 40.88 -4.10 26.44
N TYR B 366 40.07 -3.11 26.81
CA TYR B 366 39.70 -2.06 25.89
C TYR B 366 40.92 -1.24 25.40
N ARG B 367 41.84 -0.96 26.31
CA ARG B 367 43.07 -0.25 25.94
C ARG B 367 43.92 -1.04 24.97
N VAL B 368 44.00 -2.35 25.15
CA VAL B 368 44.69 -3.22 24.19
C VAL B 368 44.05 -3.09 22.80
N LEU B 369 42.72 -3.09 22.75
CA LEU B 369 42.00 -3.00 21.48
C LEU B 369 42.19 -1.66 20.79
N LEU B 370 42.26 -0.57 21.57
CA LEU B 370 42.57 0.74 21.01
C LEU B 370 43.97 0.79 20.39
N GLU B 371 44.95 0.14 21.02
CA GLU B 371 46.31 0.03 20.46
C GLU B 371 46.32 -0.72 19.14
N ILE B 372 45.59 -1.84 19.08
CA ILE B 372 45.47 -2.61 17.84
C ILE B 372 44.83 -1.76 16.75
N GLY B 373 43.78 -1.03 17.11
CA GLY B 373 43.13 -0.08 16.19
C GLY B 373 44.07 0.97 15.62
N ASP B 374 44.85 1.60 16.50
CA ASP B 374 45.84 2.59 16.10
C ASP B 374 46.84 2.02 15.08
N PHE B 375 47.36 0.84 15.38
CA PHE B 375 48.28 0.15 14.49
C PHE B 375 47.64 -0.21 13.13
N ASP B 376 46.50 -0.88 13.19
CA ASP B 376 45.82 -1.37 11.98
C ASP B 376 45.46 -0.22 11.05
N PHE B 377 44.89 0.85 11.61
CA PHE B 377 44.50 2.02 10.84
C PHE B 377 45.71 2.72 10.22
N SER B 378 46.77 2.91 11.02
CA SER B 378 48.02 3.54 10.54
C SER B 378 48.63 2.75 9.39
N GLU B 379 48.68 1.44 9.53
CA GLU B 379 49.17 0.56 8.48
C GLU B 379 48.34 0.65 7.20
N GLN B 380 47.03 0.70 7.32
CA GLN B 380 46.15 0.78 6.16
C GLN B 380 46.31 2.09 5.38
N ILE B 381 46.40 3.21 6.10
CA ILE B 381 46.59 4.51 5.45
C ILE B 381 47.95 4.57 4.72
N ALA B 382 49.01 4.07 5.36
CA ALA B 382 50.34 3.98 4.73
C ALA B 382 50.31 3.09 3.48
N TRP B 383 49.57 1.98 3.57
CA TRP B 383 49.37 1.05 2.44
C TRP B 383 48.60 1.68 1.28
N MSE B 384 47.56 2.45 1.59
CA MSE B 384 46.81 3.19 0.58
C MSE B 384 47.64 4.25 -0.10
O MSE B 384 47.63 4.37 -1.34
CB MSE B 384 45.57 3.84 1.20
CG MSE B 384 44.49 2.81 1.51
SE MSE B 384 43.17 3.50 2.83
CE MSE B 384 42.44 4.98 1.79
N ASP B 385 48.37 5.03 0.69
CA ASP B 385 49.19 6.11 0.17
C ASP B 385 50.36 5.61 -0.70
N ALA B 386 50.92 4.46 -0.34
CA ALA B 386 52.07 3.90 -1.05
C ALA B 386 51.75 3.07 -2.31
N GLN B 387 50.48 3.06 -2.75
CA GLN B 387 50.08 2.25 -3.91
C GLN B 387 50.91 2.49 -5.19
N PRO B 388 51.20 3.76 -5.52
CA PRO B 388 52.04 3.99 -6.70
C PRO B 388 53.43 3.34 -6.58
N GLU B 389 54.04 3.42 -5.40
CA GLU B 389 55.35 2.80 -5.15
C GLU B 389 55.26 1.29 -5.16
N LEU B 390 54.17 0.73 -4.62
CA LEU B 390 53.99 -0.72 -4.58
C LEU B 390 53.68 -1.29 -5.97
N LYS B 391 53.05 -0.50 -6.82
CA LYS B 391 52.89 -0.85 -8.24
C LYS B 391 54.29 -0.95 -8.91
N LYS B 392 55.15 0.01 -8.65
CA LYS B 392 56.52 0.00 -9.19
C LYS B 392 57.38 -1.11 -8.59
N LEU B 393 57.17 -1.43 -7.30
CA LEU B 393 57.93 -2.52 -6.65
C LEU B 393 57.65 -3.90 -7.23
N HIS B 394 56.54 -4.05 -7.96
CA HIS B 394 56.25 -5.27 -8.71
C HIS B 394 57.45 -5.72 -9.56
N ASP B 395 58.07 -4.77 -10.25
CA ASP B 395 59.13 -5.10 -11.22
C ASP B 395 60.36 -5.79 -10.57
N PRO B 396 61.00 -5.15 -9.57
CA PRO B 396 62.11 -5.85 -8.92
C PRO B 396 61.71 -7.12 -8.18
N VAL B 397 60.52 -7.14 -7.56
CA VAL B 397 60.04 -8.35 -6.87
C VAL B 397 59.83 -9.49 -7.86
N PHE B 398 59.19 -9.20 -8.99
CA PHE B 398 58.97 -10.18 -10.06
C PHE B 398 60.30 -10.70 -10.62
N GLU B 399 61.26 -9.78 -10.81
CA GLU B 399 62.61 -10.14 -11.27
C GLU B 399 63.34 -11.03 -10.25
N GLY B 400 63.17 -10.75 -8.96
CA GLY B 400 63.74 -11.58 -7.91
C GLY B 400 63.19 -13.01 -7.90
N LEU B 401 61.90 -13.16 -8.20
CA LEU B 401 61.29 -14.48 -8.31
C LEU B 401 61.87 -15.24 -9.49
N LYS B 402 62.10 -14.55 -10.59
CA LYS B 402 62.74 -15.16 -11.74
C LYS B 402 64.16 -15.66 -11.43
N GLN B 403 64.91 -14.88 -10.66
CA GLN B 403 66.25 -15.26 -10.24
C GLN B 403 66.26 -16.28 -9.12
N GLY B 404 65.08 -16.67 -8.64
CA GLY B 404 64.96 -17.76 -7.67
C GLY B 404 65.34 -17.39 -6.25
N LYS B 405 65.21 -16.11 -5.90
CA LYS B 405 65.52 -15.64 -4.53
C LYS B 405 64.49 -16.16 -3.50
N VAL B 406 63.24 -16.31 -3.93
CA VAL B 406 62.22 -16.98 -3.15
C VAL B 406 61.54 -18.04 -4.03
N ASP B 407 61.30 -19.21 -3.44
CA ASP B 407 60.53 -20.27 -4.09
C ASP B 407 59.08 -20.09 -3.67
N ALA B 408 58.33 -19.39 -4.52
CA ALA B 408 56.97 -18.95 -4.19
C ALA B 408 55.91 -19.78 -4.90
N PRO B 409 54.92 -20.31 -4.14
CA PRO B 409 53.75 -20.92 -4.79
C PRO B 409 53.03 -19.90 -5.67
N VAL B 410 52.50 -20.35 -6.79
CA VAL B 410 51.81 -19.45 -7.67
C VAL B 410 50.45 -20.00 -8.06
N ALA B 411 49.48 -19.11 -8.17
CA ALA B 411 48.14 -19.45 -8.60
C ALA B 411 47.88 -18.75 -9.92
N HIS B 412 47.50 -19.50 -10.94
CA HIS B 412 47.17 -18.96 -12.24
C HIS B 412 45.66 -18.78 -12.34
N LEU B 413 45.22 -17.54 -12.52
CA LEU B 413 43.78 -17.22 -12.52
C LEU B 413 43.36 -16.62 -13.87
N VAL B 414 42.14 -16.96 -14.29
CA VAL B 414 41.51 -16.40 -15.47
C VAL B 414 40.09 -16.03 -15.07
N GLU B 415 39.75 -14.75 -15.14
CA GLU B 415 38.45 -14.27 -14.66
C GLU B 415 37.78 -13.31 -15.63
N PRO B 416 36.44 -13.39 -15.76
CA PRO B 416 35.73 -12.52 -16.70
C PRO B 416 35.41 -11.16 -16.11
N ARG B 417 34.86 -10.28 -16.95
CA ARG B 417 34.46 -8.92 -16.55
C ARG B 417 33.48 -8.94 -15.39
N GLY B 418 33.68 -8.02 -14.44
CA GLY B 418 32.77 -7.87 -13.29
C GLY B 418 32.92 -8.89 -12.17
N GLU B 419 33.92 -9.77 -12.27
CA GLU B 419 34.25 -10.72 -11.21
C GLU B 419 34.92 -9.93 -10.08
N LEU B 420 34.12 -9.49 -9.12
CA LEU B 420 34.58 -8.62 -8.06
C LEU B 420 34.96 -9.46 -6.84
N SER B 421 36.27 -9.54 -6.59
CA SER B 421 36.79 -10.19 -5.41
C SER B 421 36.59 -9.28 -4.20
N ASN B 422 35.66 -9.64 -3.31
CA ASN B 422 35.34 -8.80 -2.16
C ASN B 422 36.53 -8.69 -1.21
N THR B 423 36.60 -7.59 -0.47
CA THR B 423 37.80 -7.24 0.28
C THR B 423 38.15 -8.30 1.32
N HIS B 424 39.46 -8.47 1.50
CA HIS B 424 40.02 -9.51 2.32
C HIS B 424 41.49 -9.16 2.57
N CYS B 425 42.25 -10.06 3.18
CA CYS B 425 43.68 -9.89 3.31
C CYS B 425 44.31 -11.26 3.29
N HIS B 426 45.64 -11.28 3.25
CA HIS B 426 46.41 -12.52 3.29
C HIS B 426 47.41 -12.44 4.42
N ASP B 427 47.88 -13.60 4.86
CA ASP B 427 48.71 -13.69 6.04
C ASP B 427 50.20 -13.53 5.73
N GLY B 428 50.56 -13.62 4.45
CA GLY B 428 51.88 -13.26 3.96
C GLY B 428 51.77 -12.28 2.81
N ASP B 429 52.92 -11.69 2.43
CA ASP B 429 52.96 -10.80 1.28
C ASP B 429 52.70 -11.58 0.00
N GLU B 430 52.07 -10.93 -0.97
CA GLU B 430 51.84 -11.50 -2.29
C GLU B 430 52.30 -10.55 -3.39
N LEU B 431 52.64 -11.14 -4.55
CA LEU B 431 52.83 -10.39 -5.78
C LEU B 431 51.71 -10.73 -6.75
N CYS B 432 50.94 -9.73 -7.14
CA CYS B 432 49.96 -9.88 -8.19
C CYS B 432 50.61 -9.45 -9.50
N HIS B 433 50.58 -10.31 -10.51
CA HIS B 433 51.14 -10.01 -11.85
C HIS B 433 50.08 -10.23 -12.92
N ILE B 434 49.77 -9.18 -13.68
CA ILE B 434 48.78 -9.27 -14.74
C ILE B 434 49.48 -9.73 -16.02
N VAL B 435 49.01 -10.83 -16.62
CA VAL B 435 49.50 -11.33 -17.90
C VAL B 435 48.78 -10.63 -19.06
N SER B 436 47.45 -10.61 -19.00
CA SER B 436 46.65 -9.88 -19.97
C SER B 436 45.36 -9.35 -19.35
N GLY B 437 44.79 -8.33 -19.99
CA GLY B 437 43.56 -7.70 -19.52
C GLY B 437 43.81 -6.56 -18.56
N THR B 438 42.77 -6.16 -17.84
CA THR B 438 42.80 -4.99 -16.97
C THR B 438 42.13 -5.30 -15.65
N MSE B 439 42.81 -4.96 -14.54
CA MSE B 439 42.29 -5.17 -13.18
C MSE B 439 42.22 -3.84 -12.47
O MSE B 439 43.15 -3.03 -12.56
CB MSE B 439 43.22 -6.10 -12.41
CG MSE B 439 42.75 -6.33 -10.96
SE MSE B 439 44.10 -7.34 -9.93
CE MSE B 439 43.59 -9.13 -10.56
N ARG B 440 41.11 -3.59 -11.79
CA ARG B 440 41.04 -2.53 -10.79
C ARG B 440 41.44 -3.14 -9.46
N PHE B 441 42.59 -2.71 -8.94
CA PHE B 441 43.06 -3.18 -7.64
C PHE B 441 42.67 -2.18 -6.55
N GLU B 442 41.84 -2.62 -5.61
CA GLU B 442 41.27 -1.77 -4.57
C GLU B 442 42.04 -1.96 -3.25
N SER B 443 42.59 -0.86 -2.72
CA SER B 443 43.38 -0.90 -1.50
C SER B 443 42.72 -0.18 -0.31
N GLY B 444 41.61 0.50 -0.55
CA GLY B 444 40.94 1.30 0.46
C GLY B 444 39.91 2.21 -0.17
N LEU B 445 39.20 2.98 0.65
CA LEU B 445 38.15 3.87 0.16
C LEU B 445 38.77 5.05 -0.58
N GLY B 446 38.45 5.17 -1.87
CA GLY B 446 39.07 6.18 -2.75
C GLY B 446 40.51 5.87 -3.13
N SER B 447 40.92 4.61 -2.98
CA SER B 447 42.30 4.20 -3.24
C SER B 447 42.34 2.99 -4.16
N SER B 448 42.62 3.24 -5.45
CA SER B 448 42.54 2.24 -6.51
C SER B 448 43.73 2.36 -7.46
N LEU B 449 44.12 1.22 -8.04
CA LEU B 449 45.10 1.16 -9.12
C LEU B 449 44.47 0.43 -10.29
N THR B 450 44.76 0.91 -11.50
CA THR B 450 44.44 0.17 -12.72
C THR B 450 45.71 -0.57 -13.14
N LEU B 451 45.62 -1.89 -13.27
CA LEU B 451 46.77 -2.72 -13.64
C LEU B 451 46.53 -3.38 -15.00
N GLN B 452 47.46 -3.13 -15.93
N GLN B 452 47.45 -3.13 -15.94
CA GLN B 452 47.36 -3.65 -17.31
CA GLN B 452 47.36 -3.66 -17.30
C GLN B 452 48.37 -4.77 -17.52
C GLN B 452 48.38 -4.75 -17.53
N ALA B 453 48.38 -5.33 -18.73
CA ALA B 453 49.32 -6.39 -19.11
C ALA B 453 50.76 -6.00 -18.79
N GLY B 454 51.48 -6.92 -18.15
CA GLY B 454 52.86 -6.68 -17.73
C GLY B 454 53.03 -5.96 -16.39
N GLU B 455 51.96 -5.35 -15.89
CA GLU B 455 52.02 -4.59 -14.64
C GLU B 455 51.53 -5.46 -13.48
N GLY B 456 51.63 -4.91 -12.27
CA GLY B 456 51.21 -5.63 -11.09
C GLY B 456 51.39 -4.81 -9.83
N VAL B 457 51.29 -5.47 -8.67
CA VAL B 457 51.39 -4.80 -7.39
C VAL B 457 51.87 -5.75 -6.29
N VAL B 458 52.64 -5.20 -5.35
CA VAL B 458 53.03 -5.93 -4.16
C VAL B 458 51.90 -5.75 -3.13
N ILE B 459 51.34 -6.86 -2.65
CA ILE B 459 50.24 -6.84 -1.70
C ILE B 459 50.78 -7.20 -0.32
N LYS B 460 50.73 -6.24 0.60
CA LYS B 460 51.33 -6.39 1.93
C LYS B 460 50.41 -7.20 2.83
N ARG B 461 51.01 -8.07 3.63
CA ARG B 461 50.26 -8.94 4.54
C ARG B 461 49.36 -8.14 5.48
N ASN B 462 48.18 -8.71 5.76
CA ASN B 462 47.17 -8.15 6.66
C ASN B 462 46.51 -6.86 6.17
N ARG B 463 46.89 -6.33 5.01
CA ARG B 463 46.28 -5.11 4.51
C ARG B 463 45.02 -5.42 3.72
N LEU B 464 43.96 -4.68 4.01
CA LEU B 464 42.65 -4.91 3.41
C LEU B 464 42.66 -4.47 1.94
N HIS B 465 42.19 -5.35 1.06
CA HIS B 465 42.18 -5.09 -0.37
C HIS B 465 41.21 -6.02 -1.11
N GLY B 466 40.84 -5.61 -2.31
CA GLY B 466 40.06 -6.44 -3.23
C GLY B 466 40.40 -6.12 -4.68
N ALA B 467 39.64 -6.67 -5.60
CA ALA B 467 39.85 -6.42 -7.02
C ALA B 467 38.59 -6.65 -7.84
N ASN B 468 38.53 -5.97 -8.98
CA ASN B 468 37.50 -6.22 -9.99
C ASN B 468 38.16 -6.31 -11.37
N ILE B 469 37.57 -7.11 -12.25
CA ILE B 469 38.07 -7.25 -13.61
C ILE B 469 37.33 -6.25 -14.53
N GLU B 470 38.10 -5.36 -15.16
CA GLU B 470 37.54 -4.25 -15.95
C GLU B 470 37.54 -4.56 -17.46
N SER B 471 38.30 -5.57 -17.88
CA SER B 471 38.32 -6.00 -19.29
C SER B 471 37.41 -7.21 -19.46
N ASP B 472 37.21 -7.66 -20.69
CA ASP B 472 36.38 -8.83 -20.98
C ASP B 472 36.90 -10.06 -20.23
N GLU B 473 38.22 -10.23 -20.24
CA GLU B 473 38.88 -11.32 -19.52
C GLU B 473 40.19 -10.80 -18.98
N CYS B 474 40.61 -11.31 -17.81
CA CYS B 474 41.90 -10.96 -17.25
C CYS B 474 42.62 -12.24 -16.84
N VAL B 475 43.84 -12.41 -17.35
CA VAL B 475 44.70 -13.52 -16.96
C VAL B 475 45.77 -12.95 -16.04
N TYR B 476 45.87 -13.50 -14.83
CA TYR B 476 46.83 -13.00 -13.86
C TYR B 476 47.35 -14.07 -12.93
N GLU B 477 48.42 -13.72 -12.21
CA GLU B 477 49.12 -14.65 -11.33
C GLU B 477 49.25 -14.05 -9.95
N ILE B 478 49.07 -14.89 -8.94
CA ILE B 478 49.32 -14.51 -7.55
C ILE B 478 50.47 -15.37 -7.04
N HIS B 479 51.59 -14.73 -6.71
CA HIS B 479 52.74 -15.40 -6.13
C HIS B 479 52.76 -15.16 -4.62
N SER B 480 52.75 -16.24 -3.84
CA SER B 480 52.78 -16.14 -2.39
C SER B 480 54.22 -16.07 -1.90
N VAL B 481 54.75 -14.85 -1.84
CA VAL B 481 56.16 -14.63 -1.58
C VAL B 481 56.53 -14.63 -0.11
N GLY B 482 55.54 -14.52 0.79
CA GLY B 482 55.80 -14.51 2.23
C GLY B 482 56.25 -13.14 2.71
N ASP B 483 57.49 -12.79 2.35
CA ASP B 483 58.08 -11.50 2.63
C ASP B 483 58.65 -10.96 1.32
N TYR B 484 58.03 -9.91 0.76
CA TYR B 484 58.43 -9.39 -0.55
C TYR B 484 59.85 -8.83 -0.55
N ARG B 485 60.34 -8.43 0.62
CA ARG B 485 61.66 -7.86 0.76
C ARG B 485 62.76 -8.87 0.45
N LYS B 486 62.46 -10.15 0.67
CA LYS B 486 63.38 -11.23 0.33
C LYS B 486 63.58 -11.40 -1.19
N CYS B 487 62.70 -10.82 -1.99
CA CYS B 487 62.81 -10.89 -3.44
C CYS B 487 63.60 -9.73 -4.04
N LEU B 488 64.00 -8.78 -3.20
CA LEU B 488 64.71 -7.59 -3.66
C LEU B 488 66.21 -7.83 -3.65
N HIS C 20 -8.78 10.85 -53.85
CA HIS C 20 -10.23 11.18 -53.71
C HIS C 20 -10.80 10.59 -52.41
N VAL C 21 -11.86 11.20 -51.89
CA VAL C 21 -12.48 10.76 -50.64
C VAL C 21 -13.27 9.50 -50.92
N PRO C 22 -12.99 8.41 -50.19
CA PRO C 22 -13.84 7.23 -50.37
C PRO C 22 -15.31 7.50 -50.00
N PRO C 23 -16.25 6.74 -50.57
CA PRO C 23 -17.64 6.91 -50.16
C PRO C 23 -17.83 6.61 -48.69
N HIS C 24 -18.79 7.30 -48.08
CA HIS C 24 -19.17 7.07 -46.70
C HIS C 24 -20.16 5.91 -46.63
N VAL C 25 -19.78 4.85 -45.94
CA VAL C 25 -20.69 3.74 -45.66
C VAL C 25 -21.46 4.12 -44.39
N PRO C 26 -22.80 4.29 -44.50
CA PRO C 26 -23.54 4.66 -43.29
C PRO C 26 -23.42 3.61 -42.18
N PHE C 27 -23.34 4.08 -40.93
CA PHE C 27 -23.31 3.19 -39.78
C PHE C 27 -24.55 2.30 -39.82
N GLU C 28 -24.35 1.00 -39.74
CA GLU C 28 -25.43 0.03 -39.80
C GLU C 28 -25.10 -1.17 -38.92
N LEU C 29 -26.02 -1.49 -38.01
CA LEU C 29 -25.88 -2.65 -37.14
C LEU C 29 -27.27 -3.16 -36.78
N SER C 30 -27.60 -4.36 -37.28
CA SER C 30 -28.94 -4.91 -37.14
C SER C 30 -28.90 -6.44 -37.23
N GLY C 31 -30.05 -7.06 -37.01
CA GLY C 31 -30.20 -8.52 -37.22
C GLY C 31 -29.28 -9.33 -36.32
N ALA C 32 -28.70 -10.38 -36.89
CA ALA C 32 -27.81 -11.26 -36.17
C ALA C 32 -26.52 -10.56 -35.75
N GLU C 33 -26.01 -9.65 -36.58
CA GLU C 33 -24.79 -8.92 -36.24
C GLU C 33 -24.98 -8.08 -34.98
N LEU C 34 -26.13 -7.42 -34.88
CA LEU C 34 -26.48 -6.65 -33.68
C LEU C 34 -26.60 -7.56 -32.44
N ARG C 35 -27.33 -8.68 -32.59
CA ARG C 35 -27.46 -9.65 -31.49
C ARG C 35 -26.08 -10.08 -30.99
N ASP C 36 -25.21 -10.44 -31.91
CA ASP C 36 -23.83 -10.85 -31.58
C ASP C 36 -23.06 -9.74 -30.87
N ALA C 37 -23.22 -8.50 -31.33
CA ALA C 37 -22.54 -7.35 -30.71
C ALA C 37 -23.04 -7.08 -29.29
N ILE C 38 -24.35 -7.25 -29.07
CA ILE C 38 -24.93 -7.09 -27.74
C ILE C 38 -24.41 -8.18 -26.80
N VAL C 39 -24.43 -9.41 -27.27
CA VAL C 39 -23.91 -10.56 -26.52
C VAL C 39 -22.41 -10.38 -26.20
N GLN C 40 -21.66 -9.88 -27.17
CA GLN C 40 -20.25 -9.62 -27.00
C GLN C 40 -20.00 -8.66 -25.84
N TYR C 41 -20.74 -7.54 -25.81
CA TYR C 41 -20.65 -6.60 -24.70
C TYR C 41 -20.95 -7.27 -23.36
N ALA C 42 -22.08 -7.97 -23.33
CA ALA C 42 -22.66 -8.43 -22.09
C ALA C 42 -22.03 -9.72 -21.51
N THR C 43 -21.16 -10.38 -22.28
CA THR C 43 -20.46 -11.58 -21.82
C THR C 43 -19.13 -11.27 -21.12
N ASN C 44 -18.82 -9.98 -20.92
CA ASN C 44 -17.80 -9.56 -19.95
C ASN C 44 -18.16 -10.20 -18.58
N PRO C 45 -17.22 -10.95 -17.96
CA PRO C 45 -17.56 -11.71 -16.73
C PRO C 45 -18.20 -10.90 -15.59
N ILE C 46 -17.91 -9.59 -15.50
CA ILE C 46 -18.52 -8.73 -14.48
C ILE C 46 -20.06 -8.62 -14.59
N TYR C 47 -20.63 -9.06 -15.71
CA TYR C 47 -22.08 -9.03 -15.92
C TYR C 47 -22.79 -10.38 -15.71
N HIS C 48 -22.06 -11.40 -15.28
N HIS C 48 -22.05 -11.39 -15.29
CA HIS C 48 -22.60 -12.73 -15.05
CA HIS C 48 -22.60 -12.73 -15.06
C HIS C 48 -23.58 -12.72 -13.87
C HIS C 48 -23.57 -12.72 -13.87
N ASP C 49 -24.48 -13.69 -13.85
CA ASP C 49 -25.42 -13.85 -12.74
C ASP C 49 -24.69 -13.85 -11.40
N ASN C 50 -25.28 -13.15 -10.44
CA ASN C 50 -24.80 -13.12 -9.08
C ASN C 50 -25.25 -14.39 -8.36
N LEU C 51 -24.40 -14.92 -7.50
CA LEU C 51 -24.74 -16.07 -6.64
C LEU C 51 -25.60 -15.66 -5.45
N ASP C 52 -25.62 -14.37 -5.12
CA ASP C 52 -26.46 -13.79 -4.07
C ASP C 52 -27.49 -12.80 -4.66
N TRP C 53 -28.42 -12.37 -3.82
CA TRP C 53 -29.43 -11.37 -4.16
C TRP C 53 -28.87 -9.95 -4.25
N LEU C 54 -27.73 -9.70 -3.60
CA LEU C 54 -27.19 -8.36 -3.44
C LEU C 54 -25.75 -8.32 -3.93
N ASN C 55 -25.36 -7.17 -4.47
CA ASN C 55 -23.96 -6.90 -4.77
C ASN C 55 -23.31 -6.38 -3.49
N HIS C 56 -22.16 -6.92 -3.15
CA HIS C 56 -21.51 -6.61 -1.87
C HIS C 56 -20.39 -5.59 -2.05
N ASP C 57 -20.79 -4.32 -2.05
CA ASP C 57 -19.90 -3.18 -2.21
C ASP C 57 -18.94 -3.35 -3.40
N ASN C 58 -19.52 -3.65 -4.55
CA ASN C 58 -18.77 -3.76 -5.79
C ASN C 58 -19.55 -3.05 -6.89
N PRO C 59 -19.16 -1.80 -7.20
CA PRO C 59 -19.90 -1.01 -8.16
C PRO C 59 -19.59 -1.35 -9.61
N TYR C 60 -18.74 -2.35 -9.85
CA TYR C 60 -18.35 -2.79 -11.18
C TYR C 60 -19.16 -4.00 -11.67
N ARG C 61 -19.98 -4.59 -10.80
CA ARG C 61 -20.74 -5.78 -11.17
C ARG C 61 -22.21 -5.44 -11.30
N ARG C 62 -22.76 -5.73 -12.47
N ARG C 62 -22.75 -5.72 -12.47
CA ARG C 62 -24.16 -5.46 -12.77
CA ARG C 62 -24.16 -5.44 -12.77
C ARG C 62 -24.69 -6.67 -13.52
C ARG C 62 -24.70 -6.66 -13.52
N GLN C 63 -25.83 -7.19 -13.09
CA GLN C 63 -26.33 -8.43 -13.63
C GLN C 63 -27.18 -8.19 -14.88
N LEU C 64 -26.65 -8.63 -16.03
CA LEU C 64 -27.29 -8.43 -17.32
C LEU C 64 -27.89 -9.68 -17.92
N ARG C 65 -27.84 -10.80 -17.18
CA ARG C 65 -28.35 -12.10 -17.63
C ARG C 65 -28.03 -12.38 -19.09
N PRO C 66 -26.74 -12.44 -19.41
CA PRO C 66 -26.32 -12.55 -20.81
C PRO C 66 -26.79 -13.81 -21.53
N GLN C 67 -27.02 -14.88 -20.78
CA GLN C 67 -27.54 -16.13 -21.35
C GLN C 67 -28.85 -15.96 -22.15
N VAL C 68 -29.67 -14.97 -21.82
CA VAL C 68 -30.95 -14.75 -22.51
C VAL C 68 -30.80 -13.86 -23.74
N LEU C 69 -29.74 -13.04 -23.77
CA LEU C 69 -29.60 -12.02 -24.80
C LEU C 69 -29.55 -12.53 -26.27
N PRO C 70 -29.04 -13.75 -26.52
CA PRO C 70 -29.08 -14.25 -27.90
C PRO C 70 -30.48 -14.51 -28.44
N HIS C 71 -31.48 -14.59 -27.56
CA HIS C 71 -32.83 -15.01 -27.95
C HIS C 71 -33.85 -13.87 -28.04
N LEU C 72 -33.38 -12.63 -27.96
CA LEU C 72 -34.27 -11.46 -28.04
C LEU C 72 -34.17 -10.82 -29.40
N ASP C 73 -35.27 -10.21 -29.83
CA ASP C 73 -35.33 -9.54 -31.13
C ASP C 73 -35.18 -8.03 -30.96
N TYR C 74 -33.97 -7.54 -31.17
CA TYR C 74 -33.67 -6.13 -30.94
C TYR C 74 -34.12 -5.22 -32.08
N ASP C 75 -34.53 -5.79 -33.21
CA ASP C 75 -34.97 -5.00 -34.36
C ASP C 75 -36.43 -4.57 -34.26
N LYS C 76 -37.23 -5.37 -33.58
CA LYS C 76 -38.63 -5.07 -33.40
C LYS C 76 -38.84 -4.16 -32.20
N VAL C 77 -38.89 -2.86 -32.47
CA VAL C 77 -39.00 -1.87 -31.41
C VAL C 77 -40.40 -1.91 -30.77
N PRO C 78 -40.49 -2.04 -29.42
CA PRO C 78 -41.82 -2.17 -28.82
C PRO C 78 -42.54 -0.82 -28.66
N GLY C 79 -43.88 -0.87 -28.73
CA GLY C 79 -44.72 0.26 -28.39
C GLY C 79 -44.96 0.28 -26.89
N ARG C 80 -45.63 1.33 -26.41
CA ARG C 80 -45.82 1.54 -24.99
C ARG C 80 -46.47 0.36 -24.26
N GLU C 81 -47.39 -0.31 -24.95
CA GLU C 81 -48.11 -1.45 -24.38
C GLU C 81 -47.18 -2.61 -23.97
N ASN C 82 -46.03 -2.74 -24.63
CA ASN C 82 -45.08 -3.83 -24.37
C ASN C 82 -43.76 -3.39 -23.72
N ILE C 83 -43.76 -2.21 -23.14
CA ILE C 83 -42.55 -1.59 -22.64
C ILE C 83 -42.09 -2.12 -21.27
N LEU C 84 -42.93 -2.94 -20.62
CA LEU C 84 -42.54 -3.64 -19.40
C LEU C 84 -42.28 -5.14 -19.63
N ASN C 85 -42.25 -5.57 -20.88
CA ASN C 85 -41.83 -6.92 -21.24
C ASN C 85 -40.33 -7.15 -20.93
N TYR C 86 -39.92 -8.41 -20.87
CA TYR C 86 -38.57 -8.75 -20.43
C TYR C 86 -37.48 -8.11 -21.29
N ALA C 87 -37.64 -8.17 -22.61
CA ALA C 87 -36.63 -7.60 -23.51
C ALA C 87 -36.35 -6.13 -23.20
N SER C 88 -37.40 -5.39 -22.83
CA SER C 88 -37.25 -3.98 -22.41
C SER C 88 -36.48 -3.83 -21.09
N LEU C 89 -36.78 -4.69 -20.10
CA LEU C 89 -35.97 -4.74 -18.87
C LEU C 89 -34.50 -5.04 -19.15
N ALA C 90 -34.26 -6.03 -20.01
CA ALA C 90 -32.90 -6.45 -20.37
C ALA C 90 -32.13 -5.29 -21.01
N VAL C 91 -32.80 -4.58 -21.91
CA VAL C 91 -32.21 -3.43 -22.59
C VAL C 91 -31.94 -2.28 -21.63
N GLN C 92 -32.87 -2.02 -20.71
CA GLN C 92 -32.65 -1.00 -19.68
C GLN C 92 -31.43 -1.28 -18.80
N ARG C 93 -31.27 -2.55 -18.42
CA ARG C 93 -30.10 -2.96 -17.64
C ARG C 93 -28.81 -2.75 -18.42
N LEU C 94 -28.80 -3.17 -19.67
CA LEU C 94 -27.66 -2.93 -20.57
C LEU C 94 -27.32 -1.44 -20.66
N LEU C 95 -28.32 -0.60 -20.91
CA LEU C 95 -28.09 0.84 -21.06
C LEU C 95 -27.53 1.49 -19.81
N THR C 96 -28.05 1.11 -18.65
CA THR C 96 -27.54 1.66 -17.41
C THR C 96 -26.03 1.38 -17.29
N SER C 97 -25.63 0.18 -17.64
N SER C 97 -25.63 0.18 -17.63
CA SER C 97 -24.22 -0.18 -17.58
CA SER C 97 -24.21 -0.20 -17.57
C SER C 97 -23.38 0.58 -18.60
C SER C 97 -23.38 0.55 -18.60
N VAL C 98 -23.90 0.69 -19.81
CA VAL C 98 -23.21 1.43 -20.87
C VAL C 98 -23.01 2.89 -20.45
N TYR C 99 -24.08 3.54 -20.00
CA TYR C 99 -24.00 4.95 -19.57
C TYR C 99 -23.02 5.14 -18.43
N GLU C 100 -23.06 4.23 -17.47
CA GLU C 100 -22.28 4.38 -16.24
C GLU C 100 -20.78 4.13 -16.38
N ALA C 101 -20.34 3.60 -17.52
CA ALA C 101 -18.91 3.55 -17.81
C ALA C 101 -18.26 4.93 -17.84
N ASP C 102 -19.06 5.98 -18.10
CA ASP C 102 -18.60 7.38 -18.03
C ASP C 102 -18.56 7.97 -16.63
N LEU C 103 -19.13 7.27 -15.64
CA LEU C 103 -19.16 7.75 -14.26
C LEU C 103 -18.04 7.08 -13.45
N VAL C 104 -17.46 7.82 -12.51
CA VAL C 104 -16.43 7.31 -11.61
C VAL C 104 -17.08 6.69 -10.37
N PHE C 105 -16.79 5.40 -10.15
CA PHE C 105 -17.18 4.73 -8.89
C PHE C 105 -15.96 4.07 -8.27
N PHE C 106 -15.88 4.16 -6.95
CA PHE C 106 -14.99 3.32 -6.14
C PHE C 106 -15.82 2.65 -5.05
N PRO C 107 -15.45 1.42 -4.64
CA PRO C 107 -16.18 0.83 -3.52
C PRO C 107 -16.09 1.68 -2.26
N LYS C 108 -17.13 1.62 -1.44
CA LYS C 108 -17.13 2.30 -0.12
C LYS C 108 -15.96 1.85 0.75
N SER C 109 -15.63 0.56 0.67
CA SER C 109 -14.53 -0.02 1.45
C SER C 109 -13.16 0.13 0.78
N GLY C 110 -13.09 0.91 -0.31
CA GLY C 110 -11.84 1.13 -1.04
C GLY C 110 -11.64 0.18 -2.20
N LEU C 111 -10.68 0.51 -3.04
CA LEU C 111 -10.47 -0.18 -4.31
C LEU C 111 -9.67 -1.47 -4.12
N LYS C 112 -8.84 -1.53 -3.08
CA LYS C 112 -8.00 -2.70 -2.82
C LYS C 112 -8.84 -3.97 -2.76
N GLY C 113 -8.47 -4.95 -3.58
CA GLY C 113 -9.21 -6.21 -3.69
C GLY C 113 -10.20 -6.26 -4.84
N LYS C 114 -10.50 -5.08 -5.44
CA LYS C 114 -11.48 -4.99 -6.51
C LYS C 114 -10.87 -4.38 -7.79
N GLU C 115 -9.55 -4.47 -7.94
CA GLU C 115 -8.82 -3.87 -9.06
C GLU C 115 -9.12 -4.54 -10.39
N GLU C 116 -9.26 -5.87 -10.39
CA GLU C 116 -9.54 -6.59 -11.64
C GLU C 116 -10.92 -6.21 -12.21
N ASP C 117 -11.93 -6.10 -11.34
CA ASP C 117 -13.28 -5.71 -11.78
C ASP C 117 -13.31 -4.25 -12.25
N PHE C 118 -12.61 -3.39 -11.52
CA PHE C 118 -12.39 -1.99 -11.87
C PHE C 118 -11.85 -1.88 -13.30
N ARG C 119 -10.80 -2.65 -13.61
CA ARG C 119 -10.20 -2.66 -14.93
C ARG C 119 -11.07 -3.33 -16.00
N ALA C 120 -11.92 -4.28 -15.61
CA ALA C 120 -12.85 -4.92 -16.55
C ALA C 120 -13.99 -3.99 -16.97
N PHE C 121 -14.44 -3.11 -16.06
CA PHE C 121 -15.49 -2.16 -16.33
C PHE C 121 -14.95 -0.94 -17.10
N TYR C 122 -13.88 -0.34 -16.55
CA TYR C 122 -13.21 0.76 -17.22
C TYR C 122 -12.08 0.20 -18.09
N SER C 123 -12.45 -0.37 -19.23
CA SER C 123 -11.48 -0.80 -20.22
C SER C 123 -11.85 -0.24 -21.60
N PRO C 124 -10.85 -0.10 -22.48
CA PRO C 124 -11.15 0.32 -23.84
C PRO C 124 -12.20 -0.57 -24.50
N ALA C 125 -12.09 -1.88 -24.30
CA ALA C 125 -13.02 -2.85 -24.88
C ALA C 125 -14.44 -2.70 -24.37
N ASN C 126 -14.61 -2.61 -23.05
CA ASN C 126 -15.95 -2.52 -22.46
C ASN C 126 -16.71 -1.26 -22.92
N ARG C 127 -15.98 -0.14 -23.01
CA ARG C 127 -16.54 1.10 -23.50
C ARG C 127 -16.92 0.99 -24.98
N ALA C 128 -15.99 0.53 -25.81
CA ALA C 128 -16.22 0.47 -27.25
C ALA C 128 -17.37 -0.48 -27.62
N LEU C 129 -17.40 -1.64 -26.95
CA LEU C 129 -18.47 -2.63 -27.20
C LEU C 129 -19.85 -2.08 -26.83
N GLY C 130 -19.92 -1.38 -25.71
CA GLY C 130 -21.16 -0.76 -25.27
C GLY C 130 -21.58 0.41 -26.15
N GLU C 131 -20.62 1.24 -26.53
CA GLU C 131 -20.92 2.40 -27.39
C GLU C 131 -21.38 2.01 -28.80
N ARG C 132 -20.89 0.90 -29.31
CA ARG C 132 -21.28 0.42 -30.63
C ARG C 132 -22.75 0.01 -30.73
N ILE C 133 -23.26 -0.57 -29.64
CA ILE C 133 -24.64 -1.03 -29.56
C ILE C 133 -25.59 0.04 -29.01
N ARG C 134 -25.04 1.14 -28.49
CA ARG C 134 -25.85 2.15 -27.83
C ARG C 134 -26.96 2.76 -28.71
N PRO C 135 -26.68 3.07 -29.99
CA PRO C 135 -27.77 3.57 -30.84
C PRO C 135 -28.97 2.64 -30.95
N ALA C 136 -28.73 1.35 -31.21
CA ALA C 136 -29.81 0.38 -31.33
C ALA C 136 -30.53 0.13 -30.00
N LEU C 137 -29.79 0.13 -28.90
CA LEU C 137 -30.39 0.03 -27.58
C LEU C 137 -31.30 1.21 -27.26
N GLU C 138 -30.88 2.41 -27.63
CA GLU C 138 -31.67 3.62 -27.42
C GLU C 138 -32.95 3.64 -28.28
N ARG C 139 -32.88 3.15 -29.52
CA ARG C 139 -34.11 2.99 -30.32
C ARG C 139 -35.06 1.99 -29.64
N TYR C 140 -34.53 0.88 -29.14
CA TYR C 140 -35.35 -0.11 -28.45
C TYR C 140 -36.00 0.47 -27.18
N ALA C 141 -35.20 1.19 -26.40
CA ALA C 141 -35.64 1.74 -25.11
C ALA C 141 -36.60 2.92 -25.25
N PHE C 142 -36.33 3.80 -26.21
CA PHE C 142 -37.01 5.09 -26.28
C PHE C 142 -37.85 5.33 -27.54
N GLY C 143 -37.78 4.41 -28.50
CA GLY C 143 -38.50 4.55 -29.77
C GLY C 143 -40.00 4.76 -29.62
N PHE C 144 -40.61 4.08 -28.65
CA PHE C 144 -42.05 4.20 -28.38
C PHE C 144 -42.50 5.64 -28.13
N LEU C 145 -41.62 6.47 -27.59
CA LEU C 145 -41.95 7.86 -27.29
C LEU C 145 -42.30 8.71 -28.54
N ASP C 146 -41.84 8.29 -29.71
CA ASP C 146 -42.20 8.95 -30.98
C ASP C 146 -43.72 8.96 -31.21
N ASP C 147 -44.41 7.88 -30.85
CA ASP C 147 -45.87 7.80 -30.99
C ASP C 147 -46.66 8.29 -29.77
N GLU C 148 -46.00 8.47 -28.63
CA GLU C 148 -46.67 8.94 -27.42
C GLU C 148 -46.74 10.45 -27.33
N VAL C 149 -45.90 11.14 -28.08
CA VAL C 149 -45.79 12.57 -27.98
C VAL C 149 -45.79 13.19 -29.37
N GLU C 150 -46.52 14.29 -29.56
CA GLU C 150 -46.44 15.09 -30.79
C GLU C 150 -46.31 16.57 -30.46
N THR C 151 -45.31 17.23 -31.04
CA THR C 151 -45.08 18.65 -30.79
C THR C 151 -45.14 19.43 -32.10
N THR C 154 -46.16 25.08 -35.03
CA THR C 154 -45.49 26.39 -35.03
C THR C 154 -45.62 27.01 -33.65
N TRP C 155 -44.50 27.09 -32.97
CA TRP C 155 -44.40 27.61 -31.61
C TRP C 155 -43.79 29.00 -31.56
N THR C 156 -44.13 29.77 -30.55
CA THR C 156 -43.49 31.05 -30.26
C THR C 156 -43.27 31.14 -28.76
N ALA C 157 -42.55 32.17 -28.33
CA ALA C 157 -42.28 32.36 -26.91
C ALA C 157 -43.58 32.46 -26.10
N GLN C 158 -44.58 33.15 -26.65
CA GLN C 158 -45.85 33.33 -25.97
C GLN C 158 -46.62 32.02 -25.86
N SER C 159 -46.69 31.27 -26.95
CA SER C 159 -47.39 29.99 -26.93
C SER C 159 -46.64 28.96 -26.04
N LEU C 160 -45.31 29.07 -25.96
CA LEU C 160 -44.52 28.27 -25.02
C LEU C 160 -44.88 28.62 -23.57
N ASP C 161 -44.99 29.90 -23.27
CA ASP C 161 -45.42 30.33 -21.93
C ASP C 161 -46.82 29.82 -21.58
N ALA C 162 -47.71 29.81 -22.56
CA ALA C 162 -49.07 29.30 -22.36
C ALA C 162 -49.02 27.81 -22.02
N TYR C 163 -48.20 27.06 -22.76
CA TYR C 163 -48.02 25.63 -22.50
C TYR C 163 -47.42 25.39 -21.11
N LEU C 164 -46.38 26.13 -20.78
CA LEU C 164 -45.74 25.98 -19.48
C LEU C 164 -46.72 26.33 -18.36
N ASP C 165 -47.48 27.39 -18.53
CA ASP C 165 -48.40 27.77 -17.49
C ASP C 165 -49.43 26.66 -17.26
N SER C 166 -49.81 25.96 -18.32
CA SER C 166 -50.81 24.92 -18.19
C SER C 166 -50.33 23.68 -17.46
N LEU C 167 -49.04 23.57 -17.20
CA LEU C 167 -48.52 22.44 -16.46
C LEU C 167 -48.88 22.51 -14.98
N ASP C 168 -48.97 23.73 -14.45
CA ASP C 168 -49.40 23.90 -13.05
C ASP C 168 -50.90 23.62 -12.82
N THR C 169 -51.24 22.60 -12.04
CA THR C 169 -52.63 22.20 -11.90
C THR C 169 -53.13 22.17 -10.45
N GLY C 172 -53.47 18.41 -6.85
CA GLY C 172 -52.79 19.50 -6.16
C GLY C 172 -52.43 19.06 -4.76
N ALA C 173 -53.46 18.78 -3.97
CA ALA C 173 -53.30 18.11 -2.70
C ALA C 173 -54.00 16.77 -2.79
N GLU C 174 -54.10 16.25 -4.01
CA GLU C 174 -54.56 14.89 -4.22
C GLU C 174 -53.45 13.98 -3.82
N GLN C 175 -53.83 12.74 -3.59
CA GLN C 175 -52.88 11.70 -3.29
C GLN C 175 -52.25 11.20 -4.59
N SER C 176 -50.92 11.08 -4.60
CA SER C 176 -50.22 10.57 -5.78
C SER C 176 -50.30 9.05 -5.84
N PRO C 177 -50.09 8.45 -7.03
CA PRO C 177 -50.12 6.99 -7.10
C PRO C 177 -49.11 6.29 -6.19
N VAL C 178 -47.93 6.90 -6.01
CA VAL C 178 -46.91 6.33 -5.14
C VAL C 178 -47.35 6.37 -3.66
N GLU C 179 -47.95 7.49 -3.25
CA GLU C 179 -48.50 7.62 -1.89
C GLU C 179 -49.57 6.56 -1.62
N LYS C 180 -50.49 6.41 -2.56
CA LYS C 180 -51.56 5.42 -2.45
C LYS C 180 -51.00 4.01 -2.34
N ALA C 181 -50.02 3.69 -3.18
CA ALA C 181 -49.43 2.34 -3.22
C ALA C 181 -48.71 2.01 -1.91
N ILE C 182 -47.99 2.98 -1.36
CA ILE C 182 -47.24 2.77 -0.13
C ILE C 182 -48.16 2.79 1.10
N LEU C 183 -49.03 3.78 1.20
CA LEU C 183 -49.93 3.90 2.35
C LEU C 183 -51.00 2.81 2.39
N GLY C 184 -51.43 2.34 1.21
CA GLY C 184 -52.38 1.25 1.12
C GLY C 184 -51.79 -0.15 1.19
N SER C 185 -50.49 -0.25 1.41
CA SER C 185 -49.78 -1.54 1.38
C SER C 185 -50.02 -2.37 2.65
N ALA C 186 -49.96 -3.69 2.48
CA ALA C 186 -49.97 -4.63 3.61
C ALA C 186 -48.72 -4.50 4.48
N ASP C 187 -47.62 -4.01 3.90
CA ASP C 187 -46.40 -3.70 4.65
C ASP C 187 -45.86 -2.35 4.15
N ARG C 188 -46.21 -1.28 4.85
N ARG C 188 -46.21 -1.28 4.86
CA ARG C 188 -45.86 0.06 4.45
CA ARG C 188 -45.87 0.07 4.46
C ARG C 188 -44.37 0.31 4.46
C ARG C 188 -44.37 0.33 4.46
N GLU C 189 -43.69 -0.16 5.50
CA GLU C 189 -42.27 0.04 5.63
C GLU C 189 -41.53 -0.67 4.49
N ARG C 190 -41.96 -1.88 4.15
CA ARG C 190 -41.36 -2.63 3.05
C ARG C 190 -41.57 -1.91 1.72
N ALA C 191 -42.78 -1.41 1.49
CA ALA C 191 -43.11 -0.70 0.25
C ALA C 191 -42.29 0.57 0.11
N ALA C 192 -42.13 1.31 1.21
CA ALA C 192 -41.33 2.52 1.22
C ALA C 192 -39.84 2.25 1.00
N ARG C 193 -39.33 1.14 1.54
CA ARG C 193 -37.94 0.75 1.30
C ARG C 193 -37.71 0.36 -0.16
N MSE C 194 -38.67 -0.35 -0.74
CA MSE C 194 -38.63 -0.73 -2.15
C MSE C 194 -38.62 0.51 -3.03
O MSE C 194 -37.92 0.55 -4.03
CB MSE C 194 -39.82 -1.64 -2.48
CG MSE C 194 -39.86 -2.13 -3.92
SE MSE C 194 -38.33 -3.28 -4.38
CE MSE C 194 -39.00 -3.96 -6.10
N TRP C 195 -39.41 1.51 -2.64
CA TRP C 195 -39.43 2.81 -3.31
C TRP C 195 -38.10 3.55 -3.24
N LEU C 196 -37.55 3.66 -2.04
CA LEU C 196 -36.28 4.36 -1.84
C LEU C 196 -35.11 3.78 -2.65
N VAL C 197 -35.03 2.46 -2.75
CA VAL C 197 -33.91 1.87 -3.48
C VAL C 197 -33.99 2.16 -4.98
N GLN C 198 -35.20 2.42 -5.51
CA GLN C 198 -35.34 2.79 -6.91
C GLN C 198 -34.54 4.06 -7.28
N PHE C 199 -34.31 4.93 -6.31
CA PHE C 199 -33.59 6.19 -6.53
C PHE C 199 -32.08 6.12 -6.30
N ALA C 200 -31.56 4.95 -5.91
CA ALA C 200 -30.15 4.84 -5.56
C ALA C 200 -29.20 5.27 -6.71
N PRO C 201 -29.40 4.77 -7.94
CA PRO C 201 -28.52 5.21 -9.04
C PRO C 201 -28.59 6.69 -9.35
N ASP C 202 -29.78 7.27 -9.23
CA ASP C 202 -30.01 8.68 -9.51
C ASP C 202 -29.45 9.57 -8.40
N PHE C 203 -29.93 9.37 -7.17
CA PHE C 203 -29.62 10.30 -6.07
C PHE C 203 -28.19 10.15 -5.52
N LEU C 204 -27.62 8.95 -5.59
CA LEU C 204 -26.25 8.78 -5.08
C LEU C 204 -25.19 9.33 -6.06
N SER C 205 -25.51 9.36 -7.35
CA SER C 205 -24.67 10.02 -8.36
C SER C 205 -25.26 11.37 -8.75
N GLU C 206 -25.80 12.11 -7.79
CA GLU C 206 -26.71 13.22 -8.12
C GLU C 206 -26.08 14.28 -9.01
N ALA C 207 -26.85 14.67 -10.02
CA ALA C 207 -26.43 15.69 -10.99
C ALA C 207 -25.46 15.19 -12.05
N SER C 208 -25.10 13.90 -12.02
CA SER C 208 -24.17 13.36 -13.01
C SER C 208 -24.68 13.50 -14.46
N PRO C 209 -25.94 13.08 -14.73
CA PRO C 209 -26.43 13.29 -16.10
C PRO C 209 -26.52 14.76 -16.48
N MSE C 210 -26.84 15.62 -15.54
CA MSE C 210 -26.86 17.06 -15.80
C MSE C 210 -25.49 17.63 -16.13
O MSE C 210 -25.40 18.53 -16.97
CB MSE C 210 -27.34 17.82 -14.58
CG MSE C 210 -28.57 18.63 -14.92
SE MSE C 210 -28.92 19.55 -13.24
CE MSE C 210 -30.10 18.25 -12.33
N MSE C 211 -24.45 17.14 -15.47
N MSE C 211 -24.45 17.14 -15.47
CA MSE C 211 -23.08 17.58 -15.75
CA MSE C 211 -23.07 17.58 -15.75
C MSE C 211 -22.64 17.34 -17.17
C MSE C 211 -22.64 17.35 -17.17
O MSE C 211 -21.79 18.05 -17.71
O MSE C 211 -21.80 18.08 -17.71
CB MSE C 211 -22.11 16.87 -14.79
CB MSE C 211 -22.06 16.89 -14.83
CG MSE C 211 -22.15 17.50 -13.40
CG MSE C 211 -21.84 17.66 -13.54
SE MSE C 211 -21.16 16.34 -12.16
SE MSE C 211 -20.61 19.18 -13.88
CE MSE C 211 -22.03 16.67 -10.42
CE MSE C 211 -19.16 18.26 -14.83
N ARG C 212 -23.22 16.32 -17.81
CA ARG C 212 -22.90 16.02 -19.22
C ARG C 212 -23.19 17.21 -20.15
N ASN C 213 -24.20 18.01 -19.79
CA ASN C 213 -24.61 19.19 -20.57
C ASN C 213 -23.80 20.43 -20.33
N VAL C 214 -22.87 20.38 -19.38
CA VAL C 214 -22.07 21.54 -19.02
C VAL C 214 -20.68 21.51 -19.67
N LEU C 215 -20.29 20.37 -20.24
CA LEU C 215 -19.03 20.27 -20.98
C LEU C 215 -19.17 21.02 -22.31
N GLY C 216 -18.17 21.82 -22.63
CA GLY C 216 -18.07 22.46 -23.93
C GLY C 216 -17.96 23.97 -23.84
N TYR C 217 -18.57 24.64 -24.82
CA TYR C 217 -18.39 26.07 -25.03
C TYR C 217 -19.62 26.59 -25.75
N TYR C 218 -20.54 27.15 -24.98
CA TYR C 218 -21.75 27.71 -25.54
C TYR C 218 -22.07 29.00 -24.78
N GLY C 219 -23.27 29.53 -24.85
CA GLY C 219 -23.48 30.90 -24.33
C GLY C 219 -23.45 31.10 -22.82
N PRO C 220 -24.05 32.22 -22.35
CA PRO C 220 -24.29 32.38 -20.90
C PRO C 220 -25.20 31.30 -20.27
N ALA C 221 -25.99 30.60 -21.08
CA ALA C 221 -26.80 29.48 -20.59
C ALA C 221 -25.96 28.36 -19.96
N GLN C 222 -24.74 28.16 -20.48
CA GLN C 222 -23.80 27.19 -19.91
C GLN C 222 -23.48 27.49 -18.45
N SER C 223 -23.16 28.76 -18.16
CA SER C 223 -22.89 29.19 -16.77
C SER C 223 -24.11 29.03 -15.86
N GLU C 224 -25.28 29.31 -16.40
CA GLU C 224 -26.54 29.17 -15.63
C GLU C 224 -26.88 27.71 -15.36
N TRP C 225 -26.66 26.86 -16.36
N TRP C 225 -26.67 26.84 -16.35
CA TRP C 225 -26.82 25.42 -16.19
CA TRP C 225 -26.79 25.40 -16.15
C TRP C 225 -25.86 24.92 -15.10
C TRP C 225 -25.87 24.95 -15.04
N PHE C 226 -24.61 25.39 -15.14
CA PHE C 226 -23.61 25.03 -14.15
C PHE C 226 -23.98 25.52 -12.74
N LYS C 227 -24.60 26.70 -12.65
CA LYS C 227 -25.08 27.21 -11.37
C LYS C 227 -26.10 26.28 -10.71
N VAL C 228 -26.94 25.64 -11.51
CA VAL C 228 -27.89 24.66 -10.99
C VAL C 228 -27.14 23.42 -10.49
N VAL C 229 -26.20 22.95 -11.29
CA VAL C 229 -25.40 21.79 -10.92
C VAL C 229 -24.65 22.04 -9.62
N ILE C 230 -24.28 23.30 -9.37
CA ILE C 230 -23.51 23.64 -8.18
C ILE C 230 -24.34 23.45 -6.91
N ASP C 231 -25.63 23.70 -7.00
CA ASP C 231 -26.52 23.45 -5.87
C ASP C 231 -26.73 21.96 -5.63
N GLU C 232 -27.03 21.24 -6.69
CA GLU C 232 -27.23 19.80 -6.62
C GLU C 232 -26.04 19.10 -5.98
N TYR C 233 -24.84 19.60 -6.23
CA TYR C 233 -23.64 18.99 -5.68
C TYR C 233 -23.19 19.67 -4.38
N GLY C 234 -24.10 20.45 -3.80
CA GLY C 234 -23.84 21.10 -2.52
C GLY C 234 -22.62 21.99 -2.48
N TYR C 235 -22.21 22.53 -3.62
CA TYR C 235 -21.19 23.55 -3.63
C TYR C 235 -19.80 22.99 -3.38
N GLY C 236 -19.60 21.71 -3.72
CA GLY C 236 -18.30 21.08 -3.55
C GLY C 236 -17.93 20.74 -2.11
N VAL C 237 -18.86 20.87 -1.16
CA VAL C 237 -18.59 20.43 0.21
C VAL C 237 -19.40 19.16 0.47
N HIS C 238 -18.71 18.13 0.96
CA HIS C 238 -19.23 16.76 0.91
C HIS C 238 -20.39 16.44 1.87
N ASP C 239 -20.37 16.96 3.08
CA ASP C 239 -21.48 16.70 4.04
C ASP C 239 -22.80 17.34 3.63
N THR C 240 -22.72 18.52 3.02
CA THR C 240 -23.91 19.18 2.49
C THR C 240 -24.27 18.73 1.07
N LYS C 241 -23.38 17.99 0.39
CA LYS C 241 -23.66 17.43 -0.95
C LYS C 241 -24.81 16.42 -0.86
N HIS C 242 -25.70 16.50 -1.83
CA HIS C 242 -26.97 15.79 -1.75
C HIS C 242 -26.80 14.29 -1.70
N SER C 243 -25.84 13.76 -2.46
CA SER C 243 -25.59 12.31 -2.45
C SER C 243 -25.41 11.81 -1.02
N THR C 244 -24.63 12.54 -0.22
CA THR C 244 -24.36 12.16 1.16
C THR C 244 -25.60 12.22 2.04
N LEU C 245 -26.52 13.14 1.73
CA LEU C 245 -27.78 13.23 2.48
C LEU C 245 -28.68 12.03 2.20
N PHE C 246 -28.70 11.56 0.94
CA PHE C 246 -29.49 10.38 0.62
C PHE C 246 -28.87 9.09 1.19
N GLU C 247 -27.55 9.05 1.37
CA GLU C 247 -26.90 7.97 2.12
C GLU C 247 -27.55 7.82 3.49
N ARG C 248 -27.73 8.94 4.19
CA ARG C 248 -28.33 8.96 5.53
C ARG C 248 -29.79 8.52 5.53
N THR C 249 -30.55 8.95 4.52
CA THR C 249 -31.93 8.51 4.35
C THR C 249 -32.02 6.99 4.26
N LEU C 250 -31.23 6.42 3.36
CA LEU C 250 -31.17 4.96 3.19
C LEU C 250 -30.75 4.27 4.49
N GLU C 251 -29.66 4.73 5.08
CA GLU C 251 -29.11 4.13 6.30
C GLU C 251 -30.04 4.24 7.51
N SER C 252 -30.86 5.30 7.55
CA SER C 252 -31.80 5.50 8.64
C SER C 252 -32.97 4.52 8.65
N VAL C 253 -33.24 3.86 7.51
CA VAL C 253 -34.28 2.83 7.43
C VAL C 253 -33.70 1.41 7.19
N GLY C 254 -32.42 1.23 7.49
CA GLY C 254 -31.77 -0.07 7.40
C GLY C 254 -31.31 -0.51 6.02
N LEU C 255 -31.18 0.44 5.08
CA LEU C 255 -30.68 0.14 3.73
C LEU C 255 -29.26 0.65 3.57
N GLU C 256 -28.48 0.02 2.70
CA GLU C 256 -27.10 0.44 2.47
C GLU C 256 -27.02 1.37 1.26
N SER C 257 -25.92 2.11 1.16
CA SER C 257 -25.76 3.15 0.14
C SER C 257 -24.61 2.89 -0.84
N ASP C 258 -24.18 1.64 -0.94
CA ASP C 258 -23.19 1.25 -1.96
C ASP C 258 -23.89 0.90 -3.26
N LEU C 259 -23.38 1.42 -4.37
CA LEU C 259 -23.92 1.09 -5.69
C LEU C 259 -23.27 -0.22 -6.18
N HIS C 260 -24.02 -1.13 -6.83
CA HIS C 260 -25.50 -1.19 -6.88
C HIS C 260 -25.95 -2.41 -6.06
N ARG C 261 -25.96 -2.27 -4.74
CA ARG C 261 -26.34 -3.37 -3.87
C ARG C 261 -27.66 -3.98 -4.31
N TYR C 262 -28.64 -3.10 -4.56
CA TYR C 262 -30.00 -3.53 -4.88
C TYR C 262 -30.31 -3.62 -6.38
N TRP C 263 -29.29 -3.82 -7.22
CA TRP C 263 -29.46 -3.97 -8.67
C TRP C 263 -30.65 -4.83 -9.08
N GLN C 264 -30.76 -6.03 -8.48
CA GLN C 264 -31.81 -6.98 -8.84
C GLN C 264 -33.22 -6.55 -8.44
N TYR C 265 -33.32 -5.50 -7.61
CA TYR C 265 -34.59 -4.94 -7.17
C TYR C 265 -34.94 -3.61 -7.87
N TYR C 266 -34.10 -3.16 -8.80
CA TYR C 266 -34.43 -2.00 -9.64
C TYR C 266 -35.48 -2.37 -10.68
N LEU C 267 -36.61 -1.69 -10.63
CA LEU C 267 -37.67 -1.89 -11.61
C LEU C 267 -37.24 -1.39 -12.99
N ASN C 268 -37.78 -2.04 -14.02
CA ASN C 268 -37.65 -1.62 -15.40
C ASN C 268 -37.86 -0.10 -15.52
N SER C 269 -38.99 0.39 -15.00
CA SER C 269 -39.38 1.79 -15.14
C SER C 269 -38.45 2.76 -14.43
N SER C 270 -37.84 2.32 -13.33
CA SER C 270 -36.86 3.12 -12.59
C SER C 270 -35.57 3.30 -13.40
N LEU C 271 -35.12 2.22 -14.03
CA LEU C 271 -33.98 2.29 -14.92
C LEU C 271 -34.29 3.16 -16.13
N LEU C 272 -35.50 3.00 -16.69
CA LEU C 272 -35.97 3.81 -17.82
C LEU C 272 -35.90 5.31 -17.51
N LEU C 273 -36.42 5.70 -16.35
CA LEU C 273 -36.40 7.09 -15.90
C LEU C 273 -34.98 7.63 -15.72
N ASN C 274 -34.11 6.86 -15.08
N ASN C 274 -34.10 6.86 -15.08
CA ASN C 274 -32.71 7.24 -14.91
CA ASN C 274 -32.69 7.22 -14.94
C ASN C 274 -31.94 7.29 -16.24
C ASN C 274 -31.98 7.31 -16.28
N ASN C 275 -32.15 6.29 -17.09
CA ASN C 275 -31.50 6.22 -18.40
C ASN C 275 -31.91 7.37 -19.34
N TYR C 276 -33.16 7.84 -19.22
CA TYR C 276 -33.67 8.94 -20.05
C TYR C 276 -32.78 10.18 -19.93
N PHE C 277 -32.33 10.49 -18.72
CA PHE C 277 -31.47 11.65 -18.53
C PHE C 277 -30.02 11.48 -19.02
N HIS C 278 -29.49 10.26 -18.93
CA HIS C 278 -28.19 9.95 -19.56
C HIS C 278 -28.29 10.04 -21.07
N TYR C 279 -29.40 9.55 -21.61
CA TYR C 279 -29.73 9.65 -23.04
C TYR C 279 -29.72 11.10 -23.52
N LEU C 280 -30.48 11.96 -22.83
CA LEU C 280 -30.52 13.38 -23.18
C LEU C 280 -29.19 14.08 -22.97
N GLY C 281 -28.48 13.69 -21.91
CA GLY C 281 -27.20 14.30 -21.57
C GLY C 281 -26.04 13.92 -22.47
N LYS C 282 -26.00 12.67 -22.90
CA LYS C 282 -24.92 12.18 -23.79
C LYS C 282 -25.08 12.63 -25.24
N ASN C 283 -26.33 12.81 -25.65
CA ASN C 283 -26.69 13.03 -27.04
C ASN C 283 -27.08 14.48 -27.23
N HIS C 284 -26.12 15.30 -27.65
CA HIS C 284 -26.34 16.74 -27.61
C HIS C 284 -27.30 17.29 -28.68
N GLU C 285 -27.70 16.45 -29.65
CA GLU C 285 -28.84 16.75 -30.51
C GLU C 285 -30.14 16.82 -29.71
N LEU C 286 -30.14 16.24 -28.50
CA LEU C 286 -31.27 16.28 -27.59
C LEU C 286 -31.11 17.31 -26.46
N PHE C 287 -30.12 18.19 -26.58
CA PHE C 287 -29.85 19.21 -25.56
C PHE C 287 -31.09 20.04 -25.18
N PHE C 288 -31.91 20.40 -26.16
CA PHE C 288 -33.08 21.25 -25.90
C PHE C 288 -34.20 20.47 -25.22
N ARG C 289 -34.28 19.17 -25.45
CA ARG C 289 -35.17 18.30 -24.66
C ARG C 289 -34.77 18.31 -23.20
N TYR C 290 -33.47 18.28 -22.94
CA TYR C 290 -32.99 18.34 -21.55
C TYR C 290 -33.35 19.69 -20.92
N VAL C 291 -33.23 20.78 -21.67
CA VAL C 291 -33.66 22.09 -21.19
C VAL C 291 -35.11 22.02 -20.68
N GLY C 292 -35.98 21.41 -21.47
CA GLY C 292 -37.37 21.21 -21.10
C GLY C 292 -37.56 20.34 -19.87
N ALA C 293 -36.93 19.17 -19.85
CA ALA C 293 -37.02 18.27 -18.71
C ALA C 293 -36.49 18.93 -17.44
N LEU C 294 -35.42 19.71 -17.56
CA LEU C 294 -34.87 20.45 -16.41
C LEU C 294 -35.88 21.45 -15.86
N TYR C 295 -36.57 22.18 -16.74
CA TYR C 295 -37.63 23.07 -16.30
C TYR C 295 -38.70 22.32 -15.52
N TYR C 296 -39.18 21.21 -16.07
CA TYR C 296 -40.22 20.43 -15.41
C TYR C 296 -39.78 19.90 -14.03
N THR C 297 -38.56 19.37 -13.97
CA THR C 297 -38.01 18.85 -12.71
C THR C 297 -37.85 19.97 -11.66
N GLU C 298 -37.36 21.13 -12.08
CA GLU C 298 -37.21 22.27 -11.16
C GLU C 298 -38.55 22.80 -10.67
N SER C 299 -39.52 22.79 -11.56
CA SER C 299 -40.85 23.27 -11.23
C SER C 299 -41.64 22.27 -10.36
N SER C 300 -41.27 20.98 -10.39
CA SER C 300 -41.92 19.91 -9.59
C SER C 300 -41.18 19.59 -8.30
N LEU C 301 -39.97 20.13 -8.15
CA LEU C 301 -39.05 19.70 -7.09
C LEU C 301 -39.57 19.93 -5.67
N VAL C 302 -40.16 21.09 -5.41
CA VAL C 302 -40.63 21.44 -4.06
C VAL C 302 -41.79 20.54 -3.64
N ASP C 303 -42.76 20.35 -4.53
CA ASP C 303 -43.88 19.47 -4.29
C ASP C 303 -43.45 18.03 -4.05
N PHE C 304 -42.54 17.53 -4.89
CA PHE C 304 -41.99 16.18 -4.72
C PHE C 304 -41.32 15.99 -3.35
N CYS C 305 -40.48 16.94 -2.96
CA CYS C 305 -39.73 16.84 -1.72
C CYS C 305 -40.63 16.95 -0.49
N ARG C 306 -41.65 17.81 -0.56
CA ARG C 306 -42.63 17.93 0.53
C ARG C 306 -43.36 16.62 0.73
N ARG C 307 -43.91 16.10 -0.36
CA ARG C 307 -44.63 14.83 -0.34
C ARG C 307 -43.76 13.68 0.14
N ALA C 308 -42.51 13.65 -0.30
CA ALA C 308 -41.60 12.58 0.08
C ALA C 308 -41.30 12.62 1.58
N ASP C 309 -41.01 13.81 2.08
CA ASP C 309 -40.79 14.03 3.51
C ASP C 309 -42.01 13.58 4.34
N HIS C 310 -43.21 14.01 3.93
CA HIS C 310 -44.45 13.70 4.64
C HIS C 310 -44.74 12.19 4.62
N LEU C 311 -44.61 11.58 3.43
CA LEU C 311 -44.86 10.17 3.26
C LEU C 311 -43.92 9.31 4.11
N LEU C 312 -42.63 9.61 4.05
CA LEU C 312 -41.63 8.87 4.81
C LEU C 312 -41.80 9.02 6.33
N ARG C 313 -42.22 10.21 6.77
N ARG C 313 -42.21 10.21 6.78
CA ARG C 313 -42.47 10.44 8.19
CA ARG C 313 -42.46 10.42 8.20
C ARG C 313 -43.67 9.64 8.69
C ARG C 313 -43.67 9.63 8.69
N GLU C 314 -44.73 9.62 7.88
CA GLU C 314 -45.92 8.84 8.20
C GLU C 314 -45.65 7.33 8.31
N VAL C 315 -44.73 6.83 7.49
CA VAL C 315 -44.40 5.41 7.45
C VAL C 315 -43.43 5.04 8.57
N PHE C 316 -42.37 5.82 8.72
CA PHE C 316 -41.25 5.46 9.62
C PHE C 316 -41.20 6.25 10.94
N GLY C 317 -41.97 7.31 11.07
CA GLY C 317 -41.90 8.17 12.23
C GLY C 317 -40.64 9.03 12.22
N ASP C 318 -40.03 9.14 13.41
N ASP C 318 -39.94 9.16 13.33
CA ASP C 318 -38.85 9.99 13.64
CA ASP C 318 -38.76 10.03 13.25
C ASP C 318 -37.52 9.31 13.31
C ASP C 318 -37.43 9.30 13.18
N THR C 319 -37.52 8.00 13.09
CA THR C 319 -36.30 7.25 12.84
C THR C 319 -35.72 7.64 11.47
N VAL C 320 -36.57 7.98 10.51
CA VAL C 320 -36.11 8.29 9.13
C VAL C 320 -35.46 9.68 9.03
N ASP C 321 -34.34 9.75 8.31
CA ASP C 321 -33.65 11.01 8.04
C ASP C 321 -34.12 11.51 6.68
N THR C 322 -34.86 12.62 6.68
CA THR C 322 -35.39 13.19 5.44
C THR C 322 -34.68 14.48 5.04
N THR C 323 -33.50 14.75 5.61
CA THR C 323 -32.75 15.97 5.30
C THR C 323 -32.55 16.15 3.80
N TYR C 324 -32.28 15.05 3.09
CA TYR C 324 -32.10 15.08 1.66
C TYR C 324 -33.23 15.79 0.94
N PHE C 325 -34.47 15.55 1.38
CA PHE C 325 -35.64 16.12 0.75
C PHE C 325 -35.93 17.53 1.23
N THR C 326 -35.78 17.77 2.53
CA THR C 326 -36.09 19.07 3.09
C THR C 326 -35.06 20.15 2.67
N GLU C 327 -33.81 19.74 2.43
CA GLU C 327 -32.78 20.68 1.94
C GLU C 327 -33.11 21.27 0.58
N HIS C 328 -33.74 20.47 -0.29
CA HIS C 328 -34.14 20.90 -1.64
C HIS C 328 -35.27 21.94 -1.61
N ILE C 329 -36.00 22.05 -0.50
CA ILE C 329 -37.05 23.06 -0.35
C ILE C 329 -36.43 24.42 0.02
N GLY C 336 -37.59 26.67 -11.01
CA GLY C 336 -38.68 26.66 -12.00
C GLY C 336 -38.71 27.95 -12.81
N ARG C 337 -39.02 29.04 -12.12
CA ARG C 337 -39.01 30.36 -12.74
C ARG C 337 -37.59 30.78 -13.12
N MSE C 338 -36.59 30.32 -12.36
N MSE C 338 -36.60 30.32 -12.36
CA MSE C 338 -35.18 30.63 -12.65
CA MSE C 338 -35.21 30.61 -12.67
C MSE C 338 -34.76 29.94 -13.92
C MSE C 338 -34.78 29.94 -13.94
O MSE C 338 -34.06 30.55 -14.73
O MSE C 338 -34.08 30.55 -14.75
CB MSE C 338 -34.29 30.31 -11.44
CB MSE C 338 -34.35 30.07 -11.54
CG MSE C 338 -34.48 31.38 -10.36
CG MSE C 338 -32.88 30.13 -11.92
SE MSE C 338 -33.88 33.15 -11.02
SE MSE C 338 -32.36 28.43 -12.76
CE MSE C 338 -35.61 33.93 -11.60
CE MSE C 338 -30.63 29.09 -13.42
N ALA C 339 -35.19 28.70 -14.13
CA ALA C 339 -34.83 27.98 -15.34
C ALA C 339 -35.47 28.59 -16.59
N ARG C 340 -36.67 29.14 -16.43
CA ARG C 340 -37.36 29.81 -17.52
C ARG C 340 -36.58 31.07 -17.91
N GLU C 341 -36.22 31.84 -16.89
CA GLU C 341 -35.57 33.15 -16.99
C GLU C 341 -34.14 33.06 -17.54
N LYS C 342 -33.39 32.17 -16.92
CA LYS C 342 -31.95 32.15 -17.07
C LYS C 342 -31.46 31.14 -18.11
N ILE C 343 -32.30 30.20 -18.51
CA ILE C 343 -31.90 29.16 -19.46
C ILE C 343 -32.77 29.12 -20.72
N ILE C 344 -34.08 28.93 -20.55
CA ILE C 344 -34.97 28.83 -21.73
C ILE C 344 -34.95 30.12 -22.55
N LYS C 345 -35.12 31.27 -21.88
CA LYS C 345 -35.24 32.56 -22.58
C LYS C 345 -34.00 32.86 -23.45
N PRO C 346 -32.80 32.86 -22.85
CA PRO C 346 -31.61 33.17 -23.65
C PRO C 346 -31.35 32.19 -24.80
N LEU C 347 -31.68 30.90 -24.61
CA LEU C 347 -31.54 29.92 -25.68
C LEU C 347 -32.53 30.16 -26.84
N VAL C 348 -33.77 30.52 -26.50
CA VAL C 348 -34.78 30.84 -27.51
C VAL C 348 -34.37 32.11 -28.28
N GLU C 349 -33.88 33.11 -27.56
CA GLU C 349 -33.38 34.34 -28.18
C GLU C 349 -32.16 34.11 -29.07
N ALA C 350 -31.23 33.28 -28.63
CA ALA C 350 -30.00 33.02 -29.40
C ALA C 350 -30.24 32.11 -30.59
N HIS C 351 -31.01 31.04 -30.38
CA HIS C 351 -31.13 29.97 -31.39
C HIS C 351 -32.48 29.93 -32.12
N GLY C 352 -33.44 30.74 -31.68
CA GLY C 352 -34.71 30.90 -32.40
C GLY C 352 -35.83 30.00 -31.93
N ASP C 353 -37.02 30.24 -32.49
CA ASP C 353 -38.25 29.51 -32.15
C ASP C 353 -38.23 28.03 -32.53
N GLY C 354 -37.35 27.65 -33.45
CA GLY C 354 -37.18 26.24 -33.85
C GLY C 354 -36.78 25.26 -32.75
N ILE C 355 -36.21 25.74 -31.64
CA ILE C 355 -35.87 24.87 -30.52
C ILE C 355 -37.04 24.56 -29.59
N ILE C 356 -38.14 25.32 -29.72
CA ILE C 356 -39.25 25.19 -28.78
C ILE C 356 -39.93 23.81 -28.81
N PRO C 357 -40.17 23.23 -30.01
CA PRO C 357 -40.77 21.88 -30.04
C PRO C 357 -39.90 20.83 -29.33
N GLU C 358 -38.58 21.00 -29.37
CA GLU C 358 -37.67 20.10 -28.64
C GLU C 358 -37.82 20.27 -27.13
N ILE C 359 -37.93 21.52 -26.68
CA ILE C 359 -38.13 21.82 -25.26
C ILE C 359 -39.42 21.16 -24.75
N VAL C 360 -40.48 21.30 -25.54
CA VAL C 360 -41.78 20.73 -25.18
C VAL C 360 -41.75 19.20 -25.22
N ARG C 361 -41.06 18.64 -26.21
N ARG C 361 -41.06 18.64 -26.21
CA ARG C 361 -40.93 17.20 -26.34
CA ARG C 361 -40.95 17.21 -26.34
C ARG C 361 -40.25 16.58 -25.11
C ARG C 361 -40.26 16.59 -25.12
N GLY C 362 -39.23 17.25 -24.61
CA GLY C 362 -38.52 16.80 -23.41
C GLY C 362 -39.43 16.70 -22.20
N ILE C 363 -40.29 17.71 -22.03
CA ILE C 363 -41.23 17.74 -20.92
C ILE C 363 -42.27 16.62 -21.08
N GLU C 364 -42.81 16.48 -22.28
CA GLU C 364 -43.86 15.48 -22.53
C GLU C 364 -43.35 14.04 -22.46
N GLU C 365 -42.17 13.80 -23.00
CA GLU C 365 -41.53 12.49 -22.91
C GLU C 365 -41.31 12.11 -21.45
N TYR C 366 -40.79 13.04 -20.67
CA TYR C 366 -40.53 12.80 -19.26
C TYR C 366 -41.82 12.49 -18.46
N ARG C 367 -42.90 13.21 -18.78
CA ARG C 367 -44.18 12.96 -18.14
C ARG C 367 -44.74 11.58 -18.46
N VAL C 368 -44.57 11.14 -19.70
CA VAL C 368 -44.94 9.77 -20.08
C VAL C 368 -44.17 8.75 -19.23
N LEU C 369 -42.87 8.99 -19.04
CA LEU C 369 -42.04 8.08 -18.25
C LEU C 369 -42.44 8.04 -16.76
N LEU C 370 -42.82 9.20 -16.21
CA LEU C 370 -43.32 9.25 -14.84
C LEU C 370 -44.60 8.44 -14.66
N GLU C 371 -45.48 8.48 -15.66
CA GLU C 371 -46.72 7.69 -15.66
C GLU C 371 -46.42 6.19 -15.67
N ILE C 372 -45.47 5.79 -16.51
CA ILE C 372 -45.04 4.39 -16.57
C ILE C 372 -44.45 3.97 -15.22
N GLY C 373 -43.62 4.83 -14.63
CA GLY C 373 -43.08 4.60 -13.28
C GLY C 373 -44.15 4.38 -12.22
N ASP C 374 -45.14 5.27 -12.18
CA ASP C 374 -46.27 5.15 -11.25
C ASP C 374 -46.98 3.82 -11.40
N PHE C 375 -47.27 3.42 -12.64
CA PHE C 375 -47.92 2.15 -12.92
C PHE C 375 -47.06 0.96 -12.48
N ASP C 376 -45.82 0.94 -12.95
CA ASP C 376 -44.91 -0.19 -12.72
C ASP C 376 -44.68 -0.41 -11.22
N PHE C 377 -44.43 0.68 -10.50
CA PHE C 377 -44.21 0.62 -9.06
C PHE C 377 -45.48 0.14 -8.31
N SER C 378 -46.63 0.70 -8.65
CA SER C 378 -47.91 0.31 -8.05
C SER C 378 -48.21 -1.18 -8.26
N GLU C 379 -47.99 -1.64 -9.48
CA GLU C 379 -48.14 -3.05 -9.80
C GLU C 379 -47.21 -3.96 -9.01
N GLN C 380 -45.96 -3.55 -8.84
CA GLN C 380 -44.97 -4.35 -8.11
C GLN C 380 -45.33 -4.47 -6.63
N ILE C 381 -45.74 -3.36 -6.01
CA ILE C 381 -46.12 -3.38 -4.59
C ILE C 381 -47.35 -4.28 -4.37
N ALA C 382 -48.35 -4.19 -5.24
CA ALA C 382 -49.53 -5.05 -5.16
C ALA C 382 -49.17 -6.53 -5.32
N TRP C 383 -48.23 -6.81 -6.22
CA TRP C 383 -47.71 -8.15 -6.47
C TRP C 383 -46.96 -8.72 -5.27
N MSE C 384 -46.14 -7.88 -4.63
CA MSE C 384 -45.42 -8.26 -3.42
C MSE C 384 -46.38 -8.55 -2.27
O MSE C 384 -46.26 -9.56 -1.57
CB MSE C 384 -44.45 -7.16 -2.98
CG MSE C 384 -43.22 -7.13 -3.89
SE MSE C 384 -42.29 -5.39 -3.78
CE MSE C 384 -41.75 -5.46 -1.89
N ASP C 385 -47.35 -7.66 -2.07
CA ASP C 385 -48.32 -7.81 -0.98
C ASP C 385 -49.23 -9.04 -1.15
N ALA C 386 -49.60 -9.35 -2.39
CA ALA C 386 -50.51 -10.47 -2.69
C ALA C 386 -49.83 -11.86 -2.76
N GLN C 387 -48.56 -11.98 -2.38
CA GLN C 387 -47.86 -13.27 -2.48
C GLN C 387 -48.55 -14.45 -1.75
N PRO C 388 -49.06 -14.24 -0.52
CA PRO C 388 -49.78 -15.34 0.15
C PRO C 388 -51.00 -15.84 -0.65
N GLU C 389 -51.75 -14.91 -1.24
CA GLU C 389 -52.91 -15.24 -2.06
C GLU C 389 -52.52 -15.91 -3.38
N LEU C 390 -51.42 -15.45 -3.99
CA LEU C 390 -50.93 -16.02 -5.23
C LEU C 390 -50.32 -17.41 -5.01
N LYS C 391 -49.77 -17.66 -3.84
CA LYS C 391 -49.36 -19.01 -3.45
C LYS C 391 -50.59 -19.95 -3.39
N LYS C 392 -51.67 -19.47 -2.78
CA LYS C 392 -52.92 -20.25 -2.72
C LYS C 392 -53.61 -20.42 -4.08
N LEU C 393 -53.52 -19.40 -4.95
CA LEU C 393 -54.10 -19.50 -6.29
C LEU C 393 -53.46 -20.56 -7.16
N HIS C 394 -52.25 -21.00 -6.80
CA HIS C 394 -51.61 -22.14 -7.46
C HIS C 394 -52.54 -23.34 -7.60
N ASP C 395 -53.25 -23.67 -6.52
CA ASP C 395 -54.07 -24.88 -6.48
C ASP C 395 -55.18 -24.90 -7.54
N PRO C 396 -56.07 -23.89 -7.57
CA PRO C 396 -57.08 -23.89 -8.64
C PRO C 396 -56.51 -23.73 -10.05
N VAL C 397 -55.45 -22.95 -10.21
CA VAL C 397 -54.81 -22.78 -11.52
C VAL C 397 -54.21 -24.11 -12.01
N PHE C 398 -53.52 -24.81 -11.12
CA PHE C 398 -52.93 -26.11 -11.42
C PHE C 398 -54.00 -27.13 -11.77
N GLU C 399 -55.11 -27.13 -11.03
CA GLU C 399 -56.27 -27.98 -11.30
C GLU C 399 -56.89 -27.67 -12.67
N GLY C 400 -56.98 -26.39 -13.02
CA GLY C 400 -57.49 -25.98 -14.32
C GLY C 400 -56.64 -26.46 -15.49
N LEU C 401 -55.32 -26.52 -15.29
CA LEU C 401 -54.42 -27.07 -16.31
C LEU C 401 -54.60 -28.57 -16.50
N LYS C 402 -54.82 -29.28 -15.39
CA LYS C 402 -55.16 -30.72 -15.45
C LYS C 402 -56.45 -30.98 -16.24
N GLN C 403 -57.46 -30.13 -16.03
CA GLN C 403 -58.73 -30.24 -16.76
C GLN C 403 -58.67 -29.71 -18.20
N GLY C 404 -57.52 -29.17 -18.61
CA GLY C 404 -57.30 -28.77 -19.99
C GLY C 404 -57.91 -27.44 -20.39
N LYS C 405 -58.14 -26.54 -19.42
CA LYS C 405 -58.75 -25.24 -19.70
C LYS C 405 -57.80 -24.34 -20.50
N VAL C 406 -56.51 -24.50 -20.26
CA VAL C 406 -55.48 -23.87 -21.09
C VAL C 406 -54.48 -24.95 -21.49
N ASP C 407 -54.06 -24.91 -22.75
CA ASP C 407 -53.01 -25.77 -23.26
C ASP C 407 -51.69 -25.00 -23.11
N ALA C 408 -51.00 -25.26 -22.00
CA ALA C 408 -49.84 -24.48 -21.59
C ALA C 408 -48.53 -25.24 -21.83
N PRO C 409 -47.56 -24.61 -22.51
CA PRO C 409 -46.24 -25.21 -22.60
C PRO C 409 -45.66 -25.37 -21.21
N VAL C 410 -44.90 -26.43 -20.99
CA VAL C 410 -44.32 -26.63 -19.68
C VAL C 410 -42.84 -26.94 -19.79
N ALA C 411 -42.07 -26.42 -18.83
CA ALA C 411 -40.65 -26.65 -18.74
C ALA C 411 -40.38 -27.42 -17.46
N HIS C 412 -39.72 -28.56 -17.58
CA HIS C 412 -39.38 -29.39 -16.42
C HIS C 412 -37.95 -29.10 -16.03
N LEU C 413 -37.77 -28.59 -14.81
CA LEU C 413 -36.46 -28.16 -14.34
C LEU C 413 -36.01 -28.97 -13.12
N VAL C 414 -34.71 -29.23 -13.05
CA VAL C 414 -34.08 -29.88 -11.91
C VAL C 414 -32.82 -29.08 -11.60
N GLU C 415 -32.74 -28.49 -10.40
CA GLU C 415 -31.65 -27.58 -10.06
C GLU C 415 -31.11 -27.84 -8.66
N PRO C 416 -29.78 -27.71 -8.47
CA PRO C 416 -29.16 -27.97 -7.18
C PRO C 416 -29.22 -26.76 -6.24
N ARG C 417 -28.80 -26.97 -4.99
CA ARG C 417 -28.75 -25.92 -3.96
C ARG C 417 -27.95 -24.72 -4.43
N GLY C 418 -28.45 -23.52 -4.14
CA GLY C 418 -27.76 -22.26 -4.46
C GLY C 418 -27.82 -21.79 -5.90
N GLU C 419 -28.58 -22.51 -6.74
CA GLU C 419 -28.82 -22.09 -8.13
C GLU C 419 -29.80 -20.91 -8.10
N LEU C 420 -29.23 -19.70 -8.09
CA LEU C 420 -30.00 -18.49 -7.92
C LEU C 420 -30.35 -17.91 -9.29
N SER C 421 -31.63 -18.00 -9.64
CA SER C 421 -32.15 -17.37 -10.84
C SER C 421 -32.30 -15.86 -10.60
N ASN C 422 -31.44 -15.06 -11.24
CA ASN C 422 -31.43 -13.61 -11.02
C ASN C 422 -32.73 -13.01 -11.52
N THR C 423 -33.13 -11.90 -10.91
CA THR C 423 -34.46 -11.34 -11.15
C THR C 423 -34.70 -10.99 -12.62
N HIS C 424 -35.94 -11.18 -13.03
CA HIS C 424 -36.38 -11.05 -14.39
C HIS C 424 -37.90 -10.97 -14.39
N CYS C 425 -38.51 -11.02 -15.57
CA CYS C 425 -39.96 -11.12 -15.67
C CYS C 425 -40.29 -11.90 -16.92
N HIS C 426 -41.57 -12.22 -17.08
CA HIS C 426 -42.04 -12.90 -18.28
C HIS C 426 -43.18 -12.09 -18.87
N ASP C 427 -43.44 -12.31 -20.15
CA ASP C 427 -44.39 -11.49 -20.90
C ASP C 427 -45.83 -12.03 -20.80
N GLY C 428 -45.98 -13.26 -20.31
CA GLY C 428 -47.29 -13.80 -19.92
C GLY C 428 -47.23 -14.33 -18.51
N ASP C 429 -48.40 -14.65 -17.95
CA ASP C 429 -48.48 -15.25 -16.64
C ASP C 429 -47.87 -16.65 -16.67
N GLU C 430 -47.28 -17.06 -15.56
CA GLU C 430 -46.78 -18.41 -15.39
C GLU C 430 -47.29 -19.04 -14.10
N LEU C 431 -47.34 -20.37 -14.09
CA LEU C 431 -47.54 -21.14 -12.87
C LEU C 431 -46.26 -21.89 -12.56
N CYS C 432 -45.69 -21.62 -11.40
CA CYS C 432 -44.56 -22.39 -10.90
C CYS C 432 -45.12 -23.47 -9.95
N HIS C 433 -44.78 -24.73 -10.22
CA HIS C 433 -45.22 -25.88 -9.39
C HIS C 433 -44.00 -26.68 -8.92
N ILE C 434 -43.84 -26.80 -7.61
CA ILE C 434 -42.74 -27.56 -7.05
C ILE C 434 -43.16 -29.05 -6.92
N VAL C 435 -42.41 -29.94 -7.56
CA VAL C 435 -42.63 -31.37 -7.43
C VAL C 435 -41.95 -31.88 -6.17
N SER C 436 -40.67 -31.55 -6.00
CA SER C 436 -39.93 -31.91 -4.79
C SER C 436 -38.85 -30.87 -4.45
N GLY C 437 -38.46 -30.85 -3.18
CA GLY C 437 -37.46 -29.91 -2.69
C GLY C 437 -38.07 -28.61 -2.19
N THR C 438 -37.23 -27.58 -2.08
CA THR C 438 -37.61 -26.31 -1.47
C THR C 438 -37.05 -25.13 -2.29
N MSE C 439 -37.92 -24.18 -2.63
CA MSE C 439 -37.56 -22.99 -3.40
C MSE C 439 -37.86 -21.77 -2.58
O MSE C 439 -38.93 -21.67 -1.96
CB MSE C 439 -38.35 -22.94 -4.70
CG MSE C 439 -38.02 -21.70 -5.55
SE MSE C 439 -39.24 -21.51 -7.08
CE MSE C 439 -38.28 -22.76 -8.26
N ARG C 440 -36.91 -20.84 -2.54
CA ARG C 440 -37.20 -19.46 -2.11
C ARG C 440 -37.63 -18.67 -3.35
N PHE C 441 -38.90 -18.26 -3.38
CA PHE C 441 -39.42 -17.45 -4.48
C PHE C 441 -39.42 -15.96 -4.10
N GLU C 442 -38.62 -15.17 -4.83
CA GLU C 442 -38.37 -13.76 -4.51
C GLU C 442 -39.23 -12.88 -5.40
N SER C 443 -40.06 -12.04 -4.78
CA SER C 443 -41.00 -11.17 -5.50
C SER C 443 -40.67 -9.67 -5.36
N GLY C 444 -39.71 -9.34 -4.52
CA GLY C 444 -39.33 -7.96 -4.24
C GLY C 444 -38.46 -7.89 -3.01
N LEU C 445 -38.03 -6.68 -2.66
CA LEU C 445 -37.12 -6.50 -1.52
C LEU C 445 -37.89 -6.74 -0.22
N GLY C 446 -37.44 -7.73 0.55
CA GLY C 446 -38.15 -8.15 1.76
C GLY C 446 -39.44 -8.92 1.49
N SER C 447 -39.60 -9.45 0.27
CA SER C 447 -40.81 -10.15 -0.13
C SER C 447 -40.45 -11.50 -0.73
N SER C 448 -40.62 -12.54 0.08
CA SER C 448 -40.21 -13.91 -0.27
C SER C 448 -41.28 -14.92 0.14
N LEU C 449 -41.34 -16.02 -0.61
CA LEU C 449 -42.14 -17.19 -0.26
C LEU C 449 -41.23 -18.41 -0.25
N THR C 450 -41.47 -19.31 0.71
CA THR C 450 -40.84 -20.62 0.72
C THR C 450 -41.85 -21.59 0.12
N LEU C 451 -41.47 -22.27 -0.95
CA LEU C 451 -42.35 -23.22 -1.65
C LEU C 451 -41.81 -24.65 -1.52
N GLN C 452 -42.65 -25.55 -1.00
N GLN C 452 -42.65 -25.55 -1.02
CA GLN C 452 -42.29 -26.95 -0.76
CA GLN C 452 -42.26 -26.94 -0.83
C GLN C 452 -43.00 -27.85 -1.75
C GLN C 452 -43.01 -27.86 -1.76
N ALA C 453 -42.74 -29.16 -1.65
CA ALA C 453 -43.37 -30.16 -2.53
C ALA C 453 -44.89 -30.02 -2.55
N GLY C 454 -45.48 -30.05 -3.75
CA GLY C 454 -46.90 -29.86 -3.93
C GLY C 454 -47.39 -28.42 -3.98
N GLU C 455 -46.55 -27.47 -3.54
CA GLU C 455 -46.92 -26.06 -3.50
C GLU C 455 -46.42 -25.35 -4.75
N GLY C 456 -46.78 -24.08 -4.87
CA GLY C 456 -46.35 -23.27 -6.00
C GLY C 456 -46.88 -21.85 -5.92
N VAL C 457 -46.77 -21.13 -7.03
CA VAL C 457 -47.18 -19.73 -7.08
C VAL C 457 -47.57 -19.31 -8.49
N VAL C 458 -48.55 -18.42 -8.57
CA VAL C 458 -48.93 -17.78 -9.82
C VAL C 458 -48.01 -16.56 -10.01
N ILE C 459 -47.29 -16.54 -11.11
CA ILE C 459 -46.34 -15.47 -11.42
C ILE C 459 -46.96 -14.56 -12.47
N LYS C 460 -47.24 -13.32 -12.06
CA LYS C 460 -47.94 -12.37 -12.91
C LYS C 460 -47.00 -11.74 -13.93
N ARG C 461 -47.50 -11.57 -15.15
N ARG C 461 -47.49 -11.56 -15.15
CA ARG C 461 -46.69 -11.01 -16.23
CA ARG C 461 -46.68 -11.03 -16.23
C ARG C 461 -46.11 -9.64 -15.89
C ARG C 461 -46.10 -9.65 -15.88
N ASN C 462 -44.88 -9.41 -16.35
CA ASN C 462 -44.15 -8.15 -16.17
C ASN C 462 -43.72 -7.83 -14.73
N ARG C 463 -44.06 -8.68 -13.77
CA ARG C 463 -43.65 -8.45 -12.40
C ARG C 463 -42.26 -9.03 -12.13
N LEU C 464 -41.43 -8.22 -11.49
CA LEU C 464 -40.04 -8.58 -11.25
C LEU C 464 -39.96 -9.66 -10.17
N HIS C 465 -39.20 -10.71 -10.44
CA HIS C 465 -39.06 -11.83 -9.51
C HIS C 465 -37.84 -12.67 -9.84
N GLY C 466 -37.40 -13.45 -8.85
CA GLY C 466 -36.37 -14.46 -9.03
C GLY C 466 -36.59 -15.64 -8.09
N ALA C 467 -35.60 -16.54 -8.03
CA ALA C 467 -35.70 -17.71 -7.15
C ALA C 467 -34.32 -18.26 -6.80
N ASN C 468 -34.26 -18.93 -5.65
CA ASN C 468 -33.09 -19.69 -5.23
C ASN C 468 -33.52 -21.06 -4.70
N ILE C 469 -32.69 -22.06 -4.92
CA ILE C 469 -32.97 -23.41 -4.46
C ILE C 469 -32.38 -23.59 -3.07
N GLU C 470 -33.23 -23.89 -2.10
CA GLU C 470 -32.84 -24.00 -0.68
C GLU C 470 -32.61 -25.45 -0.19
N SER C 471 -33.08 -26.44 -0.94
CA SER C 471 -32.82 -27.83 -0.65
C SER C 471 -31.64 -28.32 -1.49
N ASP C 472 -31.20 -29.56 -1.27
CA ASP C 472 -30.09 -30.16 -2.02
C ASP C 472 -30.40 -30.18 -3.52
N GLU C 473 -31.63 -30.54 -3.85
CA GLU C 473 -32.12 -30.54 -5.22
C GLU C 473 -33.60 -30.12 -5.21
N CYS C 474 -34.03 -29.43 -6.26
CA CYS C 474 -35.44 -29.05 -6.40
C CYS C 474 -35.90 -29.42 -7.79
N VAL C 475 -36.98 -30.18 -7.86
CA VAL C 475 -37.61 -30.53 -9.13
C VAL C 475 -38.88 -29.69 -9.22
N TYR C 476 -39.01 -28.90 -10.29
CA TYR C 476 -40.16 -28.04 -10.45
C TYR C 476 -40.54 -27.83 -11.89
N GLU C 477 -41.74 -27.29 -12.09
CA GLU C 477 -42.33 -27.09 -13.40
C GLU C 477 -42.74 -25.64 -13.57
N ILE C 478 -42.51 -25.09 -14.76
CA ILE C 478 -43.01 -23.78 -15.13
C ILE C 478 -43.99 -23.95 -16.27
N HIS C 479 -45.26 -23.63 -16.02
CA HIS C 479 -46.30 -23.67 -17.04
C HIS C 479 -46.54 -22.27 -17.56
N SER C 480 -46.40 -22.07 -18.87
CA SER C 480 -46.67 -20.77 -19.48
C SER C 480 -48.15 -20.63 -19.85
N VAL C 481 -48.93 -20.12 -18.90
CA VAL C 481 -50.39 -20.11 -19.01
C VAL C 481 -50.97 -18.90 -19.75
N GLY C 482 -50.15 -17.87 -19.98
CA GLY C 482 -50.60 -16.66 -20.69
C GLY C 482 -51.40 -15.74 -19.79
N ASP C 483 -52.62 -16.14 -19.47
CA ASP C 483 -53.50 -15.45 -18.51
C ASP C 483 -53.99 -16.49 -17.52
N TYR C 484 -53.52 -16.38 -16.26
CA TYR C 484 -53.84 -17.38 -15.24
C TYR C 484 -55.35 -17.48 -14.95
N ARG C 485 -56.08 -16.39 -15.19
CA ARG C 485 -57.51 -16.33 -14.94
C ARG C 485 -58.30 -17.30 -15.85
N LYS C 486 -57.76 -17.60 -17.01
CA LYS C 486 -58.34 -18.59 -17.91
C LYS C 486 -58.26 -20.03 -17.39
N CYS C 487 -57.41 -20.27 -16.39
CA CYS C 487 -57.32 -21.58 -15.74
C CYS C 487 -58.28 -21.76 -14.57
N LEU C 488 -59.00 -20.71 -14.19
CA LEU C 488 -59.88 -20.76 -13.04
C LEU C 488 -61.27 -21.25 -13.45
CA SER D 16 -38.03 -25.69 -23.72
C SER D 16 -36.72 -26.18 -23.12
N HIS D 17 -35.63 -25.45 -23.38
CA HIS D 17 -34.29 -25.75 -22.83
C HIS D 17 -33.72 -24.53 -22.10
N MSE D 18 -32.90 -24.78 -21.07
CA MSE D 18 -32.28 -23.71 -20.31
C MSE D 18 -31.22 -23.03 -21.15
O MSE D 18 -30.56 -23.68 -21.97
CB MSE D 18 -31.60 -24.25 -19.07
CG MSE D 18 -32.58 -24.90 -18.10
SE MSE D 18 -31.59 -25.10 -16.42
CE MSE D 18 -32.04 -26.99 -16.03
N SER D 19 -31.05 -21.74 -20.93
CA SER D 19 -30.08 -20.95 -21.68
C SER D 19 -28.77 -20.86 -20.91
N HIS D 20 -27.66 -21.04 -21.62
CA HIS D 20 -26.32 -20.91 -21.05
C HIS D 20 -25.62 -19.74 -21.67
N VAL D 21 -24.61 -19.19 -20.98
CA VAL D 21 -23.93 -17.98 -21.44
C VAL D 21 -23.05 -18.32 -22.63
N PRO D 22 -23.23 -17.64 -23.77
CA PRO D 22 -22.32 -17.88 -24.89
C PRO D 22 -20.89 -17.46 -24.55
N PRO D 23 -19.90 -17.97 -25.30
CA PRO D 23 -18.53 -17.50 -25.07
C PRO D 23 -18.37 -16.01 -25.38
N HIS D 24 -17.48 -15.34 -24.66
CA HIS D 24 -17.13 -13.95 -24.91
C HIS D 24 -16.10 -13.86 -26.03
N VAL D 25 -16.45 -13.21 -27.13
CA VAL D 25 -15.50 -12.90 -28.20
C VAL D 25 -14.80 -11.60 -27.81
N PRO D 26 -13.47 -11.64 -27.57
CA PRO D 26 -12.81 -10.40 -27.17
C PRO D 26 -12.91 -9.31 -28.24
N PHE D 27 -13.06 -8.06 -27.81
CA PHE D 27 -13.08 -6.93 -28.71
C PHE D 27 -11.79 -6.92 -29.51
N GLU D 28 -11.92 -6.87 -30.84
CA GLU D 28 -10.78 -6.90 -31.74
C GLU D 28 -11.11 -6.08 -32.98
N LEU D 29 -10.22 -5.13 -33.31
CA LEU D 29 -10.34 -4.32 -34.51
C LEU D 29 -8.94 -3.89 -34.96
N SER D 30 -8.52 -4.41 -36.12
CA SER D 30 -7.15 -4.23 -36.61
C SER D 30 -7.10 -4.38 -38.13
N GLY D 31 -5.92 -4.13 -38.69
CA GLY D 31 -5.67 -4.38 -40.11
C GLY D 31 -6.59 -3.59 -41.00
N ALA D 32 -7.06 -4.21 -42.08
CA ALA D 32 -7.95 -3.58 -43.04
C ALA D 32 -9.31 -3.22 -42.42
N GLU D 33 -9.82 -4.04 -41.50
CA GLU D 33 -11.09 -3.75 -40.85
C GLU D 33 -11.03 -2.43 -40.04
N LEU D 34 -9.92 -2.24 -39.31
CA LEU D 34 -9.67 -0.99 -38.58
C LEU D 34 -9.56 0.20 -39.53
N ARG D 35 -8.78 0.06 -40.61
CA ARG D 35 -8.66 1.12 -41.61
C ARG D 35 -10.04 1.51 -42.13
N ASP D 36 -10.84 0.52 -42.52
CA ASP D 36 -12.19 0.76 -43.03
C ASP D 36 -13.09 1.46 -41.99
N ALA D 37 -12.95 1.08 -40.72
CA ALA D 37 -13.72 1.71 -39.64
C ALA D 37 -13.31 3.17 -39.40
N ILE D 38 -12.02 3.45 -39.51
CA ILE D 38 -11.53 4.83 -39.38
C ILE D 38 -12.03 5.69 -40.53
N VAL D 39 -11.93 5.16 -41.76
CA VAL D 39 -12.41 5.83 -42.95
C VAL D 39 -13.93 6.08 -42.86
N GLN D 40 -14.65 5.08 -42.35
CA GLN D 40 -16.09 5.18 -42.17
C GLN D 40 -16.47 6.36 -41.27
N TYR D 41 -15.79 6.49 -40.14
CA TYR D 41 -15.99 7.63 -39.25
C TYR D 41 -15.70 8.96 -39.94
N ALA D 42 -14.53 9.02 -40.58
CA ALA D 42 -14.00 10.28 -41.09
C ALA D 42 -14.60 10.75 -42.42
N THR D 43 -15.40 9.91 -43.09
CA THR D 43 -16.06 10.29 -44.34
C THR D 43 -17.44 10.92 -44.14
N ASN D 44 -17.84 11.13 -42.88
CA ASN D 44 -18.93 12.06 -42.55
C ASN D 44 -18.60 13.41 -43.22
N PRO D 45 -19.53 13.95 -44.04
CA PRO D 45 -19.20 15.14 -44.84
C PRO D 45 -18.68 16.36 -44.06
N ILE D 46 -19.05 16.50 -42.79
CA ILE D 46 -18.55 17.60 -41.96
C ILE D 46 -17.02 17.58 -41.76
N TYR D 47 -16.38 16.48 -42.10
CA TYR D 47 -14.92 16.36 -41.99
C TYR D 47 -14.14 16.55 -43.30
N HIS D 48 -14.84 16.89 -44.37
CA HIS D 48 -14.21 17.09 -45.68
C HIS D 48 -13.30 18.32 -45.65
N ASP D 49 -12.35 18.35 -46.59
CA ASP D 49 -11.48 19.50 -46.76
C ASP D 49 -12.28 20.80 -46.85
N ASN D 50 -11.78 21.82 -46.17
CA ASN D 50 -12.33 23.17 -46.24
C ASN D 50 -11.85 23.85 -47.52
N LEU D 51 -12.72 24.64 -48.14
CA LEU D 51 -12.35 25.44 -49.31
C LEU D 51 -11.59 26.70 -48.93
N ASP D 52 -11.65 27.08 -47.64
CA ASP D 52 -10.92 28.20 -47.09
C ASP D 52 -9.93 27.74 -46.02
N TRP D 53 -9.09 28.65 -45.56
CA TRP D 53 -8.12 28.41 -44.49
C TRP D 53 -8.74 28.37 -43.10
N LEU D 54 -9.92 28.96 -42.94
CA LEU D 54 -10.56 29.15 -41.66
C LEU D 54 -11.97 28.57 -41.67
N ASN D 55 -12.40 28.07 -40.52
CA ASN D 55 -13.81 27.70 -40.32
C ASN D 55 -14.55 28.95 -39.89
N HIS D 56 -15.70 29.20 -40.51
CA HIS D 56 -16.41 30.44 -40.29
C HIS D 56 -17.59 30.26 -39.34
N ASP D 57 -17.26 30.35 -38.04
CA ASP D 57 -18.22 30.18 -36.95
C ASP D 57 -19.10 28.92 -37.13
N ASN D 58 -18.43 27.80 -37.33
CA ASN D 58 -19.10 26.52 -37.44
C ASN D 58 -18.30 25.49 -36.63
N PRO D 59 -18.76 25.21 -35.39
CA PRO D 59 -18.02 24.33 -34.50
C PRO D 59 -18.25 22.85 -34.80
N TYR D 60 -19.01 22.54 -35.84
CA TYR D 60 -19.29 21.15 -36.24
C TYR D 60 -18.39 20.65 -37.36
N ARG D 61 -17.58 21.54 -37.94
CA ARG D 61 -16.71 21.15 -39.06
C ARG D 61 -15.26 21.13 -38.62
N ARG D 62 -14.62 19.98 -38.82
N ARG D 62 -14.60 19.98 -38.84
CA ARG D 62 -13.23 19.76 -38.45
CA ARG D 62 -13.23 19.75 -38.46
C ARG D 62 -12.59 19.01 -39.58
C ARG D 62 -12.58 19.00 -39.58
N GLN D 63 -11.43 19.48 -40.06
CA GLN D 63 -10.83 18.93 -41.25
C GLN D 63 -9.95 17.73 -40.91
N LEU D 64 -10.38 16.55 -41.32
CA LEU D 64 -9.69 15.29 -41.02
C LEU D 64 -8.97 14.68 -42.24
N ARG D 65 -9.00 15.37 -43.38
CA ARG D 65 -8.37 14.90 -44.62
C ARG D 65 -8.60 13.41 -44.86
N PRO D 66 -9.87 13.00 -45.00
CA PRO D 66 -10.21 11.58 -45.05
C PRO D 66 -9.64 10.85 -46.26
N GLN D 67 -9.41 11.58 -47.35
CA GLN D 67 -8.76 11.00 -48.55
C GLN D 67 -7.42 10.30 -48.29
N VAL D 68 -6.68 10.71 -47.27
CA VAL D 68 -5.38 10.10 -46.94
C VAL D 68 -5.52 8.90 -45.99
N LEU D 69 -6.60 8.83 -45.24
CA LEU D 69 -6.76 7.82 -44.18
C LEU D 69 -6.71 6.34 -44.62
N PRO D 70 -7.17 6.01 -45.84
CA PRO D 70 -7.01 4.62 -46.29
C PRO D 70 -5.55 4.15 -46.47
N HIS D 71 -4.60 5.08 -46.53
CA HIS D 71 -3.20 4.75 -46.86
C HIS D 71 -2.25 4.78 -45.68
N LEU D 72 -2.77 4.88 -44.46
CA LEU D 72 -1.95 4.88 -43.26
C LEU D 72 -2.00 3.54 -42.55
N ASP D 73 -0.92 3.20 -41.85
CA ASP D 73 -0.82 1.94 -41.12
C ASP D 73 -1.07 2.18 -39.62
N TYR D 74 -2.30 1.92 -39.18
CA TYR D 74 -2.70 2.18 -37.80
C TYR D 74 -2.22 1.10 -36.80
N ASP D 75 -1.74 -0.03 -37.31
CA ASP D 75 -1.29 -1.13 -36.44
C ASP D 75 0.14 -0.92 -35.94
N LYS D 76 0.95 -0.25 -36.73
CA LYS D 76 2.32 0.03 -36.35
C LYS D 76 2.41 1.30 -35.48
N VAL D 77 2.41 1.10 -34.17
CA VAL D 77 2.40 2.20 -33.23
C VAL D 77 3.78 2.91 -33.21
N PRO D 78 3.80 4.24 -33.42
CA PRO D 78 5.09 4.93 -33.49
C PRO D 78 5.72 5.19 -32.12
N GLY D 79 7.05 5.20 -32.09
CA GLY D 79 7.82 5.63 -30.93
C GLY D 79 7.97 7.14 -30.95
N ARG D 80 8.56 7.69 -29.89
CA ARG D 80 8.65 9.15 -29.73
C ARG D 80 9.33 9.87 -30.91
N GLU D 81 10.31 9.21 -31.51
CA GLU D 81 11.04 9.77 -32.64
C GLU D 81 10.16 10.09 -33.84
N ASN D 82 9.07 9.34 -34.01
CA ASN D 82 8.17 9.49 -35.15
C ASN D 82 6.81 10.07 -34.82
N ILE D 83 6.71 10.70 -33.66
CA ILE D 83 5.44 11.17 -33.13
C ILE D 83 4.93 12.49 -33.75
N LEU D 84 5.77 13.15 -34.55
CA LEU D 84 5.35 14.32 -35.33
C LEU D 84 5.18 14.01 -36.83
N ASN D 85 5.24 12.73 -37.19
CA ASN D 85 4.93 12.30 -38.54
C ASN D 85 3.46 12.51 -38.88
N TYR D 86 3.13 12.48 -40.16
CA TYR D 86 1.78 12.85 -40.60
C TYR D 86 0.70 11.95 -39.99
N ALA D 87 0.93 10.63 -39.96
CA ALA D 87 -0.07 9.69 -39.42
C ALA D 87 -0.45 10.06 -37.99
N SER D 88 0.53 10.51 -37.21
CA SER D 88 0.27 10.97 -35.85
C SER D 88 -0.59 12.25 -35.83
N LEU D 89 -0.31 13.21 -36.69
CA LEU D 89 -1.15 14.40 -36.83
C LEU D 89 -2.58 14.02 -37.19
N ALA D 90 -2.71 13.11 -38.15
CA ALA D 90 -4.01 12.67 -38.63
C ALA D 90 -4.82 12.03 -37.50
N VAL D 91 -4.15 11.18 -36.72
CA VAL D 91 -4.76 10.53 -35.56
C VAL D 91 -5.15 11.53 -34.47
N GLN D 92 -4.28 12.51 -34.20
CA GLN D 92 -4.63 13.57 -33.24
C GLN D 92 -5.88 14.36 -33.64
N ARG D 93 -5.98 14.69 -34.92
CA ARG D 93 -7.16 15.35 -35.45
C ARG D 93 -8.44 14.52 -35.28
N LEU D 94 -8.34 13.24 -35.64
CA LEU D 94 -9.43 12.29 -35.40
C LEU D 94 -9.87 12.24 -33.93
N LEU D 95 -8.91 12.10 -33.03
CA LEU D 95 -9.22 11.98 -31.60
C LEU D 95 -9.88 13.22 -31.03
N THR D 96 -9.41 14.41 -31.43
CA THR D 96 -10.02 15.65 -30.97
C THR D 96 -11.53 15.67 -31.35
N SER D 97 -11.84 15.26 -32.57
N SER D 97 -11.85 15.32 -32.58
CA SER D 97 -13.22 15.20 -33.03
CA SER D 97 -13.24 15.25 -33.04
C SER D 97 -14.06 14.17 -32.29
C SER D 97 -14.06 14.18 -32.30
N VAL D 98 -13.47 13.00 -32.06
CA VAL D 98 -14.13 11.93 -31.30
C VAL D 98 -14.44 12.39 -29.86
N TYR D 99 -13.44 12.92 -29.16
CA TYR D 99 -13.63 13.40 -27.80
C TYR D 99 -14.67 14.51 -27.71
N GLU D 100 -14.64 15.42 -28.68
CA GLU D 100 -15.49 16.62 -28.61
C GLU D 100 -16.96 16.38 -28.95
N ALA D 101 -17.30 15.20 -29.45
CA ALA D 101 -18.70 14.82 -29.58
C ALA D 101 -19.43 14.82 -28.23
N ASP D 102 -18.69 14.66 -27.13
CA ASP D 102 -19.24 14.75 -25.77
C ASP D 102 -19.40 16.19 -25.26
N LEU D 103 -18.86 17.17 -25.98
CA LEU D 103 -18.93 18.57 -25.56
C LEU D 103 -20.04 19.29 -26.33
N VAL D 104 -20.70 20.23 -25.66
CA VAL D 104 -21.76 21.03 -26.25
C VAL D 104 -21.16 22.30 -26.88
N PHE D 105 -21.39 22.46 -28.18
CA PHE D 105 -21.03 23.69 -28.91
C PHE D 105 -22.23 24.21 -29.66
N PHE D 106 -22.39 25.53 -29.65
CA PHE D 106 -23.28 26.24 -30.57
C PHE D 106 -22.47 27.36 -31.26
N PRO D 107 -22.82 27.71 -32.51
CA PRO D 107 -22.13 28.82 -33.14
C PRO D 107 -22.34 30.13 -32.37
N LYS D 108 -21.36 31.02 -32.42
CA LYS D 108 -21.49 32.35 -31.82
C LYS D 108 -22.67 33.11 -32.38
N SER D 109 -22.93 32.94 -33.67
CA SER D 109 -24.02 33.60 -34.35
C SER D 109 -25.36 32.85 -34.23
N GLY D 110 -25.42 31.82 -33.39
CA GLY D 110 -26.63 31.04 -33.20
C GLY D 110 -26.72 29.84 -34.11
N LEU D 111 -27.65 28.95 -33.79
CA LEU D 111 -27.72 27.64 -34.41
C LEU D 111 -28.43 27.70 -35.74
N LYS D 112 -29.32 28.68 -35.90
CA LYS D 112 -30.07 28.83 -37.14
C LYS D 112 -29.16 28.92 -38.36
N GLY D 113 -29.40 28.03 -39.34
CA GLY D 113 -28.56 27.91 -40.53
C GLY D 113 -27.51 26.81 -40.45
N LYS D 114 -27.28 26.28 -39.25
CA LYS D 114 -26.27 25.25 -39.04
C LYS D 114 -26.83 23.98 -38.38
N GLU D 115 -28.15 23.76 -38.53
CA GLU D 115 -28.83 22.63 -37.93
C GLU D 115 -28.42 21.29 -38.51
N GLU D 116 -28.20 21.22 -39.82
CA GLU D 116 -27.79 19.99 -40.46
C GLU D 116 -26.40 19.52 -39.99
N ASP D 117 -25.46 20.45 -39.86
CA ASP D 117 -24.11 20.13 -39.37
C ASP D 117 -24.13 19.72 -37.88
N PHE D 118 -24.93 20.44 -37.10
CA PHE D 118 -25.22 20.13 -35.71
C PHE D 118 -25.68 18.68 -35.57
N ARG D 119 -26.65 18.28 -36.38
CA ARG D 119 -27.18 16.93 -36.36
C ARG D 119 -26.21 15.88 -36.93
N ALA D 120 -25.32 16.29 -37.83
CA ALA D 120 -24.31 15.38 -38.37
C ALA D 120 -23.22 15.04 -37.36
N PHE D 121 -22.88 16.01 -36.51
CA PHE D 121 -21.86 15.85 -35.49
C PHE D 121 -22.43 15.11 -34.27
N TYR D 122 -23.56 15.61 -33.76
CA TYR D 122 -24.26 14.95 -32.66
C TYR D 122 -25.29 13.99 -33.23
N SER D 123 -24.83 12.84 -33.72
CA SER D 123 -25.72 11.78 -34.18
C SER D 123 -25.31 10.46 -33.54
N PRO D 124 -26.26 9.54 -33.40
CA PRO D 124 -25.93 8.20 -32.92
C PRO D 124 -24.79 7.55 -33.71
N ALA D 125 -24.84 7.69 -35.03
CA ALA D 125 -23.82 7.14 -35.92
C ALA D 125 -22.42 7.74 -35.72
N ASN D 126 -22.34 9.08 -35.66
CA ASN D 126 -21.03 9.73 -35.54
C ASN D 126 -20.34 9.39 -34.21
N ARG D 127 -21.12 9.32 -33.14
CA ARG D 127 -20.61 8.89 -31.85
C ARG D 127 -20.16 7.43 -31.87
N ALA D 128 -21.00 6.52 -32.38
CA ALA D 128 -20.68 5.10 -32.37
C ALA D 128 -19.46 4.75 -33.24
N LEU D 129 -19.39 5.37 -34.41
CA LEU D 129 -18.26 5.16 -35.31
C LEU D 129 -16.93 5.62 -34.71
N GLY D 130 -16.95 6.79 -34.05
CA GLY D 130 -15.78 7.31 -33.38
C GLY D 130 -15.37 6.50 -32.14
N GLU D 131 -16.35 6.10 -31.35
CA GLU D 131 -16.09 5.31 -30.15
C GLU D 131 -15.52 3.92 -30.45
N ARG D 132 -15.93 3.33 -31.56
CA ARG D 132 -15.44 2.02 -31.94
C ARG D 132 -13.94 2.01 -32.26
N ILE D 133 -13.46 3.08 -32.87
CA ILE D 133 -12.04 3.21 -33.25
C ILE D 133 -11.19 3.86 -32.17
N ARG D 134 -11.84 4.38 -31.12
CA ARG D 134 -11.13 5.14 -30.10
C ARG D 134 -10.01 4.35 -29.40
N PRO D 135 -10.24 3.07 -29.01
CA PRO D 135 -9.13 2.31 -28.42
C PRO D 135 -7.87 2.23 -29.30
N ALA D 136 -8.03 1.89 -30.58
CA ALA D 136 -6.90 1.82 -31.51
C ALA D 136 -6.24 3.19 -31.77
N LEU D 137 -7.04 4.23 -31.86
CA LEU D 137 -6.52 5.59 -32.00
C LEU D 137 -5.68 5.99 -30.79
N GLU D 138 -6.16 5.65 -29.60
CA GLU D 138 -5.45 5.96 -28.36
C GLU D 138 -4.15 5.20 -28.23
N ARG D 139 -4.10 3.94 -28.67
CA ARG D 139 -2.82 3.21 -28.72
C ARG D 139 -1.84 3.90 -29.68
N TYR D 140 -2.33 4.31 -30.85
CA TYR D 140 -1.50 5.01 -31.82
C TYR D 140 -0.97 6.33 -31.26
N ALA D 141 -1.85 7.10 -30.63
CA ALA D 141 -1.53 8.42 -30.10
C ALA D 141 -0.62 8.38 -28.88
N PHE D 142 -0.90 7.47 -27.95
CA PHE D 142 -0.29 7.49 -26.62
C PHE D 142 0.61 6.30 -26.29
N GLY D 143 0.67 5.30 -27.16
CA GLY D 143 1.44 4.08 -26.93
C GLY D 143 2.92 4.31 -26.64
N PHE D 144 3.51 5.29 -27.34
CA PHE D 144 4.92 5.65 -27.14
C PHE D 144 5.27 6.01 -25.71
N LEU D 145 4.30 6.53 -24.95
CA LEU D 145 4.54 6.89 -23.55
C LEU D 145 4.91 5.71 -22.63
N ASP D 146 4.58 4.49 -23.03
CA ASP D 146 4.99 3.28 -22.31
C ASP D 146 6.52 3.17 -22.20
N ASP D 147 7.24 3.54 -23.26
CA ASP D 147 8.70 3.51 -23.27
C ASP D 147 9.36 4.79 -22.77
N GLU D 148 8.61 5.86 -22.62
CA GLU D 148 9.15 7.13 -22.13
C GLU D 148 9.08 7.32 -20.62
N VAL D 149 8.26 6.52 -19.95
CA VAL D 149 8.14 6.60 -18.48
C VAL D 149 8.45 5.24 -17.89
N GLU D 150 9.06 5.25 -16.71
CA GLU D 150 9.48 4.02 -16.03
C GLU D 150 8.54 3.77 -14.88
N THR D 151 8.15 2.52 -14.67
CA THR D 151 7.19 2.16 -13.63
C THR D 151 7.93 1.47 -12.48
N SER D 152 8.21 2.20 -11.40
CA SER D 152 8.84 1.62 -10.21
C SER D 152 7.81 0.88 -9.37
N GLY D 153 8.27 -0.02 -8.51
CA GLY D 153 7.40 -0.84 -7.67
C GLY D 153 7.56 -0.68 -6.16
N THR D 154 8.20 0.39 -5.71
CA THR D 154 8.49 0.58 -4.29
C THR D 154 7.92 1.89 -3.74
N TRP D 155 6.77 2.35 -4.27
CA TRP D 155 6.28 3.64 -3.86
C TRP D 155 5.54 3.53 -2.53
N THR D 156 5.72 4.55 -1.71
CA THR D 156 5.00 4.73 -0.47
C THR D 156 4.66 6.21 -0.37
N ALA D 157 3.86 6.56 0.63
CA ALA D 157 3.46 7.95 0.84
C ALA D 157 4.68 8.86 1.02
N GLN D 158 5.68 8.39 1.76
CA GLN D 158 6.90 9.18 1.99
C GLN D 158 7.68 9.37 0.68
N SER D 159 7.88 8.27 -0.06
CA SER D 159 8.51 8.22 -1.36
C SER D 159 7.84 9.25 -2.27
N LEU D 160 6.52 9.23 -2.25
CA LEU D 160 5.74 10.10 -3.10
C LEU D 160 5.96 11.55 -2.71
N ASP D 161 5.94 11.83 -1.42
CA ASP D 161 6.14 13.20 -0.94
C ASP D 161 7.51 13.71 -1.35
N ALA D 162 8.51 12.84 -1.31
CA ALA D 162 9.87 13.21 -1.73
C ALA D 162 9.89 13.57 -3.21
N TYR D 163 9.24 12.75 -4.03
CA TYR D 163 9.18 12.97 -5.48
C TYR D 163 8.46 14.27 -5.79
N LEU D 164 7.33 14.50 -5.15
CA LEU D 164 6.58 15.72 -5.40
C LEU D 164 7.39 16.96 -4.98
N ASP D 165 8.05 16.89 -3.83
CA ASP D 165 8.82 18.02 -3.34
C ASP D 165 9.89 18.39 -4.33
N SER D 166 10.47 17.38 -4.99
CA SER D 166 11.54 17.61 -5.95
C SER D 166 11.10 18.24 -7.29
N LEU D 167 9.80 18.27 -7.56
CA LEU D 167 9.33 18.86 -8.79
C LEU D 167 9.36 20.34 -8.57
N ASP D 168 8.92 20.72 -7.38
CA ASP D 168 8.61 22.08 -7.07
C ASP D 168 9.88 22.71 -6.59
N GLU D 174 14.75 30.78 -15.36
CA GLU D 174 15.36 30.97 -16.67
C GLU D 174 14.29 31.17 -17.74
N GLN D 175 14.73 31.37 -18.98
CA GLN D 175 13.82 31.58 -20.10
C GLN D 175 13.29 30.23 -20.61
N SER D 176 11.98 30.13 -20.78
CA SER D 176 11.36 28.91 -21.28
C SER D 176 11.54 28.81 -22.79
N PRO D 177 11.42 27.58 -23.36
CA PRO D 177 11.55 27.46 -24.81
C PRO D 177 10.52 28.27 -25.62
N VAL D 178 9.30 28.41 -25.08
CA VAL D 178 8.27 29.22 -25.74
C VAL D 178 8.62 30.71 -25.74
N GLU D 179 9.13 31.20 -24.61
CA GLU D 179 9.59 32.60 -24.51
C GLU D 179 10.72 32.89 -25.51
N LYS D 180 11.71 32.00 -25.57
CA LYS D 180 12.82 32.14 -26.49
C LYS D 180 12.35 32.15 -27.96
N ALA D 181 11.42 31.25 -28.29
CA ALA D 181 10.92 31.13 -29.66
C ALA D 181 10.14 32.37 -30.09
N ILE D 182 9.32 32.92 -29.19
CA ILE D 182 8.53 34.09 -29.49
C ILE D 182 9.38 35.38 -29.47
N LEU D 183 10.18 35.57 -28.43
CA LEU D 183 10.99 36.79 -28.31
C LEU D 183 12.10 36.86 -29.34
N GLY D 184 12.64 35.70 -29.73
CA GLY D 184 13.67 35.61 -30.77
C GLY D 184 13.16 35.56 -32.21
N SER D 185 11.84 35.69 -32.38
CA SER D 185 11.24 35.58 -33.70
C SER D 185 11.46 36.82 -34.58
N ALA D 186 11.50 36.59 -35.89
CA ALA D 186 11.49 37.68 -36.88
C ALA D 186 10.18 38.48 -36.85
N ASP D 187 9.09 37.86 -36.39
CA ASP D 187 7.81 38.55 -36.20
C ASP D 187 7.22 38.07 -34.86
N ARG D 188 7.48 38.83 -33.81
N ARG D 188 7.55 38.80 -33.79
CA ARG D 188 7.07 38.46 -32.47
CA ARG D 188 7.10 38.47 -32.46
C ARG D 188 5.57 38.40 -32.31
C ARG D 188 5.59 38.39 -32.32
N GLU D 189 4.88 39.37 -32.87
CA GLU D 189 3.42 39.42 -32.77
C GLU D 189 2.76 38.24 -33.48
N ARG D 190 3.30 37.86 -34.64
CA ARG D 190 2.82 36.69 -35.37
C ARG D 190 3.06 35.40 -34.59
N ALA D 191 4.25 35.27 -34.00
CA ALA D 191 4.60 34.09 -33.22
C ALA D 191 3.71 33.94 -31.98
N ALA D 192 3.46 35.04 -31.30
CA ALA D 192 2.58 35.05 -30.13
C ALA D 192 1.13 34.75 -30.49
N ARG D 193 0.66 35.23 -31.65
CA ARG D 193 -0.68 34.89 -32.11
C ARG D 193 -0.81 33.40 -32.46
N MSE D 194 0.22 32.86 -33.10
CA MSE D 194 0.29 31.43 -33.41
C MSE D 194 0.25 30.61 -32.14
O MSE D 194 -0.40 29.57 -32.10
CB MSE D 194 1.54 31.13 -34.23
CG MSE D 194 1.70 29.68 -34.65
SE MSE D 194 0.29 29.08 -35.89
CE MSE D 194 1.08 27.37 -36.44
N TRP D 195 0.95 31.08 -31.11
CA TRP D 195 0.94 30.46 -29.79
C TRP D 195 -0.44 30.47 -29.14
N LEU D 196 -1.08 31.64 -29.11
CA LEU D 196 -2.39 31.79 -28.48
C LEU D 196 -3.46 30.90 -29.09
N VAL D 197 -3.47 30.75 -30.42
CA VAL D 197 -4.51 29.94 -31.05
C VAL D 197 -4.37 28.45 -30.68
N GLN D 198 -3.16 28.01 -30.32
CA GLN D 198 -2.96 26.63 -29.88
C GLN D 198 -3.82 26.27 -28.67
N PHE D 199 -4.14 27.26 -27.85
CA PHE D 199 -4.91 27.06 -26.61
C PHE D 199 -6.42 27.21 -26.78
N ALA D 200 -6.89 27.53 -27.98
CA ALA D 200 -8.31 27.77 -28.19
C ALA D 200 -9.20 26.58 -27.77
N PRO D 201 -8.90 25.35 -28.22
CA PRO D 201 -9.74 24.21 -27.78
C PRO D 201 -9.77 23.98 -26.27
N ASP D 202 -8.62 24.19 -25.63
CA ASP D 202 -8.46 23.97 -24.20
C ASP D 202 -9.13 25.09 -23.39
N PHE D 203 -8.71 26.33 -23.61
CA PHE D 203 -9.14 27.43 -22.75
C PHE D 203 -10.57 27.88 -23.02
N LEU D 204 -11.08 27.74 -24.24
CA LEU D 204 -12.46 28.16 -24.52
C LEU D 204 -13.48 27.16 -23.98
N SER D 205 -13.10 25.88 -23.89
CA SER D 205 -13.93 24.87 -23.22
C SER D 205 -13.38 24.56 -21.83
N GLU D 206 -12.89 25.57 -21.11
CA GLU D 206 -12.02 25.26 -19.98
C GLU D 206 -12.68 24.43 -18.88
N ALA D 207 -11.90 23.48 -18.39
CA ALA D 207 -12.30 22.55 -17.34
C ALA D 207 -13.20 21.43 -17.86
N SER D 208 -13.49 21.39 -19.15
CA SER D 208 -14.34 20.33 -19.70
C SER D 208 -13.75 18.92 -19.46
N PRO D 209 -12.46 18.71 -19.81
CA PRO D 209 -11.90 17.39 -19.52
C PRO D 209 -11.88 17.05 -18.03
N MSE D 210 -11.65 18.05 -17.17
CA MSE D 210 -11.70 17.84 -15.73
C MSE D 210 -13.06 17.47 -15.20
O MSE D 210 -13.17 16.67 -14.28
CB MSE D 210 -11.31 19.12 -15.01
CG MSE D 210 -10.11 18.91 -14.13
SE MSE D 210 -9.93 20.63 -13.24
CE MSE D 210 -10.38 19.78 -11.56
N MSE D 211 -14.11 18.07 -15.78
N MSE D 211 -14.11 18.06 -15.79
CA MSE D 211 -15.49 17.73 -15.42
CA MSE D 211 -15.48 17.74 -15.41
C MSE D 211 -15.83 16.27 -15.64
C MSE D 211 -15.85 16.30 -15.64
O MSE D 211 -16.69 15.71 -14.94
O MSE D 211 -16.75 15.79 -14.99
CB MSE D 211 -16.46 18.60 -16.22
CB MSE D 211 -16.47 18.61 -16.19
CG MSE D 211 -16.54 20.02 -15.66
CG MSE D 211 -16.80 19.92 -15.48
SE MSE D 211 -17.55 21.15 -16.92
SE MSE D 211 -17.95 19.68 -13.90
CE MSE D 211 -16.77 22.93 -16.60
CE MSE D 211 -19.61 19.02 -14.74
N ARG D 212 -15.18 15.63 -16.59
CA ARG D 212 -15.39 14.18 -16.85
C ARG D 212 -15.10 13.30 -15.61
N ASN D 213 -14.17 13.73 -14.77
CA ASN D 213 -13.79 13.03 -13.53
C ASN D 213 -14.69 13.30 -12.34
N VAL D 214 -15.66 14.18 -12.50
CA VAL D 214 -16.54 14.58 -11.41
C VAL D 214 -17.90 13.88 -11.49
N LEU D 215 -18.19 13.22 -12.62
CA LEU D 215 -19.40 12.40 -12.75
C LEU D 215 -19.25 11.11 -11.96
N GLY D 216 -20.28 10.77 -11.19
CA GLY D 216 -20.36 9.49 -10.50
C GLY D 216 -20.57 9.62 -9.01
N TYR D 217 -19.95 8.72 -8.27
CA TYR D 217 -20.19 8.56 -6.84
C TYR D 217 -18.96 7.93 -6.20
N TYR D 218 -18.12 8.76 -5.62
N TYR D 218 -18.13 8.75 -5.56
CA TYR D 218 -16.91 8.28 -4.98
CA TYR D 218 -16.86 8.27 -4.95
C TYR D 218 -16.70 9.11 -3.71
C TYR D 218 -16.24 8.97 -3.73
N GLY D 219 -15.51 9.12 -3.11
N GLY D 219 -17.00 9.73 -2.96
CA GLY D 219 -15.41 9.70 -1.76
CA GLY D 219 -16.50 10.15 -1.65
C GLY D 219 -15.52 11.22 -1.63
C GLY D 219 -15.81 11.51 -1.58
N PRO D 220 -15.06 11.77 -0.49
CA PRO D 220 -14.86 13.20 -0.38
C PRO D 220 -13.96 13.82 -1.44
N ALA D 221 -13.08 13.03 -2.07
CA ALA D 221 -12.20 13.53 -3.12
C ALA D 221 -13.01 14.07 -4.31
N GLN D 222 -14.18 13.50 -4.56
CA GLN D 222 -15.10 13.98 -5.60
C GLN D 222 -15.49 15.44 -5.38
N SER D 223 -15.88 15.77 -4.15
CA SER D 223 -16.25 17.14 -3.79
C SER D 223 -15.08 18.11 -3.91
N GLU D 224 -13.89 17.67 -3.52
CA GLU D 224 -12.68 18.49 -3.63
C GLU D 224 -12.28 18.71 -5.08
N TRP D 225 -12.38 17.67 -5.90
CA TRP D 225 -12.16 17.79 -7.36
C TRP D 225 -13.15 18.80 -7.95
N PHE D 226 -14.41 18.69 -7.56
CA PHE D 226 -15.44 19.61 -8.01
C PHE D 226 -15.19 21.07 -7.55
N LYS D 227 -14.66 21.25 -6.34
CA LYS D 227 -14.26 22.59 -5.86
C LYS D 227 -13.23 23.27 -6.75
N VAL D 228 -12.31 22.49 -7.31
CA VAL D 228 -11.33 23.02 -8.27
C VAL D 228 -12.03 23.42 -9.57
N VAL D 229 -12.91 22.56 -10.06
CA VAL D 229 -13.67 22.85 -11.27
C VAL D 229 -14.51 24.12 -11.12
N ILE D 230 -14.99 24.38 -9.91
CA ILE D 230 -15.85 25.54 -9.67
C ILE D 230 -15.08 26.83 -9.88
N ASP D 231 -13.81 26.83 -9.54
CA ASP D 231 -12.97 28.02 -9.75
C ASP D 231 -12.76 28.31 -11.26
N GLU D 232 -12.76 27.26 -12.07
CA GLU D 232 -12.51 27.40 -13.50
C GLU D 232 -13.73 27.94 -14.21
N HIS D 238 -20.41 34.16 -15.44
CA HIS D 238 -20.03 33.94 -16.85
C HIS D 238 -19.02 34.95 -17.36
N ASP D 239 -19.12 36.20 -16.91
CA ASP D 239 -18.09 37.20 -17.19
C ASP D 239 -16.81 36.89 -16.42
N THR D 240 -16.91 36.02 -15.42
CA THR D 240 -15.76 35.65 -14.63
C THR D 240 -15.32 34.25 -15.05
N LYS D 241 -16.18 33.56 -15.81
CA LYS D 241 -15.81 32.28 -16.38
C LYS D 241 -14.55 32.50 -17.19
N HIS D 242 -13.59 31.63 -16.95
CA HIS D 242 -12.29 31.76 -17.58
C HIS D 242 -12.37 31.74 -19.10
N SER D 243 -13.25 30.92 -19.66
CA SER D 243 -13.44 30.87 -21.12
C SER D 243 -13.69 32.27 -21.68
N THR D 244 -14.54 33.04 -21.02
CA THR D 244 -14.88 34.39 -21.47
C THR D 244 -13.71 35.35 -21.39
N LEU D 245 -12.83 35.13 -20.41
CA LEU D 245 -11.63 35.96 -20.29
C LEU D 245 -10.67 35.69 -21.44
N PHE D 246 -10.54 34.43 -21.87
CA PHE D 246 -9.66 34.09 -22.98
C PHE D 246 -10.21 34.57 -24.32
N GLU D 247 -11.53 34.66 -24.44
CA GLU D 247 -12.15 35.33 -25.59
C GLU D 247 -11.56 36.73 -25.75
N ARG D 248 -11.52 37.48 -24.65
CA ARG D 248 -11.01 38.86 -24.66
C ARG D 248 -9.52 38.93 -25.01
N THR D 249 -8.74 37.99 -24.48
CA THR D 249 -7.31 37.88 -24.84
C THR D 249 -7.14 37.74 -26.34
N LEU D 250 -7.86 36.78 -26.93
CA LEU D 250 -7.80 36.56 -28.37
C LEU D 250 -8.24 37.80 -29.14
N GLU D 251 -9.41 38.34 -28.78
CA GLU D 251 -9.98 39.49 -29.48
C GLU D 251 -9.13 40.76 -29.34
N SER D 252 -8.39 40.89 -28.25
CA SER D 252 -7.52 42.04 -28.04
C SER D 252 -6.27 42.07 -28.94
N VAL D 253 -5.91 40.93 -29.53
CA VAL D 253 -4.81 40.87 -30.51
C VAL D 253 -5.27 40.54 -31.93
N GLY D 254 -6.56 40.74 -32.20
CA GLY D 254 -7.11 40.58 -33.54
C GLY D 254 -7.47 39.17 -33.96
N LEU D 255 -7.61 38.26 -32.98
CA LEU D 255 -8.00 36.87 -33.26
C LEU D 255 -9.46 36.65 -32.83
N GLU D 256 -10.14 35.70 -33.46
CA GLU D 256 -11.53 35.39 -33.12
C GLU D 256 -11.60 34.22 -32.15
N SER D 257 -12.74 34.10 -31.46
CA SER D 257 -12.90 33.12 -30.38
C SER D 257 -13.99 32.07 -30.68
N ASP D 258 -14.34 31.90 -31.95
CA ASP D 258 -15.24 30.83 -32.35
C ASP D 258 -14.43 29.55 -32.60
N LEU D 259 -14.91 28.44 -32.06
CA LEU D 259 -14.28 27.12 -32.31
C LEU D 259 -14.82 26.53 -33.62
N HIS D 260 -13.98 25.89 -34.46
CA HIS D 260 -12.50 25.93 -34.42
C HIS D 260 -12.01 26.72 -35.64
N ARG D 261 -12.09 28.04 -35.56
CA ARG D 261 -11.70 28.89 -36.68
C ARG D 261 -10.33 28.49 -37.20
N TYR D 262 -9.39 28.33 -36.27
CA TYR D 262 -7.99 28.08 -36.61
C TYR D 262 -7.59 26.60 -36.60
N TRP D 263 -8.54 25.69 -36.82
CA TRP D 263 -8.28 24.25 -36.90
C TRP D 263 -7.01 23.87 -37.68
N GLN D 264 -6.85 24.42 -38.88
CA GLN D 264 -5.73 24.08 -39.76
C GLN D 264 -4.38 24.60 -39.27
N TYR D 265 -4.40 25.46 -38.26
CA TYR D 265 -3.19 25.98 -37.63
C TYR D 265 -2.87 25.38 -36.25
N TYR D 266 -3.69 24.41 -35.80
CA TYR D 266 -3.39 23.64 -34.58
C TYR D 266 -2.26 22.66 -34.84
N LEU D 267 -1.18 22.80 -34.10
CA LEU D 267 -0.06 21.87 -34.20
C LEU D 267 -0.44 20.50 -33.66
N ASN D 268 0.20 19.47 -34.23
CA ASN D 268 0.15 18.11 -33.77
C ASN D 268 0.26 18.07 -32.24
N SER D 269 1.31 18.68 -31.71
CA SER D 269 1.62 18.61 -30.28
C SER D 269 0.59 19.30 -29.40
N SER D 270 -0.06 20.34 -29.93
CA SER D 270 -1.11 21.07 -29.21
C SER D 270 -2.36 20.19 -29.07
N LEU D 271 -2.72 19.47 -30.13
CA LEU D 271 -3.80 18.52 -30.10
C LEU D 271 -3.47 17.35 -29.16
N LEU D 272 -2.24 16.85 -29.24
CA LEU D 272 -1.74 15.81 -28.35
C LEU D 272 -1.91 16.19 -26.88
N LEU D 273 -1.50 17.39 -26.51
CA LEU D 273 -1.63 17.90 -25.14
C LEU D 273 -3.09 18.01 -24.70
N ASN D 274 -3.94 18.57 -25.54
N ASN D 274 -3.96 18.57 -25.55
CA ASN D 274 -5.38 18.68 -25.25
CA ASN D 274 -5.41 18.63 -25.28
C ASN D 274 -6.04 17.28 -25.16
C ASN D 274 -6.02 17.25 -25.13
N ASN D 275 -5.73 16.40 -26.11
CA ASN D 275 -6.29 15.07 -26.16
C ASN D 275 -5.90 14.19 -24.97
N TYR D 276 -4.69 14.41 -24.44
CA TYR D 276 -4.23 13.67 -23.27
C TYR D 276 -5.19 13.78 -22.09
N PHE D 277 -5.71 14.98 -21.85
CA PHE D 277 -6.65 15.19 -20.75
C PHE D 277 -8.04 14.62 -20.98
N HIS D 278 -8.51 14.61 -22.22
CA HIS D 278 -9.74 13.89 -22.57
C HIS D 278 -9.56 12.39 -22.40
N TYR D 279 -8.41 11.89 -22.81
CA TYR D 279 -7.99 10.49 -22.64
C TYR D 279 -8.05 10.07 -21.18
N LEU D 280 -7.40 10.83 -20.30
CA LEU D 280 -7.43 10.55 -18.86
C LEU D 280 -8.82 10.71 -18.27
N GLY D 281 -9.56 11.70 -18.75
CA GLY D 281 -10.88 12.00 -18.21
C GLY D 281 -11.97 11.04 -18.62
N LYS D 282 -11.93 10.55 -19.86
CA LYS D 282 -12.91 9.58 -20.36
C LYS D 282 -12.68 8.16 -19.85
N ASN D 283 -11.41 7.82 -19.58
CA ASN D 283 -11.00 6.47 -19.27
C ASN D 283 -10.68 6.37 -17.79
N HIS D 284 -11.65 5.93 -17.00
CA HIS D 284 -11.52 6.05 -15.55
C HIS D 284 -10.54 5.07 -14.91
N GLU D 285 -10.06 4.08 -15.67
CA GLU D 285 -8.91 3.28 -15.27
C GLU D 285 -7.65 4.17 -15.15
N LEU D 286 -7.68 5.34 -15.79
CA LEU D 286 -6.59 6.32 -15.73
C LEU D 286 -6.86 7.47 -14.76
N PHE D 287 -7.90 7.34 -13.95
CA PHE D 287 -8.29 8.38 -12.98
C PHE D 287 -7.14 8.86 -12.11
N PHE D 288 -6.29 7.94 -11.67
CA PHE D 288 -5.18 8.30 -10.78
C PHE D 288 -4.04 9.02 -11.51
N ARG D 289 -3.88 8.75 -12.81
CA ARG D 289 -2.98 9.56 -13.65
C ARG D 289 -3.47 10.99 -13.71
N TYR D 290 -4.79 11.18 -13.84
CA TYR D 290 -5.35 12.53 -13.86
C TYR D 290 -5.09 13.23 -12.52
N VAL D 291 -5.23 12.52 -11.41
CA VAL D 291 -4.90 13.07 -10.09
C VAL D 291 -3.49 13.66 -10.10
N GLY D 292 -2.54 12.89 -10.63
CA GLY D 292 -1.17 13.34 -10.76
C GLY D 292 -1.00 14.55 -11.67
N ALA D 293 -1.57 14.47 -12.87
CA ALA D 293 -1.49 15.58 -13.81
C ALA D 293 -2.13 16.85 -13.25
N LEU D 294 -3.24 16.70 -12.52
CA LEU D 294 -3.88 17.83 -11.87
C LEU D 294 -2.95 18.48 -10.85
N TYR D 295 -2.25 17.66 -10.06
CA TYR D 295 -1.29 18.20 -9.09
C TYR D 295 -0.21 19.01 -9.79
N TYR D 296 0.36 18.47 -10.86
CA TYR D 296 1.40 19.16 -11.61
C TYR D 296 0.91 20.49 -12.19
N THR D 297 -0.28 20.47 -12.77
CA THR D 297 -0.87 21.65 -13.35
C THR D 297 -1.12 22.73 -12.31
N GLU D 298 -1.67 22.33 -11.16
CA GLU D 298 -1.94 23.28 -10.07
C GLU D 298 -0.66 23.86 -9.53
N SER D 299 0.37 23.03 -9.48
CA SER D 299 1.68 23.40 -9.00
C SER D 299 2.46 24.32 -9.95
N SER D 300 2.14 24.23 -11.25
CA SER D 300 2.78 25.03 -12.29
C SER D 300 1.98 26.27 -12.71
N LEU D 301 0.74 26.37 -12.24
CA LEU D 301 -0.23 27.34 -12.76
C LEU D 301 0.17 28.81 -12.56
N VAL D 302 0.67 29.15 -11.38
CA VAL D 302 1.03 30.53 -11.05
C VAL D 302 2.22 30.99 -11.89
N ASP D 303 3.25 30.16 -11.99
CA ASP D 303 4.43 30.45 -12.81
C ASP D 303 4.07 30.60 -14.30
N PHE D 304 3.25 29.68 -14.83
CA PHE D 304 2.78 29.76 -16.21
C PHE D 304 2.05 31.06 -16.49
N CYS D 305 1.13 31.43 -15.60
CA CYS D 305 0.30 32.63 -15.80
C CYS D 305 1.11 33.92 -15.68
N ARG D 306 2.07 33.95 -14.77
CA ARG D 306 2.98 35.11 -14.62
C ARG D 306 3.81 35.30 -15.89
N ARG D 307 4.45 34.22 -16.33
CA ARG D 307 5.24 34.23 -17.55
C ARG D 307 4.42 34.60 -18.80
N ALA D 308 3.19 34.07 -18.89
CA ALA D 308 2.31 34.37 -20.03
C ALA D 308 1.91 35.84 -20.08
N ASP D 309 1.51 36.37 -18.93
CA ASP D 309 1.21 37.79 -18.78
C ASP D 309 2.40 38.67 -19.18
N HIS D 310 3.58 38.35 -18.66
CA HIS D 310 4.81 39.13 -18.94
C HIS D 310 5.19 39.06 -20.43
N LEU D 311 5.18 37.84 -20.98
CA LEU D 311 5.52 37.63 -22.39
C LEU D 311 4.60 38.39 -23.32
N LEU D 312 3.29 38.27 -23.10
CA LEU D 312 2.30 38.94 -23.94
C LEU D 312 2.37 40.48 -23.83
N ARG D 313 2.67 41.00 -22.65
CA ARG D 313 2.82 42.45 -22.48
C ARG D 313 4.05 42.95 -23.23
N GLU D 314 5.16 42.20 -23.15
CA GLU D 314 6.39 42.55 -23.87
C GLU D 314 6.22 42.57 -25.39
N VAL D 315 5.37 41.69 -25.91
CA VAL D 315 5.13 41.59 -27.36
C VAL D 315 4.10 42.61 -27.84
N PHE D 316 2.98 42.74 -27.13
CA PHE D 316 1.86 43.57 -27.60
C PHE D 316 1.68 44.91 -26.88
N GLY D 317 2.39 45.11 -25.77
CA GLY D 317 2.21 46.32 -24.98
C GLY D 317 0.93 46.30 -24.18
N ASP D 318 0.25 47.44 -24.17
CA ASP D 318 -0.96 47.63 -23.34
C ASP D 318 -2.26 47.23 -24.03
N THR D 319 -2.20 46.97 -25.35
CA THR D 319 -3.42 46.59 -26.09
C THR D 319 -3.91 45.17 -25.79
N VAL D 320 -3.02 44.26 -25.37
CA VAL D 320 -3.42 42.87 -25.05
C VAL D 320 -4.14 42.79 -23.69
N ASP D 321 -5.22 42.01 -23.65
CA ASP D 321 -5.97 41.75 -22.43
C ASP D 321 -5.45 40.44 -21.82
N THR D 322 -4.80 40.53 -20.67
CA THR D 322 -4.24 39.36 -20.02
C THR D 322 -4.98 38.98 -18.75
N THR D 323 -6.19 39.49 -18.56
CA THR D 323 -7.00 39.18 -17.38
C THR D 323 -7.11 37.69 -17.16
N TYR D 324 -7.28 36.93 -18.24
CA TYR D 324 -7.37 35.48 -18.16
C TYR D 324 -6.26 34.86 -17.35
N PHE D 325 -5.05 35.35 -17.55
CA PHE D 325 -3.88 34.80 -16.89
C PHE D 325 -3.71 35.36 -15.48
N THR D 326 -3.95 36.66 -15.31
CA THR D 326 -3.74 37.30 -14.01
C THR D 326 -4.79 36.85 -12.99
N GLU D 327 -6.00 36.52 -13.44
CA GLU D 327 -7.04 36.03 -12.54
C GLU D 327 -6.66 34.68 -11.90
N HIS D 328 -5.99 33.81 -12.65
CA HIS D 328 -5.56 32.50 -12.14
C HIS D 328 -4.52 32.64 -11.02
N ILE D 329 -3.91 33.82 -10.90
CA ILE D 329 -2.96 34.07 -9.80
C ILE D 329 -3.70 34.41 -8.50
N GLY D 336 -1.93 23.51 -5.61
CA GLY D 336 -0.74 22.67 -5.51
C GLY D 336 -0.69 21.90 -4.20
N ARG D 337 -0.48 22.63 -3.10
CA ARG D 337 -0.52 22.05 -1.76
C ARG D 337 -1.95 21.58 -1.41
N MSE D 338 -2.94 22.27 -1.95
N MSE D 338 -2.97 22.22 -1.97
CA MSE D 338 -4.33 21.90 -1.72
CA MSE D 338 -4.36 21.81 -1.71
C MSE D 338 -4.65 20.59 -2.40
C MSE D 338 -4.66 20.51 -2.40
O MSE D 338 -5.34 19.77 -1.81
O MSE D 338 -5.35 19.65 -1.85
CB MSE D 338 -5.25 23.07 -2.09
CB MSE D 338 -5.39 22.85 -2.18
CG MSE D 338 -5.12 24.21 -1.06
CG MSE D 338 -5.71 22.86 -3.67
SE MSE D 338 -5.71 23.69 0.74
SE MSE D 338 -6.86 21.37 -4.27
CE MSE D 338 -4.03 23.07 1.54
CE MSE D 338 -8.69 22.06 -4.00
N ALA D 339 -4.13 20.36 -3.60
CA ALA D 339 -4.38 19.13 -4.32
C ALA D 339 -3.72 17.93 -3.62
N ARG D 340 -2.56 18.18 -3.01
CA ARG D 340 -1.83 17.14 -2.29
C ARG D 340 -2.61 16.71 -1.06
N GLU D 341 -3.08 17.69 -0.29
CA GLU D 341 -3.75 17.41 0.98
C GLU D 341 -5.23 17.01 0.84
N LYS D 342 -5.94 17.59 -0.12
CA LYS D 342 -7.38 17.36 -0.25
C LYS D 342 -7.76 16.27 -1.26
N ILE D 343 -6.84 15.90 -2.15
CA ILE D 343 -7.15 14.91 -3.18
C ILE D 343 -6.20 13.70 -3.14
N ILE D 344 -4.90 13.92 -3.26
CA ILE D 344 -3.94 12.82 -3.28
C ILE D 344 -3.95 12.02 -1.97
N LYS D 345 -3.87 12.73 -0.84
CA LYS D 345 -3.76 12.09 0.45
C LYS D 345 -4.96 11.19 0.78
N PRO D 346 -6.20 11.71 0.72
CA PRO D 346 -7.36 10.82 0.99
C PRO D 346 -7.48 9.63 0.03
N LEU D 347 -7.10 9.79 -1.23
CA LEU D 347 -7.15 8.69 -2.20
C LEU D 347 -6.12 7.59 -1.88
N VAL D 348 -4.92 8.00 -1.47
CA VAL D 348 -3.88 7.05 -1.07
C VAL D 348 -4.30 6.30 0.19
N GLU D 349 -4.85 7.02 1.16
CA GLU D 349 -5.39 6.42 2.37
C GLU D 349 -6.55 5.46 2.12
N ALA D 350 -7.47 5.84 1.23
CA ALA D 350 -8.63 5.01 0.94
C ALA D 350 -8.30 3.79 0.08
N HIS D 351 -7.50 4.00 -0.95
CA HIS D 351 -7.29 2.98 -1.98
C HIS D 351 -5.90 2.31 -1.95
N GLY D 352 -5.00 2.83 -1.13
CA GLY D 352 -3.72 2.18 -0.89
C GLY D 352 -2.57 2.67 -1.76
N ASP D 353 -1.38 2.16 -1.46
CA ASP D 353 -0.14 2.54 -2.14
C ASP D 353 -0.08 2.17 -3.59
N GLY D 354 -0.88 1.19 -3.99
CA GLY D 354 -0.94 0.75 -5.37
C GLY D 354 -1.33 1.80 -6.39
N ILE D 355 -1.98 2.88 -5.95
CA ILE D 355 -2.35 3.96 -6.87
C ILE D 355 -1.19 4.93 -7.14
N ILE D 356 -0.15 4.89 -6.32
CA ILE D 356 0.92 5.90 -6.41
C ILE D 356 1.69 5.87 -7.73
N PRO D 357 2.04 4.67 -8.26
CA PRO D 357 2.70 4.65 -9.58
C PRO D 357 1.86 5.27 -10.69
N GLU D 358 0.53 5.15 -10.60
CA GLU D 358 -0.37 5.79 -11.57
C GLU D 358 -0.33 7.32 -11.45
N ILE D 359 -0.31 7.82 -10.21
CA ILE D 359 -0.22 9.26 -9.95
C ILE D 359 1.08 9.82 -10.54
N VAL D 360 2.18 9.12 -10.30
CA VAL D 360 3.49 9.52 -10.82
C VAL D 360 3.53 9.45 -12.34
N ARG D 361 2.93 8.39 -12.91
CA ARG D 361 2.91 8.19 -14.34
C ARG D 361 2.21 9.34 -15.06
N GLY D 362 1.10 9.82 -14.47
CA GLY D 362 0.37 10.95 -15.01
C GLY D 362 1.20 12.21 -15.08
N ILE D 363 2.00 12.44 -14.05
CA ILE D 363 2.87 13.62 -14.01
C ILE D 363 3.96 13.50 -15.07
N GLU D 364 4.57 12.33 -15.15
CA GLU D 364 5.70 12.11 -16.05
C GLU D 364 5.30 12.06 -17.51
N GLU D 365 4.15 11.45 -17.79
CA GLU D 365 3.60 11.47 -19.15
C GLU D 365 3.32 12.89 -19.61
N TYR D 366 2.68 13.67 -18.75
CA TYR D 366 2.35 15.05 -19.06
C TYR D 366 3.60 15.88 -19.33
N ARG D 367 4.65 15.68 -18.54
CA ARG D 367 5.93 16.39 -18.74
C ARG D 367 6.57 16.05 -20.06
N VAL D 368 6.49 14.77 -20.47
CA VAL D 368 6.96 14.36 -21.78
C VAL D 368 6.21 15.12 -22.88
N LEU D 369 4.89 15.24 -22.74
CA LEU D 369 4.06 15.94 -23.72
C LEU D 369 4.38 17.44 -23.80
N LEU D 370 4.67 18.07 -22.65
CA LEU D 370 5.08 19.47 -22.63
C LEU D 370 6.40 19.69 -23.37
N GLU D 371 7.34 18.76 -23.21
CA GLU D 371 8.61 18.78 -23.95
C GLU D 371 8.39 18.69 -25.45
N ILE D 372 7.51 17.78 -25.86
CA ILE D 372 7.19 17.63 -27.29
C ILE D 372 6.56 18.92 -27.81
N GLY D 373 5.65 19.50 -27.02
CA GLY D 373 5.05 20.79 -27.35
C GLY D 373 6.04 21.92 -27.54
N ASP D 374 6.98 22.05 -26.60
CA ASP D 374 8.06 23.03 -26.68
C ASP D 374 8.87 22.88 -27.96
N PHE D 375 9.24 21.65 -28.30
CA PHE D 375 10.00 21.34 -29.52
C PHE D 375 9.20 21.66 -30.79
N ASP D 376 7.98 21.11 -30.87
CA ASP D 376 7.12 21.26 -32.05
C ASP D 376 6.81 22.75 -32.33
N PHE D 377 6.45 23.49 -31.29
CA PHE D 377 6.15 24.91 -31.42
C PHE D 377 7.39 25.72 -31.84
N SER D 378 8.53 25.47 -31.19
CA SER D 378 9.79 26.13 -31.55
C SER D 378 10.17 25.90 -32.99
N GLU D 379 10.06 24.64 -33.42
CA GLU D 379 10.34 24.26 -34.80
C GLU D 379 9.42 24.97 -35.80
N GLN D 380 8.13 25.07 -35.46
CA GLN D 380 7.16 25.71 -36.37
C GLN D 380 7.43 27.21 -36.52
N ILE D 381 7.74 27.90 -35.42
CA ILE D 381 8.05 29.33 -35.49
C ILE D 381 9.31 29.60 -36.32
N ALA D 382 10.35 28.79 -36.10
CA ALA D 382 11.59 28.90 -36.89
C ALA D 382 11.31 28.65 -38.38
N TRP D 383 10.46 27.67 -38.66
CA TRP D 383 10.06 27.33 -40.02
C TRP D 383 9.27 28.47 -40.69
N MSE D 384 8.36 29.11 -39.94
CA MSE D 384 7.59 30.26 -40.44
C MSE D 384 8.49 31.44 -40.72
O MSE D 384 8.38 32.08 -41.77
CB MSE D 384 6.52 30.68 -39.43
CG MSE D 384 5.35 29.69 -39.45
SE MSE D 384 4.30 29.83 -37.79
CE MSE D 384 3.65 31.66 -37.96
N ASP D 385 9.39 31.74 -39.79
CA ASP D 385 10.29 32.88 -39.93
C ASP D 385 11.29 32.72 -41.07
N ALA D 386 11.73 31.49 -41.32
CA ALA D 386 12.73 31.21 -42.36
C ALA D 386 12.17 31.02 -43.77
N GLN D 387 10.87 31.29 -43.98
CA GLN D 387 10.27 31.10 -45.31
C GLN D 387 11.00 31.82 -46.47
N PRO D 388 11.42 33.10 -46.28
CA PRO D 388 12.17 33.76 -47.36
C PRO D 388 13.46 33.02 -47.73
N GLU D 389 14.17 32.53 -46.73
CA GLU D 389 15.41 31.78 -46.94
C GLU D 389 15.15 30.41 -47.57
N LEU D 390 14.06 29.76 -47.16
CA LEU D 390 13.70 28.45 -47.70
C LEU D 390 13.18 28.56 -49.14
N LYS D 391 12.56 29.68 -49.48
CA LYS D 391 12.24 29.99 -50.87
C LYS D 391 13.52 30.09 -51.71
N LYS D 392 14.53 30.79 -51.20
CA LYS D 392 15.83 30.90 -51.89
C LYS D 392 16.60 29.58 -51.94
N LEU D 393 16.49 28.75 -50.89
CA LEU D 393 17.15 27.44 -50.86
C LEU D 393 16.64 26.46 -51.92
N HIS D 394 15.45 26.73 -52.47
CA HIS D 394 14.93 25.98 -53.61
C HIS D 394 15.97 25.86 -54.74
N ASP D 395 16.63 26.97 -55.06
CA ASP D 395 17.55 27.02 -56.22
C ASP D 395 18.72 26.04 -56.11
N PRO D 396 19.53 26.12 -55.03
CA PRO D 396 20.60 25.13 -54.91
C PRO D 396 20.11 23.69 -54.73
N VAL D 397 19.01 23.49 -54.00
CA VAL D 397 18.46 22.15 -53.82
C VAL D 397 18.01 21.57 -55.17
N PHE D 398 17.31 22.39 -55.97
CA PHE D 398 16.85 21.98 -57.29
C PHE D 398 18.03 21.67 -58.21
N GLU D 399 19.07 22.50 -58.14
CA GLU D 399 20.31 22.28 -58.90
C GLU D 399 21.00 20.99 -58.48
N GLY D 400 20.99 20.70 -57.18
CA GLY D 400 21.56 19.45 -56.68
C GLY D 400 20.84 18.21 -57.20
N LEU D 401 19.52 18.31 -57.35
CA LEU D 401 18.73 17.20 -57.92
C LEU D 401 19.07 16.98 -59.39
N LYS D 402 19.28 18.06 -60.13
CA LYS D 402 19.74 17.98 -61.54
C LYS D 402 21.10 17.30 -61.67
N GLN D 403 22.01 17.58 -60.74
CA GLN D 403 23.33 16.94 -60.71
C GLN D 403 23.32 15.51 -60.12
N GLY D 404 22.16 15.04 -59.67
CA GLY D 404 21.99 13.66 -59.24
C GLY D 404 22.53 13.35 -57.85
N LYS D 405 22.61 14.37 -57.00
CA LYS D 405 23.12 14.19 -55.63
C LYS D 405 22.17 13.36 -54.78
N VAL D 406 20.88 13.51 -55.05
CA VAL D 406 19.85 12.63 -54.47
C VAL D 406 18.95 12.12 -55.60
N ASP D 407 18.62 10.83 -55.55
CA ASP D 407 17.66 10.22 -56.47
C ASP D 407 16.29 10.32 -55.78
N ALA D 408 15.56 11.37 -56.11
CA ALA D 408 14.33 11.71 -55.42
C ALA D 408 13.10 11.33 -56.25
N PRO D 409 12.14 10.58 -55.66
CA PRO D 409 10.84 10.41 -56.31
C PRO D 409 10.16 11.76 -56.56
N VAL D 410 9.45 11.88 -57.68
CA VAL D 410 8.81 13.13 -57.99
C VAL D 410 7.35 12.91 -58.39
N ALA D 411 6.50 13.83 -57.94
CA ALA D 411 5.10 13.80 -58.28
C ALA D 411 4.82 15.04 -59.13
N HIS D 412 4.25 14.82 -60.31
CA HIS D 412 3.85 15.91 -61.20
C HIS D 412 2.38 16.22 -60.99
N LEU D 413 2.08 17.45 -60.55
CA LEU D 413 0.73 17.85 -60.22
C LEU D 413 0.26 18.99 -61.13
N VAL D 414 -1.03 18.96 -61.47
CA VAL D 414 -1.68 20.02 -62.22
C VAL D 414 -3.00 20.30 -61.51
N GLU D 415 -3.17 21.51 -60.99
CA GLU D 415 -4.35 21.84 -60.18
C GLU D 415 -4.97 23.17 -60.57
N PRO D 416 -6.31 23.26 -60.55
CA PRO D 416 -6.98 24.51 -60.93
C PRO D 416 -7.04 25.52 -59.79
N ARG D 417 -7.52 26.73 -60.11
CA ARG D 417 -7.74 27.80 -59.12
C ARG D 417 -8.61 27.35 -57.94
N GLY D 418 -8.22 27.74 -56.73
CA GLY D 418 -8.99 27.47 -55.52
C GLY D 418 -8.87 26.05 -54.96
N GLU D 419 -8.02 25.23 -55.56
CA GLU D 419 -7.74 23.88 -55.06
C GLU D 419 -6.88 24.06 -53.81
N LEU D 420 -7.54 24.09 -52.66
CA LEU D 420 -6.87 24.38 -51.40
C LEU D 420 -6.49 23.06 -50.71
N SER D 421 -5.19 22.80 -50.69
CA SER D 421 -4.64 21.64 -49.99
C SER D 421 -4.60 21.97 -48.48
N ASN D 422 -5.47 21.31 -47.71
CA ASN D 422 -5.58 21.58 -46.28
C ASN D 422 -4.28 21.19 -45.57
N THR D 423 -3.99 21.87 -44.46
CA THR D 423 -2.69 21.74 -43.82
C THR D 423 -2.39 20.30 -43.39
N HIS D 424 -1.11 19.96 -43.49
CA HIS D 424 -0.60 18.64 -43.27
C HIS D 424 0.92 18.73 -43.10
N CYS D 425 1.59 17.59 -43.05
CA CYS D 425 3.07 17.58 -43.06
C CYS D 425 3.52 16.32 -43.77
N HIS D 426 4.83 16.22 -43.99
CA HIS D 426 5.43 15.05 -44.59
C HIS D 426 6.54 14.56 -43.68
N ASP D 427 6.89 13.29 -43.85
CA ASP D 427 7.80 12.61 -42.95
C ASP D 427 9.28 12.76 -43.37
N GLY D 428 9.52 13.21 -44.60
CA GLY D 428 10.83 13.64 -45.04
C GLY D 428 10.75 15.03 -45.64
N ASP D 429 11.91 15.63 -45.90
CA ASP D 429 11.96 16.94 -46.55
C ASP D 429 11.48 16.80 -47.98
N GLU D 430 10.86 17.87 -48.48
CA GLU D 430 10.42 17.93 -49.86
C GLU D 430 10.88 19.23 -50.51
N LEU D 431 11.03 19.17 -51.83
CA LEU D 431 11.20 20.37 -52.64
C LEU D 431 9.95 20.55 -53.48
N CYS D 432 9.28 21.68 -53.30
CA CYS D 432 8.18 22.07 -54.18
C CYS D 432 8.76 22.99 -55.26
N HIS D 433 8.52 22.64 -56.53
CA HIS D 433 8.97 23.45 -57.67
C HIS D 433 7.80 23.80 -58.58
N ILE D 434 7.56 25.09 -58.79
CA ILE D 434 6.48 25.55 -59.65
C ILE D 434 6.98 25.65 -61.09
N VAL D 435 6.32 24.92 -61.99
CA VAL D 435 6.64 24.99 -63.43
C VAL D 435 5.92 26.18 -64.06
N SER D 436 4.61 26.27 -63.81
CA SER D 436 3.82 27.41 -64.28
C SER D 436 2.67 27.72 -63.33
N GLY D 437 2.19 28.96 -63.40
CA GLY D 437 1.11 29.42 -62.54
C GLY D 437 1.60 30.01 -61.22
N THR D 438 0.68 30.13 -60.26
CA THR D 438 0.94 30.82 -59.01
C THR D 438 0.34 30.04 -57.84
N MSE D 439 1.16 29.81 -56.81
CA MSE D 439 0.75 29.08 -55.60
C MSE D 439 0.92 29.98 -54.41
O MSE D 439 1.94 30.67 -54.28
CB MSE D 439 1.63 27.85 -55.43
CG MSE D 439 1.27 27.04 -54.18
SE MSE D 439 2.54 25.58 -53.84
CE MSE D 439 1.77 24.28 -55.09
N ARG D 440 -0.09 30.01 -53.54
CA ARG D 440 0.07 30.53 -52.19
C ARG D 440 0.53 29.37 -51.31
N PHE D 441 1.75 29.42 -50.81
CA PHE D 441 2.29 28.40 -49.92
C PHE D 441 2.15 28.85 -48.46
N GLU D 442 1.36 28.09 -47.69
CA GLU D 442 0.99 28.47 -46.32
C GLU D 442 1.82 27.67 -45.32
N SER D 443 2.56 28.37 -44.47
CA SER D 443 3.48 27.75 -43.51
C SER D 443 3.04 27.93 -42.05
N GLY D 444 2.01 28.74 -41.83
CA GLY D 444 1.55 29.06 -40.50
C GLY D 444 0.58 30.24 -40.53
N LEU D 445 0.07 30.62 -39.36
CA LEU D 445 -0.91 31.71 -39.29
C LEU D 445 -0.21 33.04 -39.54
N GLY D 446 -0.63 33.74 -40.60
CA GLY D 446 0.02 34.98 -41.04
C GLY D 446 1.37 34.75 -41.72
N SER D 447 1.63 33.52 -42.17
CA SER D 447 2.91 33.16 -42.77
C SER D 447 2.69 32.47 -44.11
N SER D 448 2.90 33.23 -45.19
CA SER D 448 2.59 32.80 -46.55
C SER D 448 3.69 33.23 -47.51
N LEU D 449 3.88 32.44 -48.56
CA LEU D 449 4.73 32.79 -49.70
C LEU D 449 3.90 32.69 -50.97
N THR D 450 4.15 33.61 -51.89
CA THR D 450 3.63 33.51 -53.25
C THR D 450 4.75 32.92 -54.11
N LEU D 451 4.48 31.78 -54.76
CA LEU D 451 5.45 31.10 -55.60
C LEU D 451 5.01 31.11 -57.08
N GLN D 452 5.87 31.67 -57.94
N GLN D 452 5.90 31.57 -57.95
CA GLN D 452 5.59 31.81 -59.37
CA GLN D 452 5.55 31.68 -59.34
C GLN D 452 6.41 30.82 -60.18
C GLN D 452 6.48 30.84 -60.20
N ALA D 453 6.24 30.85 -61.50
CA ALA D 453 6.99 29.97 -62.41
C ALA D 453 8.49 30.06 -62.15
N GLY D 454 9.15 28.91 -62.08
CA GLY D 454 10.57 28.84 -61.81
C GLY D 454 10.96 28.93 -60.34
N GLU D 455 10.02 29.30 -59.47
CA GLU D 455 10.28 29.42 -58.04
C GLU D 455 9.79 28.19 -57.28
N GLY D 456 10.08 28.16 -55.99
CA GLY D 456 9.69 27.03 -55.16
C GLY D 456 10.09 27.22 -53.73
N VAL D 457 10.00 26.14 -52.95
CA VAL D 457 10.33 26.20 -51.54
C VAL D 457 10.77 24.83 -51.01
N VAL D 458 11.70 24.85 -50.07
CA VAL D 458 12.12 23.65 -49.35
C VAL D 458 11.13 23.46 -48.19
N ILE D 459 10.47 22.31 -48.15
CA ILE D 459 9.48 21.99 -47.13
C ILE D 459 10.11 21.03 -46.12
N LYS D 460 10.26 21.51 -44.89
CA LYS D 460 10.96 20.75 -43.86
C LYS D 460 10.05 19.70 -43.24
N ARG D 461 10.61 18.52 -43.00
CA ARG D 461 9.82 17.42 -42.48
C ARG D 461 9.12 17.79 -41.18
N ASN D 462 7.91 17.26 -41.03
CA ASN D 462 7.07 17.44 -39.84
C ASN D 462 6.54 18.87 -39.62
N ARG D 463 6.88 19.81 -40.49
N ARG D 463 6.89 19.81 -40.47
CA ARG D 463 6.38 21.16 -40.33
CA ARG D 463 6.41 21.17 -40.31
C ARG D 463 5.01 21.31 -40.99
C ARG D 463 5.04 21.31 -40.97
N LEU D 464 4.10 21.93 -40.27
CA LEU D 464 2.72 22.08 -40.74
C LEU D 464 2.66 23.11 -41.87
N HIS D 465 1.99 22.74 -42.97
CA HIS D 465 1.87 23.60 -44.13
C HIS D 465 0.72 23.16 -45.02
N GLY D 466 0.27 24.09 -45.88
CA GLY D 466 -0.70 23.80 -46.92
C GLY D 466 -0.46 24.70 -48.13
N ALA D 467 -1.39 24.66 -49.08
CA ALA D 467 -1.26 25.50 -50.28
C ALA D 467 -2.61 25.75 -50.93
N ASN D 468 -2.68 26.85 -51.66
CA ASN D 468 -3.84 27.15 -52.52
C ASN D 468 -3.33 27.63 -53.88
N ILE D 469 -4.08 27.33 -54.92
CA ILE D 469 -3.72 27.72 -56.28
C ILE D 469 -4.38 29.07 -56.59
N GLU D 470 -3.57 30.08 -56.90
CA GLU D 470 -4.05 31.46 -57.10
C GLU D 470 -4.20 31.85 -58.58
N SER D 471 -3.62 31.06 -59.48
CA SER D 471 -3.78 31.25 -60.92
C SER D 471 -4.85 30.30 -61.46
N ASP D 472 -5.19 30.44 -62.73
CA ASP D 472 -6.22 29.58 -63.35
C ASP D 472 -5.82 28.10 -63.26
N GLU D 473 -4.55 27.85 -63.50
CA GLU D 473 -3.98 26.52 -63.38
C GLU D 473 -2.55 26.66 -62.86
N CYS D 474 -2.10 25.69 -62.07
CA CYS D 474 -0.72 25.65 -61.59
C CYS D 474 -0.14 24.27 -61.85
N VAL D 475 0.98 24.24 -62.56
CA VAL D 475 1.71 22.99 -62.82
C VAL D 475 2.92 23.02 -61.89
N TYR D 476 3.05 22.01 -61.05
CA TYR D 476 4.16 21.98 -60.10
C TYR D 476 4.62 20.57 -59.81
N GLU D 477 5.78 20.48 -59.16
CA GLU D 477 6.43 19.23 -58.85
C GLU D 477 6.77 19.15 -57.38
N ILE D 478 6.58 17.98 -56.79
CA ILE D 478 7.01 17.70 -55.44
C ILE D 478 8.08 16.61 -55.50
N HIS D 479 9.31 16.97 -55.12
CA HIS D 479 10.43 16.03 -55.05
C HIS D 479 10.63 15.58 -53.61
N SER D 480 10.55 14.27 -53.36
CA SER D 480 10.75 13.74 -52.02
C SER D 480 12.24 13.50 -51.77
N VAL D 481 12.92 14.52 -51.27
CA VAL D 481 14.39 14.51 -51.15
C VAL D 481 14.90 13.86 -49.88
N GLY D 482 14.02 13.64 -48.89
CA GLY D 482 14.42 13.00 -47.63
C GLY D 482 15.09 13.97 -46.69
N ASP D 483 16.31 14.35 -47.03
CA ASP D 483 17.08 15.36 -46.32
C ASP D 483 17.60 16.37 -47.36
N TYR D 484 17.06 17.59 -47.33
CA TYR D 484 17.38 18.60 -48.34
C TYR D 484 18.87 19.00 -48.33
N ARG D 485 19.52 18.82 -47.19
CA ARG D 485 20.94 19.16 -47.02
C ARG D 485 21.84 18.27 -47.87
N LYS D 486 21.38 17.05 -48.17
CA LYS D 486 22.10 16.17 -49.10
C LYS D 486 22.11 16.66 -50.56
N CYS D 487 21.24 17.61 -50.90
CA CYS D 487 21.19 18.19 -52.25
C CYS D 487 22.05 19.43 -52.41
N LEU D 488 22.65 19.92 -51.33
CA LEU D 488 23.43 21.15 -51.37
C LEU D 488 24.88 20.90 -51.76
FE FE E . -0.02 -33.29 40.28
FE FE F . 5.00 1.45 33.24
C1 GOL G . 12.98 -25.37 14.50
O1 GOL G . 13.66 -26.33 15.33
C2 GOL G . 12.81 -25.86 13.05
O2 GOL G . 13.59 -27.04 12.75
C3 GOL G . 13.21 -24.77 12.06
O3 GOL G . 12.81 -23.46 12.53
C1 GOL H . -21.30 -41.97 45.46
O1 GOL H . -21.53 -43.36 45.73
C2 GOL H . -21.50 -41.73 43.97
O2 GOL H . -21.75 -40.34 43.72
C3 GOL H . -20.24 -42.21 43.24
O3 GOL H . -20.59 -42.75 41.97
S SO4 I . 14.63 -15.28 52.50
O1 SO4 I . 14.49 -14.17 53.49
O2 SO4 I . 13.30 -15.90 52.31
O3 SO4 I . 15.16 -14.73 51.22
O4 SO4 I . 15.59 -16.30 52.99
C1 IPA J . -9.45 -3.77 5.32
C2 IPA J . -9.97 -4.80 6.32
C3 IPA J . -11.33 -4.38 6.89
O2 IPA J . -10.08 -6.08 5.68
FE FE K . 43.99 -10.76 -2.23
FE FE L . 27.30 9.72 22.32
C1 GOL M . 31.91 -23.98 22.15
O1 GOL M . 31.83 -24.16 20.74
C2 GOL M . 32.75 -25.04 22.87
O2 GOL M . 32.51 -26.37 22.36
C3 GOL M . 32.49 -25.01 24.37
O3 GOL M . 31.92 -23.74 24.77
S SO4 N . 22.28 4.12 -4.09
O1 SO4 N . 21.66 3.67 -2.81
O2 SO4 N . 21.68 3.33 -5.21
O3 SO4 N . 22.02 5.55 -4.27
O4 SO4 N . 23.75 3.90 -4.06
FE FE O . -39.34 -16.35 -13.73
FE FE P . -30.50 17.45 -5.80
C1 GOL Q . -28.49 2.64 -37.29
O1 GOL Q . -28.28 3.58 -36.23
C2 GOL Q . -28.49 1.23 -36.73
O2 GOL Q . -28.18 0.32 -37.81
C3 GOL Q . -27.49 1.09 -35.59
O3 GOL Q . -27.65 -0.08 -34.78
S SO4 R . -21.28 -6.71 2.62
O1 SO4 R . -22.66 -7.16 2.25
O2 SO4 R . -21.36 -6.12 3.98
O3 SO4 R . -20.77 -5.71 1.63
O4 SO4 R . -20.34 -7.87 2.61
C1 IPA S . -42.41 36.76 -24.09
C2 IPA S . -43.88 36.70 -23.68
C3 IPA S . -44.74 37.19 -24.85
O2 IPA S . -44.26 35.38 -23.26
FE FE T . 2.74 19.20 -48.36
FE FE U . -8.60 28.08 -15.49
C1 GOL V . -8.27 -2.40 -30.70
O1 GOL V . -8.93 -1.96 -31.90
C2 GOL V . -8.57 -3.88 -30.43
O2 GOL V . -8.15 -4.71 -31.51
C3 GOL V . -7.87 -4.31 -29.15
O3 GOL V . -8.25 -3.37 -28.12
S SO4 W . -16.81 35.05 -40.65
O1 SO4 W . -17.64 34.86 -41.87
O2 SO4 W . -17.32 34.13 -39.58
O3 SO4 W . -15.38 34.78 -40.96
O4 SO4 W . -16.94 36.45 -40.17
S SO4 X . -23.60 -21.21 -17.63
O1 SO4 X . -24.60 -20.54 -18.46
O2 SO4 X . -23.82 -22.68 -17.69
O3 SO4 X . -22.25 -20.85 -18.12
O4 SO4 X . -23.72 -20.73 -16.22
#